data_2I4L
#
_entry.id   2I4L
#
_cell.length_a   110.840
_cell.length_b   212.560
_cell.length_c   150.560
_cell.angle_alpha   90.00
_cell.angle_beta   90.00
_cell.angle_gamma   90.00
#
_symmetry.space_group_name_H-M   'C 2 2 21'
#
loop_
_entity.id
_entity.type
_entity.pdbx_description
1 polymer 'Proline-tRNA ligase'
2 water water
#
_entity_poly.entity_id   1
_entity_poly.type   'polypeptide(L)'
_entity_poly.pdbx_seq_one_letter_code
;MGSSHHHHHHSSGLVPRGSHMRLSRFFLPILKENPKEAEIVSHRLMLRAGMLRQEAAGIYAWLPLGHRVLKKIEQIVREE
QNRAGAIELLMPTLQLADLWRESGRYDAYGPEMLRIADRHKRELLYGPTNEEMITEIFRAYIKSYKSLPLNLYHIQWKFR
DEQRPRFGVMRGREFLMKDAYSFDVDEAGARKSYNKMFVAYLRTFARMGLKAIPMRAETGPIGGDLSHEFIVLAETGESG
VYIDRDVLNLPVPDENVDYDGDLTPIIKQWTSVYAATEDVHEPARYESEVPEANRLNTRGIEVGQIFYFGTKYSDSMKAN
VTGPDGTDAPIHGGSYGVGVSRLLGAIIEACHDDNGIIWPEAVAPFRVTILNLKQGDAATDAACDQLYRELSAKGVDVLY
DDTDQRAGAKFATADLIGIPWQIHVGPRGLAEGKVELKRRSDGARENLALADVVARLT
;
_entity_poly.pdbx_strand_id   A,B,C
#
# COMPACT_ATOMS: atom_id res chain seq x y z
N GLY A 18 27.16 1.02 -18.27
CA GLY A 18 27.16 -0.36 -18.84
C GLY A 18 27.17 -1.46 -17.77
N SER A 19 26.13 -2.31 -17.77
CA SER A 19 26.01 -3.35 -16.75
C SER A 19 27.20 -4.31 -16.73
N HIS A 20 27.62 -4.75 -15.56
CA HIS A 20 28.80 -5.58 -15.51
C HIS A 20 28.69 -6.59 -14.39
N MET A 21 29.06 -7.84 -14.69
CA MET A 21 28.99 -8.86 -13.68
C MET A 21 30.14 -9.86 -13.78
N ARG A 22 30.64 -10.29 -12.62
CA ARG A 22 31.59 -11.40 -12.53
C ARG A 22 30.75 -12.61 -12.24
N LEU A 23 30.90 -13.66 -13.05
CA LEU A 23 30.12 -14.88 -12.87
C LEU A 23 30.15 -15.40 -11.42
N SER A 24 31.29 -15.20 -10.76
CA SER A 24 31.47 -15.66 -9.36
C SER A 24 30.59 -14.88 -8.38
N ARG A 25 30.24 -13.64 -8.73
CA ARG A 25 29.38 -12.80 -7.89
C ARG A 25 27.95 -12.72 -8.45
N PHE A 26 27.57 -13.70 -9.27
CA PHE A 26 26.27 -13.75 -9.92
C PHE A 26 25.50 -14.99 -9.40
N PHE A 27 24.28 -15.18 -9.86
CA PHE A 27 23.52 -16.38 -9.54
C PHE A 27 23.00 -16.95 -10.84
N LEU A 28 23.65 -18.01 -11.34
CA LEU A 28 23.33 -18.57 -12.68
C LEU A 28 23.41 -20.09 -12.59
N PRO A 29 22.33 -20.76 -12.14
CA PRO A 29 22.43 -22.21 -11.95
C PRO A 29 22.20 -23.00 -13.24
N ILE A 30 23.27 -23.38 -13.91
CA ILE A 30 23.18 -24.16 -15.16
C ILE A 30 22.79 -25.60 -14.83
N LEU A 31 21.84 -26.16 -15.58
CA LEU A 31 21.50 -27.58 -15.49
C LEU A 31 22.28 -28.39 -16.54
N LYS A 32 23.01 -29.40 -16.08
CA LYS A 32 23.82 -30.27 -16.96
C LYS A 32 22.96 -31.06 -17.94
N GLU A 33 21.77 -31.45 -17.46
CA GLU A 33 20.90 -32.39 -18.17
C GLU A 33 19.59 -31.72 -18.64
N ASN A 34 19.03 -32.23 -19.74
CA ASN A 34 17.73 -31.75 -20.21
C ASN A 34 16.62 -32.10 -19.21
N PRO A 35 15.86 -31.07 -18.74
CA PRO A 35 14.75 -31.32 -17.81
C PRO A 35 13.60 -32.08 -18.48
N LYS A 36 13.23 -33.22 -17.89
CA LYS A 36 12.21 -34.12 -18.45
C LYS A 36 10.83 -33.47 -18.56
N GLU A 37 10.58 -32.48 -17.72
CA GLU A 37 9.31 -31.78 -17.73
C GLU A 37 9.17 -30.78 -18.90
N ALA A 38 10.28 -30.49 -19.59
CA ALA A 38 10.22 -29.56 -20.72
C ALA A 38 9.98 -30.35 -21.99
N GLU A 39 8.96 -29.92 -22.74
CA GLU A 39 8.54 -30.61 -23.97
C GLU A 39 9.06 -29.94 -25.23
N ILE A 40 9.39 -28.66 -25.13
CA ILE A 40 9.82 -27.88 -26.28
C ILE A 40 11.19 -27.24 -25.97
N VAL A 41 11.89 -26.78 -27.01
CA VAL A 41 13.26 -26.29 -26.89
C VAL A 41 13.42 -25.00 -26.05
N SER A 42 12.52 -24.04 -26.20
CA SER A 42 12.63 -22.79 -25.43
C SER A 42 12.49 -23.05 -23.94
N HIS A 43 11.55 -23.93 -23.58
CA HIS A 43 11.31 -24.28 -22.17
C HIS A 43 12.54 -25.02 -21.64
N ARG A 44 13.06 -25.95 -22.42
CA ARG A 44 14.23 -26.73 -22.06
C ARG A 44 15.44 -25.83 -21.81
N LEU A 45 15.70 -24.92 -22.75
CA LEU A 45 16.84 -24.01 -22.70
C LEU A 45 16.68 -22.93 -21.61
N MET A 46 15.47 -22.42 -21.38
CA MET A 46 15.28 -21.43 -20.27
C MET A 46 15.63 -22.03 -18.90
N LEU A 47 15.23 -23.28 -18.70
CA LEU A 47 15.60 -24.05 -17.50
C LEU A 47 17.08 -24.42 -17.45
N ARG A 48 17.61 -24.99 -18.54
CA ARG A 48 19.04 -25.32 -18.60
C ARG A 48 19.97 -24.14 -18.41
N ALA A 49 19.63 -22.99 -19.02
CA ALA A 49 20.47 -21.81 -18.98
C ALA A 49 20.31 -20.94 -17.71
N GLY A 50 19.65 -21.47 -16.67
CA GLY A 50 19.54 -20.74 -15.39
C GLY A 50 18.73 -19.45 -15.49
N MET A 51 17.68 -19.46 -16.30
CA MET A 51 16.84 -18.28 -16.51
C MET A 51 15.47 -18.32 -15.82
N LEU A 52 15.04 -19.51 -15.44
CA LEU A 52 13.65 -19.74 -15.09
C LEU A 52 13.54 -20.84 -14.02
N ARG A 53 12.58 -20.68 -13.13
CA ARG A 53 12.20 -21.71 -12.17
C ARG A 53 10.68 -21.75 -12.00
N GLN A 54 10.09 -22.93 -12.12
CA GLN A 54 8.68 -23.10 -11.86
C GLN A 54 8.37 -23.06 -10.36
N GLU A 55 7.37 -22.27 -10.00
CA GLU A 55 6.90 -22.16 -8.61
C GLU A 55 5.57 -22.83 -8.38
N ALA A 56 4.69 -22.78 -9.39
CA ALA A 56 3.45 -23.56 -9.44
C ALA A 56 3.16 -23.78 -10.92
N ALA A 57 2.11 -24.55 -11.27
CA ALA A 57 1.87 -24.80 -12.71
C ALA A 57 1.62 -23.44 -13.38
N GLY A 58 2.34 -23.13 -14.45
CA GLY A 58 2.15 -21.87 -15.16
C GLY A 58 2.61 -20.60 -14.43
N ILE A 59 3.32 -20.77 -13.31
CA ILE A 59 3.76 -19.62 -12.49
C ILE A 59 5.26 -19.75 -12.17
N TYR A 60 6.04 -18.76 -12.59
CA TYR A 60 7.50 -18.85 -12.63
C TYR A 60 8.20 -17.72 -11.88
N ALA A 61 9.34 -18.05 -11.29
CA ALA A 61 10.33 -17.05 -10.87
C ALA A 61 11.27 -16.86 -12.07
N TRP A 62 11.69 -15.63 -12.27
CA TRP A 62 12.63 -15.26 -13.32
C TRP A 62 13.99 -15.10 -12.65
N LEU A 63 14.88 -16.05 -12.89
CA LEU A 63 16.21 -16.03 -12.29
C LEU A 63 17.02 -14.88 -12.93
N PRO A 64 18.13 -14.48 -12.32
CA PRO A 64 18.80 -13.24 -12.78
C PRO A 64 18.99 -13.08 -14.28
N LEU A 65 19.50 -14.12 -14.98
CA LEU A 65 19.72 -14.02 -16.42
C LEU A 65 18.42 -13.80 -17.20
N GLY A 66 17.38 -14.53 -16.78
CA GLY A 66 16.04 -14.44 -17.35
C GLY A 66 15.38 -13.08 -17.16
N HIS A 67 15.48 -12.55 -15.94
CA HIS A 67 14.96 -11.24 -15.66
C HIS A 67 15.63 -10.11 -16.51
N ARG A 68 16.95 -10.20 -16.70
CA ARG A 68 17.66 -9.25 -17.58
C ARG A 68 17.11 -9.20 -19.01
N VAL A 69 16.81 -10.37 -19.56
CA VAL A 69 16.21 -10.43 -20.88
C VAL A 69 14.80 -9.84 -20.84
N LEU A 70 14.01 -10.24 -19.85
CA LEU A 70 12.64 -9.73 -19.65
C LEU A 70 12.63 -8.19 -19.64
N LYS A 71 13.56 -7.60 -18.89
CA LYS A 71 13.70 -6.15 -18.83
C LYS A 71 14.13 -5.54 -20.17
N LYS A 72 15.02 -6.21 -20.91
CA LYS A 72 15.43 -5.66 -22.23
C LYS A 72 14.22 -5.61 -23.16
N ILE A 73 13.45 -6.70 -23.18
CA ILE A 73 12.23 -6.75 -23.99
C ILE A 73 11.25 -5.65 -23.62
N GLU A 74 10.98 -5.50 -22.32
CA GLU A 74 10.06 -4.49 -21.83
C GLU A 74 10.41 -3.08 -22.33
N GLN A 75 11.70 -2.75 -22.24
CA GLN A 75 12.15 -1.43 -22.64
C GLN A 75 12.00 -1.16 -24.14
N ILE A 76 12.26 -2.16 -24.98
CA ILE A 76 12.02 -2.02 -26.41
C ILE A 76 10.53 -1.72 -26.68
N VAL A 77 9.65 -2.44 -25.98
CA VAL A 77 8.22 -2.28 -26.14
C VAL A 77 7.82 -0.86 -25.72
N ARG A 78 8.30 -0.41 -24.58
CA ARG A 78 7.96 0.91 -24.04
C ARG A 78 8.44 2.00 -25.03
N GLU A 79 9.67 1.87 -25.51
CA GLU A 79 10.24 2.81 -26.49
C GLU A 79 9.39 3.01 -27.73
N GLU A 80 8.91 1.90 -28.32
CA GLU A 80 8.07 1.99 -29.52
C GLU A 80 6.66 2.52 -29.25
N GLN A 81 6.08 2.18 -28.09
CA GLN A 81 4.80 2.71 -27.68
C GLN A 81 4.88 4.22 -27.50
N ASN A 82 5.93 4.69 -26.83
CA ASN A 82 6.19 6.13 -26.66
C ASN A 82 6.43 6.86 -27.98
N ARG A 83 7.18 6.23 -28.88
CA ARG A 83 7.41 6.79 -30.22
C ARG A 83 6.05 7.05 -30.93
N ALA A 84 5.14 6.07 -30.81
CA ALA A 84 3.83 6.14 -31.46
C ALA A 84 2.82 7.03 -30.76
N GLY A 85 3.22 7.64 -29.65
CA GLY A 85 2.40 8.63 -28.97
C GLY A 85 1.55 8.12 -27.82
N ALA A 86 1.72 6.85 -27.45
CA ALA A 86 0.96 6.27 -26.34
C ALA A 86 1.57 6.72 -25.02
N ILE A 87 0.76 6.75 -23.96
CA ILE A 87 1.16 7.37 -22.68
C ILE A 87 1.11 6.30 -21.56
N GLU A 88 2.24 6.09 -20.88
CA GLU A 88 2.32 5.00 -19.93
C GLU A 88 1.74 5.39 -18.58
N LEU A 89 0.99 4.46 -18.00
CA LEU A 89 0.54 4.61 -16.63
C LEU A 89 0.65 3.22 -16.02
N LEU A 90 0.02 2.99 -14.87
CA LEU A 90 -0.03 1.62 -14.31
C LEU A 90 -1.31 1.30 -13.55
N MET A 91 -2.03 0.26 -14.00
CA MET A 91 -3.19 -0.20 -13.29
C MET A 91 -2.82 -1.31 -12.32
N PRO A 92 -3.53 -1.40 -11.19
CA PRO A 92 -3.28 -2.47 -10.22
C PRO A 92 -3.62 -3.87 -10.77
N THR A 93 -2.99 -4.89 -10.17
CA THR A 93 -3.28 -6.29 -10.54
C THR A 93 -4.70 -6.73 -10.12
N LEU A 94 -5.20 -6.19 -9.00
CA LEU A 94 -6.52 -6.59 -8.51
C LEU A 94 -7.60 -5.57 -8.89
N GLN A 95 -8.76 -6.08 -9.28
CA GLN A 95 -9.86 -5.25 -9.76
C GLN A 95 -11.16 -5.68 -9.09
N LEU A 96 -12.12 -4.76 -9.03
CA LEU A 96 -13.43 -5.05 -8.41
C LEU A 96 -14.31 -5.78 -9.40
N ALA A 97 -14.94 -6.87 -8.94
CA ALA A 97 -15.96 -7.57 -9.75
C ALA A 97 -17.04 -6.61 -10.24
N ASP A 98 -17.45 -5.65 -9.41
CA ASP A 98 -18.54 -4.72 -9.74
C ASP A 98 -18.22 -3.87 -10.95
N LEU A 99 -16.93 -3.63 -11.19
CA LEU A 99 -16.51 -2.99 -12.44
C LEU A 99 -16.81 -3.83 -13.69
N TRP A 100 -16.51 -5.12 -13.60
CA TRP A 100 -16.81 -6.10 -14.64
C TRP A 100 -18.30 -6.42 -14.83
N ARG A 101 -19.08 -6.15 -13.78
CA ARG A 101 -20.54 -6.26 -13.88
C ARG A 101 -21.12 -5.11 -14.72
N GLU A 102 -20.52 -3.93 -14.66
CA GLU A 102 -20.91 -2.82 -15.55
C GLU A 102 -20.86 -3.19 -17.01
N SER A 103 -19.84 -3.95 -17.41
CA SER A 103 -19.60 -4.29 -18.82
C SER A 103 -20.29 -5.59 -19.18
N GLY A 104 -20.73 -6.32 -18.16
CA GLY A 104 -21.33 -7.62 -18.34
C GLY A 104 -20.31 -8.70 -18.64
N ARG A 105 -19.02 -8.39 -18.50
CA ARG A 105 -18.03 -9.42 -18.72
C ARG A 105 -17.86 -10.29 -17.48
N TYR A 106 -18.25 -9.80 -16.31
CA TYR A 106 -17.99 -10.56 -15.08
C TYR A 106 -18.45 -12.02 -15.13
N ASP A 107 -19.71 -12.21 -15.54
CA ASP A 107 -20.28 -13.56 -15.54
C ASP A 107 -20.08 -14.33 -16.84
N ALA A 108 -19.69 -13.59 -17.88
CA ALA A 108 -19.48 -14.16 -19.21
C ALA A 108 -17.99 -14.49 -19.55
N TYR A 109 -17.04 -13.93 -18.80
CA TYR A 109 -15.60 -14.19 -19.07
C TYR A 109 -15.17 -15.67 -19.04
N GLY A 110 -15.66 -16.40 -18.04
CA GLY A 110 -15.33 -17.83 -17.87
C GLY A 110 -14.37 -18.10 -16.72
N PRO A 111 -14.03 -19.39 -16.49
CA PRO A 111 -13.21 -19.89 -15.37
C PRO A 111 -11.72 -19.53 -15.41
N GLU A 112 -11.25 -18.91 -16.50
CA GLU A 112 -9.88 -18.40 -16.55
C GLU A 112 -9.73 -17.14 -15.69
N MET A 113 -10.85 -16.51 -15.32
CA MET A 113 -10.85 -15.38 -14.41
C MET A 113 -10.65 -15.90 -12.98
N LEU A 114 -9.61 -15.40 -12.33
CA LEU A 114 -9.28 -15.78 -10.97
C LEU A 114 -10.00 -14.81 -10.03
N ARG A 115 -11.04 -15.32 -9.39
CA ARG A 115 -11.88 -14.55 -8.49
C ARG A 115 -11.36 -14.66 -7.07
N ILE A 116 -11.48 -13.56 -6.35
CA ILE A 116 -10.88 -13.43 -5.03
C ILE A 116 -11.90 -12.72 -4.13
N ALA A 117 -12.03 -13.15 -2.88
CA ALA A 117 -12.79 -12.41 -1.87
C ALA A 117 -11.79 -11.89 -0.81
N ASP A 118 -11.87 -10.60 -0.45
CA ASP A 118 -10.98 -10.09 0.59
C ASP A 118 -11.61 -10.33 1.97
N ARG A 119 -11.01 -9.81 3.03
CA ARG A 119 -11.45 -10.11 4.40
C ARG A 119 -12.78 -9.47 4.78
N HIS A 120 -13.21 -8.51 3.97
CA HIS A 120 -14.51 -7.90 4.12
C HIS A 120 -15.55 -8.51 3.19
N LYS A 121 -15.20 -9.62 2.55
CA LYS A 121 -16.06 -10.34 1.60
C LYS A 121 -16.31 -9.54 0.31
N ARG A 122 -15.51 -8.49 0.07
CA ARG A 122 -15.66 -7.78 -1.20
C ARG A 122 -15.07 -8.62 -2.33
N GLU A 123 -15.71 -8.55 -3.50
CA GLU A 123 -15.37 -9.42 -4.62
C GLU A 123 -14.37 -8.74 -5.53
N LEU A 124 -13.20 -9.37 -5.64
CA LEU A 124 -12.05 -8.89 -6.42
C LEU A 124 -11.72 -9.97 -7.49
N LEU A 125 -10.83 -9.63 -8.39
CA LEU A 125 -10.29 -10.61 -9.34
C LEU A 125 -8.88 -10.18 -9.69
N TYR A 126 -8.03 -11.16 -10.02
CA TYR A 126 -6.75 -10.83 -10.60
C TYR A 126 -6.96 -10.46 -12.08
N GLY A 127 -6.65 -9.22 -12.47
CA GLY A 127 -7.01 -8.78 -13.83
C GLY A 127 -6.41 -9.65 -14.92
N PRO A 128 -7.25 -10.25 -15.82
CA PRO A 128 -6.70 -10.90 -17.02
C PRO A 128 -6.48 -9.91 -18.17
N THR A 129 -7.05 -8.71 -18.05
CA THR A 129 -6.97 -7.65 -19.07
C THR A 129 -7.63 -6.43 -18.42
N ASN A 130 -7.66 -5.29 -19.11
CA ASN A 130 -7.96 -4.01 -18.45
C ASN A 130 -8.91 -3.04 -19.19
N GLU A 131 -9.76 -3.57 -20.08
CA GLU A 131 -10.70 -2.71 -20.86
C GLU A 131 -11.67 -1.89 -19.98
N GLU A 132 -12.37 -2.55 -19.07
CA GLU A 132 -13.26 -1.87 -18.12
C GLU A 132 -12.55 -0.84 -17.29
N MET A 133 -11.41 -1.25 -16.73
CA MET A 133 -10.70 -0.37 -15.82
C MET A 133 -10.14 0.89 -16.47
N ILE A 134 -9.52 0.75 -17.65
CA ILE A 134 -9.02 1.92 -18.38
C ILE A 134 -10.21 2.82 -18.82
N THR A 135 -11.34 2.19 -19.16
CA THR A 135 -12.54 2.97 -19.48
C THR A 135 -13.07 3.75 -18.25
N GLU A 136 -13.03 3.13 -17.07
CA GLU A 136 -13.40 3.76 -15.81
C GLU A 136 -12.50 4.99 -15.50
N ILE A 137 -11.21 4.84 -15.78
CA ILE A 137 -10.24 5.91 -15.58
C ILE A 137 -10.53 7.06 -16.56
N PHE A 138 -10.66 6.73 -17.84
CA PHE A 138 -10.94 7.71 -18.88
C PHE A 138 -12.19 8.54 -18.60
N ARG A 139 -13.26 7.89 -18.15
CA ARG A 139 -14.57 8.52 -18.06
C ARG A 139 -14.63 9.43 -16.82
N ALA A 140 -13.70 9.23 -15.90
CA ALA A 140 -13.52 10.15 -14.74
C ALA A 140 -13.00 11.52 -15.11
N TYR A 141 -12.24 11.61 -16.21
CA TYR A 141 -11.45 12.81 -16.47
C TYR A 141 -11.66 13.44 -17.83
N ILE A 142 -12.12 12.66 -18.81
CA ILE A 142 -12.13 13.16 -20.21
C ILE A 142 -13.57 13.38 -20.71
N LYS A 143 -13.87 14.58 -21.18
CA LYS A 143 -15.26 14.88 -21.56
C LYS A 143 -15.40 15.63 -22.89
N SER A 144 -14.27 15.96 -23.50
CA SER A 144 -14.28 16.69 -24.76
C SER A 144 -13.47 15.97 -25.82
N TYR A 145 -14.00 15.98 -27.04
CA TYR A 145 -13.34 15.45 -28.23
C TYR A 145 -11.96 16.08 -28.42
N LYS A 146 -11.71 17.22 -27.79
CA LYS A 146 -10.41 17.92 -27.88
C LYS A 146 -9.24 17.22 -27.18
N SER A 147 -9.55 16.24 -26.34
CA SER A 147 -8.54 15.40 -25.66
C SER A 147 -8.11 14.17 -26.49
N LEU A 148 -8.78 13.95 -27.62
CA LEU A 148 -8.60 12.72 -28.41
C LEU A 148 -7.90 13.00 -29.73
N PRO A 149 -7.15 12.03 -30.29
CA PRO A 149 -6.88 10.66 -29.84
C PRO A 149 -6.09 10.59 -28.54
N LEU A 150 -6.43 9.60 -27.71
CA LEU A 150 -5.68 9.30 -26.50
C LEU A 150 -5.42 7.79 -26.46
N ASN A 151 -4.16 7.42 -26.28
CA ASN A 151 -3.78 6.02 -26.10
C ASN A 151 -3.02 5.88 -24.78
N LEU A 152 -3.64 5.15 -23.84
CA LEU A 152 -3.02 4.88 -22.54
C LEU A 152 -2.64 3.43 -22.42
N TYR A 153 -1.45 3.16 -21.89
CA TYR A 153 -0.98 1.78 -21.79
C TYR A 153 -0.28 1.49 -20.48
N HIS A 154 -0.22 0.23 -20.13
CA HIS A 154 0.72 -0.19 -19.09
C HIS A 154 1.41 -1.52 -19.41
N ILE A 155 2.42 -1.84 -18.62
CA ILE A 155 3.09 -3.12 -18.67
C ILE A 155 2.89 -3.73 -17.30
N GLN A 156 2.04 -4.76 -17.22
CA GLN A 156 1.63 -5.25 -15.90
C GLN A 156 1.37 -6.75 -15.91
N TRP A 157 1.53 -7.37 -14.75
CA TRP A 157 1.29 -8.79 -14.60
C TRP A 157 -0.20 -9.09 -14.64
N LYS A 158 -0.54 -10.19 -15.30
CA LYS A 158 -1.90 -10.61 -15.46
C LYS A 158 -2.01 -12.06 -15.04
N PHE A 159 -3.23 -12.55 -14.86
CA PHE A 159 -3.46 -13.92 -14.56
C PHE A 159 -4.60 -14.43 -15.41
N ARG A 160 -4.36 -15.54 -16.08
CA ARG A 160 -5.46 -16.30 -16.69
C ARG A 160 -5.27 -17.70 -16.20
N ASP A 161 -6.32 -18.25 -15.61
CA ASP A 161 -6.29 -19.58 -15.00
C ASP A 161 -6.50 -20.60 -16.11
N GLU A 162 -5.55 -20.63 -17.04
CA GLU A 162 -5.41 -21.63 -18.10
C GLU A 162 -5.68 -23.03 -17.55
N GLN A 163 -6.61 -23.75 -18.17
CA GLN A 163 -6.96 -25.08 -17.69
C GLN A 163 -5.75 -26.00 -17.53
N ARG A 164 -4.93 -26.11 -18.56
CA ARG A 164 -3.71 -26.93 -18.50
C ARG A 164 -2.44 -26.13 -18.87
N PRO A 165 -1.83 -25.46 -17.86
CA PRO A 165 -0.56 -24.78 -18.13
C PRO A 165 0.45 -25.69 -18.85
N ARG A 166 1.11 -25.16 -19.88
CA ARG A 166 2.02 -25.94 -20.70
C ARG A 166 3.03 -25.03 -21.37
N PHE A 167 4.12 -25.64 -21.84
CA PHE A 167 5.09 -24.95 -22.70
C PHE A 167 5.84 -23.81 -21.99
N GLY A 168 5.98 -23.90 -20.67
CA GLY A 168 6.77 -22.92 -19.92
C GLY A 168 6.14 -21.56 -20.10
N VAL A 169 6.95 -20.56 -20.42
CA VAL A 169 6.49 -19.17 -20.45
C VAL A 169 5.44 -18.88 -21.53
N MET A 170 5.24 -19.84 -22.43
CA MET A 170 4.34 -19.65 -23.59
C MET A 170 2.88 -20.05 -23.41
N ARG A 171 2.59 -20.90 -22.45
CA ARG A 171 1.19 -21.14 -22.11
C ARG A 171 0.99 -21.30 -20.59
N GLY A 172 1.36 -20.26 -19.85
CA GLY A 172 1.27 -20.31 -18.40
C GLY A 172 0.08 -19.55 -17.89
N ARG A 173 0.14 -19.18 -16.60
CA ARG A 173 -0.99 -18.53 -15.95
C ARG A 173 -0.67 -17.09 -15.51
N GLU A 174 0.49 -16.88 -14.90
CA GLU A 174 0.92 -15.52 -14.54
C GLU A 174 1.89 -15.06 -15.60
N PHE A 175 1.49 -14.02 -16.34
CA PHE A 175 2.24 -13.54 -17.51
C PHE A 175 2.27 -12.03 -17.54
N LEU A 176 3.30 -11.49 -18.20
CA LEU A 176 3.48 -10.07 -18.25
C LEU A 176 3.04 -9.63 -19.65
N MET A 177 2.23 -8.59 -19.70
CA MET A 177 1.77 -8.04 -20.96
C MET A 177 1.90 -6.50 -20.98
N LYS A 178 2.27 -5.94 -22.13
CA LYS A 178 2.02 -4.52 -22.37
C LYS A 178 0.64 -4.47 -23.01
N ASP A 179 -0.30 -3.81 -22.36
CA ASP A 179 -1.64 -3.66 -22.94
C ASP A 179 -1.96 -2.20 -23.05
N ALA A 180 -2.26 -1.78 -24.28
CA ALA A 180 -2.52 -0.39 -24.62
C ALA A 180 -3.97 -0.22 -25.04
N TYR A 181 -4.54 0.94 -24.78
CA TYR A 181 -5.95 1.16 -25.09
C TYR A 181 -6.14 2.54 -25.70
N SER A 182 -6.71 2.60 -26.90
CA SER A 182 -6.99 3.86 -27.58
C SER A 182 -8.44 4.37 -27.44
N PHE A 183 -8.58 5.70 -27.44
CA PHE A 183 -9.86 6.41 -27.27
C PHE A 183 -9.97 7.45 -28.35
N ASP A 184 -11.07 7.40 -29.09
CA ASP A 184 -11.32 8.27 -30.24
C ASP A 184 -12.80 8.65 -30.34
N VAL A 185 -13.09 9.73 -31.06
CA VAL A 185 -14.47 10.23 -31.20
C VAL A 185 -15.33 9.28 -32.03
N ASP A 186 -14.74 8.62 -33.01
CA ASP A 186 -15.49 7.84 -33.99
C ASP A 186 -14.65 6.71 -34.62
N GLU A 187 -15.24 5.96 -35.54
CA GLU A 187 -14.49 4.86 -36.17
C GLU A 187 -13.28 5.36 -36.98
N ALA A 188 -13.45 6.45 -37.71
CA ALA A 188 -12.36 7.02 -38.50
C ALA A 188 -11.12 7.28 -37.66
N GLY A 189 -11.27 7.97 -36.53
CA GLY A 189 -10.15 8.24 -35.62
C GLY A 189 -9.57 6.96 -35.04
N ALA A 190 -10.44 6.03 -34.68
CA ALA A 190 -10.02 4.73 -34.16
C ALA A 190 -9.13 3.97 -35.15
N ARG A 191 -9.47 4.02 -36.44
CA ARG A 191 -8.63 3.40 -37.47
C ARG A 191 -7.24 4.03 -37.52
N LYS A 192 -7.18 5.35 -37.36
CA LYS A 192 -5.88 6.06 -37.28
C LYS A 192 -5.09 5.64 -36.04
N SER A 193 -5.77 5.57 -34.89
CA SER A 193 -5.11 5.03 -33.69
C SER A 193 -4.62 3.60 -33.87
N TYR A 194 -5.43 2.76 -34.50
CA TYR A 194 -5.07 1.37 -34.84
C TYR A 194 -3.85 1.28 -35.74
N ASN A 195 -3.83 2.12 -36.78
CA ASN A 195 -2.68 2.18 -37.69
C ASN A 195 -1.36 2.54 -37.00
N LYS A 196 -1.38 3.54 -36.12
CA LYS A 196 -0.23 3.85 -35.26
C LYS A 196 0.36 2.64 -34.54
N MET A 197 -0.51 1.84 -33.91
CA MET A 197 -0.10 0.60 -33.22
C MET A 197 0.37 -0.49 -34.16
N PHE A 198 -0.29 -0.61 -35.32
CA PHE A 198 0.16 -1.52 -36.38
C PHE A 198 1.64 -1.23 -36.71
N VAL A 199 1.94 0.03 -37.01
CA VAL A 199 3.34 0.44 -37.28
C VAL A 199 4.30 0.21 -36.10
N ALA A 200 3.90 0.64 -34.89
CA ALA A 200 4.69 0.40 -33.68
C ALA A 200 5.07 -1.08 -33.47
N TYR A 201 4.14 -1.99 -33.75
CA TYR A 201 4.38 -3.43 -33.58
C TYR A 201 5.35 -4.04 -34.58
N LEU A 202 5.26 -3.62 -35.84
CA LEU A 202 6.25 -4.00 -36.85
C LEU A 202 7.64 -3.68 -36.32
N ARG A 203 7.79 -2.47 -35.78
CA ARG A 203 9.08 -1.98 -35.32
C ARG A 203 9.57 -2.68 -34.06
N THR A 204 8.63 -2.94 -33.15
CA THR A 204 8.86 -3.62 -31.87
C THR A 204 9.48 -5.01 -32.08
N PHE A 205 8.84 -5.82 -32.91
CA PHE A 205 9.28 -7.19 -33.14
C PHE A 205 10.55 -7.26 -34.00
N ALA A 206 10.64 -6.38 -35.00
CA ALA A 206 11.86 -6.26 -35.80
C ALA A 206 13.09 -5.93 -34.92
N ARG A 207 12.92 -5.04 -33.96
CA ARG A 207 13.99 -4.67 -33.03
C ARG A 207 14.44 -5.82 -32.11
N MET A 208 13.60 -6.84 -31.98
CA MET A 208 13.91 -8.05 -31.22
C MET A 208 14.50 -9.18 -32.06
N GLY A 209 14.78 -8.92 -33.34
CA GLY A 209 15.29 -9.97 -34.23
C GLY A 209 14.25 -10.96 -34.71
N LEU A 210 12.98 -10.55 -34.73
CA LEU A 210 11.88 -11.42 -35.15
C LEU A 210 11.20 -10.94 -36.41
N LYS A 211 10.71 -11.89 -37.21
CA LYS A 211 9.74 -11.56 -38.24
C LYS A 211 8.37 -12.01 -37.74
N ALA A 212 7.72 -11.11 -37.01
CA ALA A 212 6.38 -11.34 -36.48
C ALA A 212 5.40 -10.79 -37.51
N ILE A 213 4.70 -11.67 -38.21
CA ILE A 213 3.91 -11.25 -39.38
C ILE A 213 2.51 -10.81 -38.97
N PRO A 214 2.07 -9.60 -39.39
CA PRO A 214 0.67 -9.26 -39.16
C PRO A 214 -0.24 -10.10 -40.06
N MET A 215 -1.15 -10.81 -39.41
CA MET A 215 -2.10 -11.69 -40.05
C MET A 215 -3.51 -11.32 -39.62
N ARG A 216 -4.42 -11.26 -40.59
CA ARG A 216 -5.84 -11.00 -40.30
C ARG A 216 -6.33 -12.03 -39.30
N ALA A 217 -7.11 -11.58 -38.32
CA ALA A 217 -7.49 -12.45 -37.20
C ALA A 217 -8.98 -12.37 -36.83
N GLU A 218 -9.41 -13.27 -35.96
CA GLU A 218 -10.77 -13.36 -35.42
C GLU A 218 -11.28 -11.95 -35.08
N THR A 219 -12.40 -11.53 -35.69
CA THR A 219 -13.05 -10.25 -35.35
C THR A 219 -14.15 -10.49 -34.30
N GLY A 220 -14.72 -9.40 -33.79
CA GLY A 220 -15.90 -9.51 -32.90
C GLY A 220 -17.20 -9.60 -33.70
N PRO A 221 -18.36 -9.49 -33.02
CA PRO A 221 -19.69 -9.46 -33.69
C PRO A 221 -19.86 -8.38 -34.77
N ILE A 222 -19.15 -7.25 -34.67
CA ILE A 222 -19.17 -6.22 -35.73
C ILE A 222 -18.80 -6.85 -37.06
N GLY A 223 -17.60 -7.43 -37.10
CA GLY A 223 -16.95 -7.82 -38.34
C GLY A 223 -15.95 -6.73 -38.65
N GLY A 224 -15.84 -6.39 -39.92
CA GLY A 224 -14.87 -5.39 -40.35
C GLY A 224 -13.48 -6.00 -40.46
N ASP A 225 -12.48 -5.13 -40.57
CA ASP A 225 -11.12 -5.57 -40.92
C ASP A 225 -10.06 -5.12 -39.92
N LEU A 226 -10.48 -4.69 -38.73
CA LEU A 226 -9.56 -4.18 -37.72
C LEU A 226 -9.27 -5.21 -36.62
N SER A 227 -8.73 -6.35 -37.05
CA SER A 227 -8.22 -7.37 -36.14
C SER A 227 -7.03 -8.11 -36.75
N HIS A 228 -5.87 -7.96 -36.11
CA HIS A 228 -4.64 -8.60 -36.58
C HIS A 228 -3.89 -9.25 -35.41
N GLU A 229 -3.26 -10.38 -35.70
CA GLU A 229 -2.33 -11.00 -34.77
C GLU A 229 -0.95 -11.01 -35.42
N PHE A 230 0.05 -10.61 -34.65
CA PHE A 230 1.44 -10.61 -35.09
C PHE A 230 2.03 -11.93 -34.64
N ILE A 231 2.36 -12.78 -35.61
CA ILE A 231 2.73 -14.18 -35.35
C ILE A 231 4.11 -14.47 -35.95
N VAL A 232 4.98 -15.05 -35.14
CA VAL A 232 6.29 -15.53 -35.54
C VAL A 232 6.11 -16.98 -36.00
N LEU A 233 6.51 -17.30 -37.23
CA LEU A 233 6.40 -18.68 -37.72
C LEU A 233 7.22 -19.71 -36.90
N ALA A 234 6.53 -20.71 -36.35
CA ALA A 234 7.16 -21.78 -35.54
C ALA A 234 6.33 -23.09 -35.46
N GLU A 235 7.01 -24.22 -35.66
CA GLU A 235 6.36 -25.54 -35.74
C GLU A 235 5.91 -26.14 -34.39
N THR A 236 6.52 -25.72 -33.27
CA THR A 236 5.95 -26.01 -31.94
C THR A 236 4.84 -25.01 -31.54
N GLY A 237 4.48 -24.13 -32.47
CA GLY A 237 3.54 -23.02 -32.24
C GLY A 237 2.09 -23.47 -32.19
N GLU A 238 1.28 -22.71 -31.45
CA GLU A 238 -0.11 -23.11 -31.14
C GLU A 238 -1.16 -22.53 -32.11
N SER A 239 -0.72 -21.65 -33.01
CA SER A 239 -1.58 -21.00 -34.00
C SER A 239 -1.37 -21.54 -35.42
N GLY A 240 -2.43 -22.09 -36.03
CA GLY A 240 -2.37 -22.45 -37.45
C GLY A 240 -2.51 -21.21 -38.31
N VAL A 241 -1.70 -21.10 -39.36
CA VAL A 241 -1.66 -19.91 -40.22
C VAL A 241 -1.48 -20.28 -41.71
N TYR A 242 -1.82 -19.35 -42.60
CA TYR A 242 -1.81 -19.54 -44.06
C TYR A 242 -1.38 -18.22 -44.72
N ILE A 243 -0.22 -18.20 -45.39
CA ILE A 243 0.33 -16.94 -45.93
C ILE A 243 0.91 -16.95 -47.37
N ASP A 244 1.06 -15.75 -47.93
CA ASP A 244 1.76 -15.49 -49.18
C ASP A 244 3.19 -15.06 -48.83
N ARG A 245 4.18 -15.77 -49.37
CA ARG A 245 5.59 -15.59 -48.95
C ARG A 245 6.20 -14.19 -49.20
N ASP A 246 5.56 -13.36 -50.03
CA ASP A 246 6.04 -11.97 -50.26
C ASP A 246 5.98 -11.13 -48.98
N VAL A 247 5.10 -11.54 -48.06
CA VAL A 247 4.93 -10.88 -46.77
C VAL A 247 6.20 -10.91 -45.90
N LEU A 248 7.00 -11.98 -45.99
CA LEU A 248 8.25 -12.13 -45.23
C LEU A 248 9.39 -11.21 -45.71
N ASN A 249 9.22 -10.62 -46.89
CA ASN A 249 10.23 -9.75 -47.51
C ASN A 249 10.00 -8.25 -47.33
N LEU A 250 8.81 -7.89 -46.83
CA LEU A 250 8.38 -6.49 -46.74
C LEU A 250 9.25 -5.68 -45.76
N PRO A 251 9.46 -4.37 -46.05
CA PRO A 251 10.32 -3.49 -45.25
C PRO A 251 9.66 -2.84 -44.02
N VAL A 252 10.38 -2.88 -42.91
CA VAL A 252 9.91 -2.31 -41.65
C VAL A 252 10.23 -0.81 -41.60
N PRO A 253 9.22 0.03 -41.27
CA PRO A 253 9.45 1.47 -41.13
C PRO A 253 10.59 1.81 -40.15
N ASP A 254 11.35 2.85 -40.43
CA ASP A 254 12.48 3.27 -39.55
C ASP A 254 11.98 4.17 -38.42
N GLU A 255 12.91 4.64 -37.58
CA GLU A 255 12.54 5.41 -36.38
C GLU A 255 12.02 6.83 -36.62
N ASN A 256 12.12 7.30 -37.86
CA ASN A 256 11.67 8.65 -38.21
C ASN A 256 10.27 8.69 -38.85
N VAL A 257 9.52 7.60 -38.69
CA VAL A 257 8.14 7.49 -39.18
C VAL A 257 7.27 8.59 -38.57
N ASP A 258 6.48 9.21 -39.43
CA ASP A 258 5.70 10.37 -39.02
C ASP A 258 4.35 9.90 -38.50
N TYR A 259 4.28 9.74 -37.18
CA TYR A 259 3.10 9.11 -36.58
C TYR A 259 1.86 10.01 -36.63
N ASP A 260 2.07 11.31 -36.86
CA ASP A 260 0.96 12.27 -37.00
C ASP A 260 0.47 12.37 -38.44
N GLY A 261 1.14 11.65 -39.34
CA GLY A 261 0.83 11.70 -40.77
C GLY A 261 -0.10 10.58 -41.17
N ASP A 262 -0.20 10.35 -42.49
CA ASP A 262 -0.99 9.24 -43.01
C ASP A 262 -0.14 7.97 -43.04
N LEU A 263 -0.61 6.96 -42.30
CA LEU A 263 0.08 5.68 -42.20
C LEU A 263 -0.47 4.60 -43.13
N THR A 264 -1.61 4.87 -43.76
CA THR A 264 -2.26 3.92 -44.68
C THR A 264 -1.34 3.21 -45.70
N PRO A 265 -0.38 3.93 -46.35
CA PRO A 265 0.52 3.27 -47.33
C PRO A 265 1.34 2.13 -46.73
N ILE A 266 1.77 2.29 -45.48
CA ILE A 266 2.52 1.24 -44.77
C ILE A 266 1.62 0.04 -44.50
N ILE A 267 0.39 0.33 -44.06
CA ILE A 267 -0.58 -0.71 -43.74
C ILE A 267 -0.98 -1.44 -45.03
N LYS A 268 -1.24 -0.67 -46.09
CA LYS A 268 -1.60 -1.25 -47.39
C LYS A 268 -0.50 -2.22 -47.84
N GLN A 269 0.75 -1.76 -47.86
CA GLN A 269 1.87 -2.63 -48.13
C GLN A 269 1.79 -3.96 -47.35
N TRP A 270 1.70 -3.90 -46.01
CA TRP A 270 1.71 -5.11 -45.18
C TRP A 270 0.47 -6.00 -45.24
N THR A 271 -0.60 -5.48 -45.84
CA THR A 271 -1.87 -6.21 -46.01
C THR A 271 -2.24 -6.48 -47.47
N SER A 272 -1.51 -5.87 -48.41
CA SER A 272 -1.76 -6.03 -49.85
C SER A 272 -1.62 -7.50 -50.24
N VAL A 273 -0.76 -8.23 -49.53
CA VAL A 273 -0.56 -9.66 -49.76
C VAL A 273 -1.21 -10.46 -48.65
N TYR A 274 -1.80 -11.58 -49.03
CA TYR A 274 -2.60 -12.40 -48.13
C TYR A 274 -1.81 -12.83 -46.89
N ALA A 275 -2.44 -12.70 -45.72
CA ALA A 275 -1.98 -13.36 -44.49
C ALA A 275 -3.17 -13.45 -43.52
N ALA A 276 -3.57 -14.69 -43.15
CA ALA A 276 -4.69 -14.93 -42.21
C ALA A 276 -4.43 -16.10 -41.25
N THR A 277 -4.93 -15.99 -40.00
CA THR A 277 -4.96 -17.14 -39.05
C THR A 277 -6.09 -18.15 -39.40
N GLU A 278 -6.12 -19.28 -38.70
CA GLU A 278 -7.07 -20.36 -38.96
C GLU A 278 -8.55 -20.02 -38.66
N ASP A 279 -8.76 -18.87 -38.02
CA ASP A 279 -10.10 -18.39 -37.63
C ASP A 279 -10.82 -17.68 -38.73
N VAL A 280 -10.07 -16.97 -39.55
CA VAL A 280 -10.64 -16.14 -40.60
C VAL A 280 -10.12 -16.61 -41.94
N HIS A 281 -9.38 -17.73 -41.94
CA HIS A 281 -8.84 -18.29 -43.18
C HIS A 281 -9.95 -18.89 -44.02
N GLU A 282 -9.99 -18.46 -45.28
CA GLU A 282 -10.93 -19.01 -46.24
C GLU A 282 -10.22 -19.55 -47.49
N PRO A 283 -10.10 -20.89 -47.57
CA PRO A 283 -9.37 -21.65 -48.61
C PRO A 283 -9.57 -21.16 -50.05
N ALA A 284 -10.73 -20.59 -50.36
CA ALA A 284 -11.06 -20.16 -51.73
C ALA A 284 -10.49 -18.79 -52.11
N ARG A 285 -10.19 -17.99 -51.10
CA ARG A 285 -9.66 -16.64 -51.29
C ARG A 285 -8.14 -16.68 -51.48
N TYR A 286 -7.52 -17.56 -50.71
CA TYR A 286 -6.11 -17.90 -50.75
C TYR A 286 -5.64 -18.15 -52.20
N GLU A 287 -6.54 -18.69 -53.00
CA GLU A 287 -6.26 -19.08 -54.38
C GLU A 287 -6.52 -17.97 -55.42
N SER A 288 -7.59 -17.21 -55.24
CA SER A 288 -7.91 -16.10 -56.14
C SER A 288 -6.93 -14.90 -56.04
N GLU A 289 -6.09 -14.89 -55.01
CA GLU A 289 -5.13 -13.81 -54.75
C GLU A 289 -3.66 -14.24 -54.84
N VAL A 290 -3.33 -15.38 -54.24
CA VAL A 290 -1.94 -15.85 -54.12
C VAL A 290 -1.55 -16.88 -55.22
N PRO A 291 -0.34 -16.72 -55.83
CA PRO A 291 0.21 -17.76 -56.72
C PRO A 291 0.59 -19.01 -55.93
N GLU A 292 0.40 -20.18 -56.53
CA GLU A 292 0.67 -21.48 -55.87
C GLU A 292 2.08 -21.62 -55.28
N ALA A 293 3.07 -21.02 -55.94
CA ALA A 293 4.47 -21.05 -55.53
C ALA A 293 4.79 -20.11 -54.36
N ASN A 294 3.91 -19.14 -54.13
CA ASN A 294 4.03 -18.19 -53.02
C ASN A 294 3.31 -18.67 -51.76
N ARG A 295 2.36 -19.60 -51.92
CA ARG A 295 1.52 -20.09 -50.81
C ARG A 295 2.28 -20.94 -49.80
N LEU A 296 2.00 -20.69 -48.51
CA LEU A 296 2.59 -21.46 -47.40
C LEU A 296 1.60 -21.61 -46.26
N ASN A 297 1.49 -22.85 -45.77
CA ASN A 297 0.59 -23.21 -44.67
C ASN A 297 1.39 -23.84 -43.52
N THR A 298 1.48 -23.13 -42.40
CA THR A 298 2.30 -23.57 -41.25
C THR A 298 1.70 -23.18 -39.89
N ARG A 299 2.55 -23.08 -38.87
CA ARG A 299 2.13 -22.77 -37.50
C ARG A 299 3.00 -21.69 -36.86
N GLY A 300 2.48 -21.02 -35.84
CA GLY A 300 3.19 -19.90 -35.23
C GLY A 300 2.84 -19.55 -33.81
N ILE A 301 3.60 -18.61 -33.28
CA ILE A 301 3.42 -18.10 -31.93
C ILE A 301 2.90 -16.67 -32.00
N GLU A 302 1.75 -16.43 -31.37
CA GLU A 302 1.19 -15.10 -31.33
C GLU A 302 1.88 -14.27 -30.29
N VAL A 303 2.54 -13.20 -30.75
CA VAL A 303 3.25 -12.32 -29.81
C VAL A 303 2.65 -10.92 -29.68
N GLY A 304 1.77 -10.56 -30.62
CA GLY A 304 1.07 -9.27 -30.54
C GLY A 304 -0.33 -9.43 -31.09
N GLN A 305 -1.25 -8.60 -30.62
CA GLN A 305 -2.68 -8.66 -30.95
C GLN A 305 -3.19 -7.22 -30.97
N ILE A 306 -3.71 -6.76 -32.10
CA ILE A 306 -4.37 -5.45 -32.17
C ILE A 306 -5.85 -5.64 -32.54
N PHE A 307 -6.75 -4.89 -31.89
CA PHE A 307 -8.20 -5.17 -31.94
C PHE A 307 -9.05 -3.93 -31.72
N TYR A 308 -9.84 -3.58 -32.73
CA TYR A 308 -10.83 -2.51 -32.59
C TYR A 308 -12.10 -3.10 -31.96
N PHE A 309 -12.57 -2.47 -30.89
CA PHE A 309 -13.81 -2.90 -30.23
C PHE A 309 -14.92 -1.84 -30.20
N GLY A 310 -14.66 -0.66 -30.74
CA GLY A 310 -15.70 0.36 -30.90
C GLY A 310 -16.27 0.82 -29.57
N THR A 311 -17.60 0.86 -29.50
CA THR A 311 -18.32 1.33 -28.30
C THR A 311 -18.68 0.23 -27.29
N LYS A 312 -17.98 -0.90 -27.37
CA LYS A 312 -18.28 -2.09 -26.56
C LYS A 312 -18.36 -1.76 -25.08
N TYR A 313 -17.35 -1.01 -24.61
CA TYR A 313 -17.23 -0.62 -23.19
C TYR A 313 -17.82 0.75 -22.94
N SER A 314 -17.65 1.66 -23.87
CA SER A 314 -18.16 3.02 -23.70
C SER A 314 -19.70 3.10 -23.66
N ASP A 315 -20.39 2.20 -24.36
CA ASP A 315 -21.86 2.09 -24.24
C ASP A 315 -22.30 1.64 -22.85
N SER A 316 -21.86 0.44 -22.44
CA SER A 316 -22.27 -0.10 -21.14
C SER A 316 -21.75 0.75 -19.97
N MET A 317 -20.58 1.38 -20.13
CA MET A 317 -19.97 2.11 -19.02
C MET A 317 -20.17 3.61 -19.12
N LYS A 318 -20.88 4.04 -20.17
CA LYS A 318 -21.26 5.44 -20.34
C LYS A 318 -20.03 6.35 -20.37
N ALA A 319 -19.14 6.06 -21.31
CA ALA A 319 -17.92 6.84 -21.49
C ALA A 319 -18.09 7.67 -22.74
N ASN A 320 -18.68 8.84 -22.54
CA ASN A 320 -19.05 9.74 -23.62
C ASN A 320 -18.19 10.98 -23.61
N VAL A 321 -18.02 11.58 -24.78
CA VAL A 321 -17.42 12.92 -24.90
C VAL A 321 -18.27 13.76 -25.87
N THR A 322 -18.25 15.07 -25.69
CA THR A 322 -18.97 15.97 -26.57
C THR A 322 -18.17 16.05 -27.89
N GLY A 323 -18.87 15.87 -29.02
CA GLY A 323 -18.27 15.91 -30.35
C GLY A 323 -18.09 17.32 -30.89
N PRO A 324 -17.37 17.48 -32.03
CA PRO A 324 -17.17 18.78 -32.71
C PRO A 324 -18.48 19.53 -33.00
N ASP A 325 -19.62 18.87 -32.75
CA ASP A 325 -20.95 19.40 -33.07
C ASP A 325 -21.82 19.63 -31.82
N GLY A 326 -21.24 19.37 -30.64
CA GLY A 326 -21.89 19.69 -29.36
C GLY A 326 -22.76 18.61 -28.77
N THR A 327 -22.89 17.50 -29.49
CA THR A 327 -23.61 16.32 -28.97
C THR A 327 -22.64 15.31 -28.33
N ASP A 328 -23.07 14.75 -27.19
CA ASP A 328 -22.35 13.65 -26.56
C ASP A 328 -22.57 12.36 -27.37
N ALA A 329 -21.50 11.58 -27.51
CA ALA A 329 -21.55 10.25 -28.12
C ALA A 329 -20.50 9.32 -27.45
N PRO A 330 -20.77 7.99 -27.39
CA PRO A 330 -19.80 7.09 -26.74
C PRO A 330 -18.51 7.04 -27.56
N ILE A 331 -17.37 6.97 -26.88
CA ILE A 331 -16.09 6.91 -27.59
C ILE A 331 -15.94 5.55 -28.29
N HIS A 332 -15.01 5.51 -29.26
CA HIS A 332 -14.59 4.29 -29.94
C HIS A 332 -13.18 3.90 -29.48
N GLY A 333 -13.03 2.65 -29.03
CA GLY A 333 -11.75 2.16 -28.51
C GLY A 333 -11.15 0.98 -29.29
N GLY A 334 -9.87 0.73 -29.02
CA GLY A 334 -9.16 -0.43 -29.51
C GLY A 334 -8.22 -0.92 -28.41
N SER A 335 -7.77 -2.15 -28.49
CA SER A 335 -6.76 -2.68 -27.53
C SER A 335 -5.62 -3.32 -28.27
N TYR A 336 -4.42 -3.20 -27.67
CA TYR A 336 -3.18 -3.57 -28.30
C TYR A 336 -2.37 -4.29 -27.22
N GLY A 337 -2.13 -5.58 -27.41
CA GLY A 337 -1.35 -6.36 -26.44
C GLY A 337 -0.07 -6.97 -27.00
N VAL A 338 1.00 -6.87 -26.22
CA VAL A 338 2.24 -7.57 -26.56
C VAL A 338 2.52 -8.45 -25.34
N GLY A 339 2.75 -9.73 -25.56
CA GLY A 339 3.06 -10.65 -24.49
C GLY A 339 4.56 -10.64 -24.25
N VAL A 340 4.98 -9.83 -23.29
CA VAL A 340 6.40 -9.61 -22.96
C VAL A 340 7.13 -10.85 -22.41
N SER A 341 6.49 -11.56 -21.47
CA SER A 341 7.11 -12.78 -20.92
C SER A 341 7.08 -13.95 -21.92
N ARG A 342 5.98 -14.07 -22.65
CA ARG A 342 5.86 -15.03 -23.75
C ARG A 342 6.94 -14.83 -24.83
N LEU A 343 7.34 -13.57 -25.07
CA LEU A 343 8.39 -13.27 -26.05
C LEU A 343 9.73 -13.95 -25.75
N LEU A 344 10.07 -14.12 -24.47
CA LEU A 344 11.30 -14.85 -24.18
C LEU A 344 11.29 -16.24 -24.82
N GLY A 345 10.17 -16.93 -24.74
CA GLY A 345 10.02 -18.27 -25.33
C GLY A 345 10.04 -18.26 -26.86
N ALA A 346 9.28 -17.34 -27.45
CA ALA A 346 9.15 -17.15 -28.89
C ALA A 346 10.49 -16.81 -29.52
N ILE A 347 11.22 -15.88 -28.89
CA ILE A 347 12.59 -15.53 -29.33
C ILE A 347 13.54 -16.74 -29.32
N ILE A 348 13.58 -17.48 -28.22
CA ILE A 348 14.42 -18.70 -28.19
C ILE A 348 13.96 -19.71 -29.28
N GLU A 349 12.65 -19.94 -29.42
CA GLU A 349 12.17 -20.83 -30.49
C GLU A 349 12.77 -20.44 -31.85
N ALA A 350 12.83 -19.13 -32.11
CA ALA A 350 13.27 -18.60 -33.41
C ALA A 350 14.79 -18.44 -33.53
N CYS A 351 15.49 -18.50 -32.39
CA CYS A 351 16.91 -18.14 -32.28
C CYS A 351 17.66 -19.07 -31.32
N HIS A 352 18.03 -20.25 -31.82
CA HIS A 352 18.85 -21.20 -31.10
C HIS A 352 19.54 -22.14 -32.10
N ASP A 353 20.48 -22.92 -31.60
CA ASP A 353 21.05 -24.02 -32.38
C ASP A 353 21.26 -25.17 -31.42
N ASP A 354 21.98 -26.20 -31.83
CA ASP A 354 22.21 -27.36 -30.96
C ASP A 354 23.11 -27.08 -29.75
N ASN A 355 23.84 -25.96 -29.75
CA ASN A 355 24.68 -25.60 -28.59
C ASN A 355 23.99 -24.67 -27.56
N GLY A 356 22.77 -24.21 -27.88
CA GLY A 356 21.95 -23.37 -27.00
C GLY A 356 21.29 -22.18 -27.66
N ILE A 357 21.06 -21.14 -26.87
CA ILE A 357 20.37 -19.92 -27.29
C ILE A 357 21.28 -19.04 -28.14
N ILE A 358 20.70 -18.28 -29.06
CA ILE A 358 21.43 -17.24 -29.79
C ILE A 358 20.63 -15.93 -29.67
N TRP A 359 20.97 -15.12 -28.66
CA TRP A 359 20.24 -13.90 -28.39
C TRP A 359 20.47 -12.86 -29.47
N PRO A 360 19.38 -12.31 -30.02
CA PRO A 360 19.53 -11.08 -30.78
C PRO A 360 20.14 -10.05 -29.84
N GLU A 361 21.06 -9.25 -30.37
CA GLU A 361 21.77 -8.29 -29.52
C GLU A 361 20.92 -7.37 -28.66
N ALA A 362 19.82 -6.87 -29.22
CA ALA A 362 18.96 -5.92 -28.52
C ALA A 362 18.27 -6.53 -27.27
N VAL A 363 18.13 -7.85 -27.21
CA VAL A 363 17.46 -8.50 -26.06
C VAL A 363 18.39 -9.35 -25.15
N ALA A 364 19.65 -9.52 -25.55
CA ALA A 364 20.62 -10.34 -24.79
C ALA A 364 20.84 -9.80 -23.37
N PRO A 365 21.04 -10.70 -22.37
CA PRO A 365 21.22 -10.28 -20.96
C PRO A 365 22.55 -9.51 -20.78
N PHE A 366 23.56 -9.91 -21.56
CA PHE A 366 24.85 -9.23 -21.65
C PHE A 366 25.23 -9.26 -23.13
N ARG A 367 25.97 -8.26 -23.59
CA ARG A 367 26.44 -8.20 -24.97
C ARG A 367 27.70 -9.04 -25.17
N VAL A 368 28.60 -9.04 -24.19
CA VAL A 368 29.86 -9.76 -24.33
C VAL A 368 30.16 -10.57 -23.06
N THR A 369 30.71 -11.77 -23.21
CA THR A 369 31.22 -12.51 -22.07
C THR A 369 32.74 -12.76 -22.21
N ILE A 370 33.48 -12.44 -21.16
CA ILE A 370 34.92 -12.65 -21.16
C ILE A 370 35.17 -14.01 -20.53
N LEU A 371 35.85 -14.88 -21.27
CA LEU A 371 36.14 -16.24 -20.81
C LEU A 371 37.62 -16.40 -20.52
N ASN A 372 37.93 -16.55 -19.25
CA ASN A 372 39.31 -16.69 -18.81
C ASN A 372 39.70 -18.15 -18.84
N LEU A 373 40.59 -18.48 -19.78
CA LEU A 373 40.91 -19.88 -20.08
C LEU A 373 42.00 -20.46 -19.17
N LYS A 374 42.51 -19.66 -18.24
CA LYS A 374 43.39 -20.17 -17.21
C LYS A 374 43.23 -19.41 -15.92
N GLN A 375 42.13 -19.70 -15.21
CA GLN A 375 41.78 -18.97 -14.00
C GLN A 375 42.86 -19.07 -12.92
N GLY A 376 43.33 -17.93 -12.43
CA GLY A 376 44.39 -17.90 -11.41
C GLY A 376 45.79 -17.55 -11.89
N ASP A 377 46.05 -17.69 -13.19
CA ASP A 377 47.31 -17.21 -13.81
C ASP A 377 47.33 -15.70 -13.80
N ALA A 378 48.45 -15.09 -13.39
CA ALA A 378 48.45 -13.64 -13.11
C ALA A 378 48.19 -12.79 -14.34
N ALA A 379 48.79 -13.20 -15.47
CA ALA A 379 48.68 -12.46 -16.72
C ALA A 379 47.29 -12.54 -17.37
N THR A 380 46.69 -13.74 -17.43
CA THR A 380 45.32 -13.85 -17.98
C THR A 380 44.29 -13.12 -17.08
N ASP A 381 44.42 -13.30 -15.76
CA ASP A 381 43.61 -12.55 -14.78
C ASP A 381 43.67 -11.04 -14.98
N ALA A 382 44.89 -10.49 -15.05
CA ALA A 382 45.06 -9.04 -15.29
C ALA A 382 44.47 -8.55 -16.60
N ALA A 383 44.60 -9.36 -17.67
CA ALA A 383 44.09 -9.01 -18.98
C ALA A 383 42.57 -8.95 -18.96
N CYS A 384 41.97 -9.98 -18.36
CA CYS A 384 40.49 -10.06 -18.23
C CYS A 384 39.96 -8.94 -17.36
N ASP A 385 40.65 -8.68 -16.24
CA ASP A 385 40.27 -7.57 -15.36
C ASP A 385 40.24 -6.22 -16.08
N GLN A 386 41.24 -5.99 -16.93
CA GLN A 386 41.33 -4.77 -17.73
C GLN A 386 40.26 -4.65 -18.81
N LEU A 387 40.03 -5.74 -19.53
CA LEU A 387 38.96 -5.80 -20.52
C LEU A 387 37.59 -5.54 -19.88
N TYR A 388 37.32 -6.22 -18.78
CA TYR A 388 36.06 -6.12 -18.05
C TYR A 388 35.80 -4.67 -17.61
N ARG A 389 36.81 -4.05 -16.98
CA ARG A 389 36.77 -2.63 -16.59
C ARG A 389 36.58 -1.69 -17.80
N GLU A 390 37.40 -1.87 -18.84
CA GLU A 390 37.29 -1.03 -20.06
C GLU A 390 35.99 -1.17 -20.82
N LEU A 391 35.50 -2.41 -20.98
CA LEU A 391 34.19 -2.62 -21.60
C LEU A 391 33.05 -1.94 -20.81
N SER A 392 33.03 -2.11 -19.49
CA SER A 392 31.97 -1.44 -18.70
C SER A 392 32.10 0.08 -18.77
N ALA A 393 33.28 0.62 -18.50
CA ALA A 393 33.51 2.07 -18.71
C ALA A 393 32.88 2.64 -20.01
N LYS A 394 32.87 1.85 -21.07
CA LYS A 394 32.40 2.30 -22.37
C LYS A 394 30.94 1.91 -22.71
N GLY A 395 30.19 1.57 -21.66
CA GLY A 395 28.73 1.34 -21.75
C GLY A 395 28.27 -0.08 -22.13
N VAL A 396 29.21 -1.03 -22.24
CA VAL A 396 28.94 -2.38 -22.74
C VAL A 396 28.48 -3.31 -21.62
N ASP A 397 27.38 -4.03 -21.85
CA ASP A 397 26.91 -5.04 -20.90
C ASP A 397 27.87 -6.21 -20.93
N VAL A 398 28.65 -6.37 -19.88
CA VAL A 398 29.75 -7.32 -19.87
C VAL A 398 29.70 -8.32 -18.72
N LEU A 399 29.72 -9.60 -19.08
CA LEU A 399 29.80 -10.70 -18.13
C LEU A 399 31.23 -11.20 -18.13
N TYR A 400 31.82 -11.35 -16.95
CA TYR A 400 33.14 -11.93 -16.87
C TYR A 400 33.05 -13.30 -16.26
N ASP A 401 33.27 -14.34 -17.08
CA ASP A 401 33.37 -15.69 -16.54
C ASP A 401 34.73 -15.98 -15.90
N ASP A 402 34.77 -15.72 -14.59
CA ASP A 402 35.99 -15.78 -13.77
C ASP A 402 35.96 -16.99 -12.84
N THR A 403 35.17 -18.00 -13.20
CA THR A 403 35.02 -19.20 -12.38
C THR A 403 36.23 -20.13 -12.52
N ASP A 404 36.43 -20.97 -11.52
CA ASP A 404 37.46 -22.00 -11.58
C ASP A 404 37.00 -23.22 -12.38
N GLN A 405 36.92 -23.03 -13.69
CA GLN A 405 36.47 -24.06 -14.64
C GLN A 405 37.43 -24.11 -15.82
N ARG A 406 37.55 -25.29 -16.43
CA ARG A 406 38.35 -25.50 -17.64
C ARG A 406 37.75 -24.79 -18.85
N ALA A 407 38.56 -24.56 -19.88
CA ALA A 407 38.13 -23.81 -21.06
C ALA A 407 36.85 -24.38 -21.69
N GLY A 408 36.80 -25.71 -21.85
CA GLY A 408 35.68 -26.40 -22.51
C GLY A 408 34.37 -26.31 -21.74
N ALA A 409 34.48 -26.35 -20.42
CA ALA A 409 33.36 -26.04 -19.53
C ALA A 409 32.80 -24.62 -19.79
N LYS A 410 33.70 -23.64 -19.79
CA LYS A 410 33.39 -22.25 -20.10
C LYS A 410 32.75 -21.98 -21.46
N PHE A 411 33.25 -22.63 -22.52
CA PHE A 411 32.64 -22.48 -23.87
C PHE A 411 31.19 -22.97 -23.92
N ALA A 412 30.93 -24.09 -23.28
CA ALA A 412 29.60 -24.71 -23.33
C ALA A 412 28.55 -23.85 -22.62
N THR A 413 28.91 -23.29 -21.45
CA THR A 413 28.00 -22.40 -20.71
C THR A 413 27.79 -21.12 -21.49
N ALA A 414 28.87 -20.55 -22.03
CA ALA A 414 28.79 -19.30 -22.82
C ALA A 414 27.92 -19.47 -24.06
N ASP A 415 28.07 -20.61 -24.75
CA ASP A 415 27.24 -20.96 -25.91
C ASP A 415 25.77 -21.15 -25.51
N LEU A 416 25.54 -21.88 -24.42
CA LEU A 416 24.18 -22.18 -23.96
C LEU A 416 23.36 -20.93 -23.67
N ILE A 417 23.96 -19.99 -22.93
CA ILE A 417 23.22 -18.82 -22.44
C ILE A 417 23.03 -17.74 -23.53
N GLY A 418 23.72 -17.92 -24.67
CA GLY A 418 23.43 -17.19 -25.88
C GLY A 418 24.00 -15.79 -26.02
N ILE A 419 25.03 -15.46 -25.23
CA ILE A 419 25.68 -14.14 -25.28
C ILE A 419 26.24 -13.95 -26.72
N PRO A 420 25.90 -12.80 -27.35
CA PRO A 420 26.29 -12.45 -28.73
C PRO A 420 27.81 -12.55 -29.06
N TRP A 421 28.66 -12.11 -28.14
CA TRP A 421 30.11 -12.11 -28.34
C TRP A 421 30.78 -12.81 -27.17
N GLN A 422 31.88 -13.49 -27.46
CA GLN A 422 32.74 -14.07 -26.45
C GLN A 422 34.16 -13.57 -26.70
N ILE A 423 34.86 -13.26 -25.62
CA ILE A 423 36.28 -12.94 -25.70
C ILE A 423 37.03 -14.04 -24.97
N HIS A 424 37.86 -14.77 -25.72
CA HIS A 424 38.65 -15.88 -25.18
C HIS A 424 40.06 -15.41 -24.81
N VAL A 425 40.40 -15.50 -23.52
CA VAL A 425 41.68 -15.06 -22.98
C VAL A 425 42.45 -16.22 -22.34
N GLY A 426 43.62 -16.54 -22.91
CA GLY A 426 44.48 -17.60 -22.38
C GLY A 426 45.96 -17.27 -22.48
N PRO A 427 46.80 -18.03 -21.75
CA PRO A 427 48.27 -17.82 -21.78
C PRO A 427 48.85 -17.91 -23.19
N ARG A 428 48.42 -18.91 -23.95
CA ARG A 428 48.80 -19.07 -25.35
C ARG A 428 48.61 -17.79 -26.18
N GLY A 429 47.37 -17.27 -26.24
CA GLY A 429 47.09 -16.06 -27.03
C GLY A 429 47.79 -14.80 -26.54
N LEU A 430 47.95 -14.66 -25.21
CA LEU A 430 48.55 -13.46 -24.59
C LEU A 430 50.05 -13.33 -24.77
N ALA A 431 50.73 -14.47 -24.86
CA ALA A 431 52.17 -14.51 -25.20
C ALA A 431 52.47 -13.70 -26.47
N GLU A 432 51.48 -13.62 -27.36
CA GLU A 432 51.55 -12.88 -28.62
C GLU A 432 50.75 -11.58 -28.58
N GLY A 433 50.31 -11.17 -27.38
CA GLY A 433 49.53 -9.96 -27.18
C GLY A 433 48.11 -10.00 -27.74
N LYS A 434 47.60 -11.21 -27.97
CA LYS A 434 46.33 -11.41 -28.67
C LYS A 434 45.24 -12.04 -27.79
N VAL A 435 43.98 -11.76 -28.13
CA VAL A 435 42.83 -12.54 -27.63
C VAL A 435 41.90 -12.93 -28.77
N GLU A 436 41.07 -13.95 -28.54
CA GLU A 436 40.15 -14.36 -29.58
C GLU A 436 38.73 -13.83 -29.36
N LEU A 437 38.19 -13.16 -30.38
CA LEU A 437 36.80 -12.70 -30.37
C LEU A 437 35.90 -13.60 -31.24
N LYS A 438 34.85 -14.15 -30.62
CA LYS A 438 33.90 -15.04 -31.28
C LYS A 438 32.46 -14.50 -31.31
N ARG A 439 31.85 -14.52 -32.49
CA ARG A 439 30.45 -14.15 -32.68
C ARG A 439 29.56 -15.39 -32.61
N ARG A 440 28.59 -15.36 -31.70
CA ARG A 440 27.76 -16.52 -31.43
C ARG A 440 26.81 -16.87 -32.58
N SER A 441 26.32 -15.85 -33.30
CA SER A 441 25.28 -16.10 -34.32
C SER A 441 25.76 -17.00 -35.45
N ASP A 442 27.03 -16.87 -35.84
CA ASP A 442 27.57 -17.61 -37.00
C ASP A 442 28.91 -18.29 -36.75
N GLY A 443 29.42 -18.16 -35.53
CA GLY A 443 30.72 -18.73 -35.19
C GLY A 443 31.92 -18.03 -35.82
N ALA A 444 31.73 -16.82 -36.34
CA ALA A 444 32.86 -16.01 -36.78
C ALA A 444 33.84 -15.88 -35.62
N ARG A 445 35.12 -15.94 -35.94
CA ARG A 445 36.21 -15.91 -34.96
C ARG A 445 37.32 -15.05 -35.54
N GLU A 446 37.99 -14.31 -34.66
CA GLU A 446 39.02 -13.40 -35.10
C GLU A 446 40.03 -13.29 -33.96
N ASN A 447 41.27 -13.66 -34.25
CA ASN A 447 42.35 -13.58 -33.28
C ASN A 447 42.94 -12.19 -33.39
N LEU A 448 42.65 -11.36 -32.40
CA LEU A 448 42.98 -9.93 -32.39
C LEU A 448 44.05 -9.59 -31.37
N ALA A 449 44.79 -8.51 -31.64
CA ALA A 449 45.56 -7.84 -30.60
C ALA A 449 44.63 -7.43 -29.45
N LEU A 450 45.15 -7.48 -28.23
CA LEU A 450 44.43 -7.14 -26.99
C LEU A 450 44.03 -5.66 -26.92
N ALA A 451 44.90 -4.79 -27.45
CA ALA A 451 44.68 -3.34 -27.39
C ALA A 451 43.67 -2.89 -28.44
N ASP A 452 43.31 -3.79 -29.38
CA ASP A 452 42.34 -3.47 -30.43
C ASP A 452 40.91 -3.92 -30.09
N VAL A 453 40.81 -4.94 -29.25
CA VAL A 453 39.54 -5.68 -29.02
C VAL A 453 38.34 -4.85 -28.52
N VAL A 454 38.58 -3.84 -27.68
CA VAL A 454 37.49 -2.99 -27.14
C VAL A 454 36.89 -2.06 -28.21
N ALA A 455 37.73 -1.47 -29.06
CA ALA A 455 37.26 -0.83 -30.29
C ALA A 455 36.65 -1.97 -31.10
N ARG A 456 35.35 -2.18 -30.92
CA ARG A 456 34.70 -3.48 -31.10
C ARG A 456 34.92 -4.17 -32.44
N GLY B 18 16.91 12.02 -23.07
CA GLY B 18 16.37 13.20 -22.28
C GLY B 18 14.86 13.35 -22.36
N SER B 19 14.13 12.56 -21.55
CA SER B 19 12.66 12.53 -21.51
C SER B 19 11.98 13.88 -21.80
N HIS B 20 10.94 13.89 -22.63
CA HIS B 20 10.28 15.14 -22.99
C HIS B 20 8.79 14.97 -23.27
N MET B 21 8.01 15.99 -22.91
CA MET B 21 6.57 15.91 -23.08
C MET B 21 5.93 17.30 -23.27
N ARG B 22 4.92 17.36 -24.14
CA ARG B 22 4.04 18.53 -24.23
C ARG B 22 2.75 18.22 -23.47
N LEU B 23 2.29 19.13 -22.62
CA LEU B 23 1.09 18.89 -21.81
C LEU B 23 -0.13 18.55 -22.66
N SER B 24 -0.22 19.18 -23.83
CA SER B 24 -1.28 18.87 -24.81
C SER B 24 -1.25 17.41 -25.29
N ARG B 25 -0.07 16.78 -25.24
CA ARG B 25 0.06 15.37 -25.67
C ARG B 25 0.13 14.35 -24.51
N PHE B 26 -0.12 14.82 -23.30
CA PHE B 26 0.03 14.05 -22.08
C PHE B 26 -1.36 13.76 -21.49
N PHE B 27 -1.39 13.08 -20.34
CA PHE B 27 -2.63 12.82 -19.65
C PHE B 27 -2.37 13.21 -18.19
N LEU B 28 -2.94 14.32 -17.74
CA LEU B 28 -2.63 14.90 -16.43
C LEU B 28 -3.87 15.54 -15.84
N PRO B 29 -4.71 14.72 -15.18
CA PRO B 29 -5.99 15.24 -14.71
C PRO B 29 -5.89 16.01 -13.39
N ILE B 30 -5.71 17.33 -13.47
CA ILE B 30 -5.67 18.21 -12.30
C ILE B 30 -7.05 18.40 -11.66
N LEU B 31 -7.10 18.27 -10.33
CA LEU B 31 -8.33 18.52 -9.57
C LEU B 31 -8.27 19.92 -8.97
N LYS B 32 -9.37 20.66 -9.14
CA LYS B 32 -9.52 22.06 -8.71
C LYS B 32 -9.55 22.16 -7.18
N GLU B 33 -10.26 21.23 -6.56
CA GLU B 33 -10.52 21.29 -5.12
C GLU B 33 -9.83 20.14 -4.40
N ASN B 34 -9.59 20.33 -3.10
CA ASN B 34 -9.05 19.25 -2.28
C ASN B 34 -10.09 18.13 -2.15
N PRO B 35 -9.68 16.89 -2.45
CA PRO B 35 -10.62 15.76 -2.33
C PRO B 35 -10.92 15.50 -0.86
N LYS B 36 -12.20 15.41 -0.51
CA LYS B 36 -12.59 15.30 0.90
C LYS B 36 -12.20 13.97 1.51
N GLU B 37 -11.95 12.96 0.67
CA GLU B 37 -11.51 11.66 1.14
C GLU B 37 -10.02 11.61 1.61
N ALA B 38 -9.24 12.64 1.25
CA ALA B 38 -7.83 12.73 1.61
C ALA B 38 -7.69 13.46 2.94
N GLU B 39 -7.10 12.79 3.92
CA GLU B 39 -6.94 13.30 5.28
C GLU B 39 -5.57 13.93 5.53
N ILE B 40 -4.60 13.63 4.67
CA ILE B 40 -3.22 14.09 4.86
C ILE B 40 -2.74 14.73 3.58
N VAL B 41 -1.74 15.57 3.69
CA VAL B 41 -1.19 16.34 2.55
C VAL B 41 -0.71 15.49 1.35
N SER B 42 0.05 14.43 1.58
CA SER B 42 0.57 13.59 0.45
C SER B 42 -0.56 12.97 -0.36
N HIS B 43 -1.60 12.52 0.32
CA HIS B 43 -2.73 11.88 -0.30
C HIS B 43 -3.53 12.91 -1.10
N ARG B 44 -3.80 14.04 -0.46
CA ARG B 44 -4.48 15.16 -1.08
C ARG B 44 -3.77 15.62 -2.35
N LEU B 45 -2.47 15.84 -2.25
CA LEU B 45 -1.68 16.32 -3.40
C LEU B 45 -1.47 15.34 -4.54
N MET B 46 -1.31 14.06 -4.23
CA MET B 46 -1.22 13.03 -5.28
C MET B 46 -2.50 12.92 -6.10
N LEU B 47 -3.65 13.06 -5.44
CA LEU B 47 -4.94 13.13 -6.14
C LEU B 47 -5.04 14.42 -6.93
N ARG B 48 -4.76 15.57 -6.29
CA ARG B 48 -4.87 16.88 -6.95
C ARG B 48 -3.95 17.05 -8.15
N ALA B 49 -2.72 16.56 -8.02
CA ALA B 49 -1.67 16.70 -9.03
C ALA B 49 -1.76 15.64 -10.14
N GLY B 50 -2.86 14.89 -10.20
CA GLY B 50 -3.09 13.90 -11.26
C GLY B 50 -2.12 12.73 -11.30
N MET B 51 -1.68 12.26 -10.13
CA MET B 51 -0.67 11.17 -10.03
C MET B 51 -1.29 9.82 -9.67
N LEU B 52 -2.50 9.85 -9.13
CA LEU B 52 -3.07 8.67 -8.48
C LEU B 52 -4.58 8.64 -8.64
N ARG B 53 -5.11 7.43 -8.77
CA ARG B 53 -6.56 7.18 -8.73
C ARG B 53 -6.86 5.95 -7.87
N GLN B 54 -7.80 6.07 -6.93
CA GLN B 54 -8.24 4.90 -6.18
C GLN B 54 -9.16 3.99 -7.01
N GLU B 55 -8.80 2.70 -7.04
CA GLU B 55 -9.57 1.65 -7.72
C GLU B 55 -10.38 0.74 -6.75
N ALA B 56 -9.86 0.49 -5.55
CA ALA B 56 -10.60 -0.13 -4.43
C ALA B 56 -9.95 0.41 -3.18
N ALA B 57 -10.47 0.11 -1.96
CA ALA B 57 -9.83 0.61 -0.74
C ALA B 57 -8.37 0.09 -0.71
N GLY B 58 -7.41 0.99 -0.55
CA GLY B 58 -5.99 0.64 -0.53
C GLY B 58 -5.40 0.15 -1.85
N ILE B 59 -6.15 0.27 -2.95
CA ILE B 59 -5.66 -0.23 -4.26
C ILE B 59 -5.80 0.87 -5.33
N TYR B 60 -4.66 1.21 -5.94
CA TYR B 60 -4.51 2.42 -6.76
C TYR B 60 -4.00 2.16 -8.18
N ALA B 61 -4.42 3.02 -9.11
CA ALA B 61 -3.79 3.17 -10.41
C ALA B 61 -2.86 4.38 -10.32
N TRP B 62 -1.73 4.28 -11.01
CA TRP B 62 -0.67 5.28 -11.02
C TRP B 62 -0.84 5.95 -12.34
N LEU B 63 -1.33 7.20 -12.28
CA LEU B 63 -1.52 7.98 -13.51
C LEU B 63 -0.12 8.43 -13.99
N PRO B 64 -0.02 8.81 -15.29
CA PRO B 64 1.29 8.99 -15.93
C PRO B 64 2.31 9.78 -15.09
N LEU B 65 1.92 10.90 -14.49
CA LEU B 65 2.88 11.66 -13.67
C LEU B 65 3.38 10.87 -12.46
N GLY B 66 2.46 10.14 -11.83
CA GLY B 66 2.77 9.36 -10.61
C GLY B 66 3.63 8.17 -10.94
N HIS B 67 3.32 7.52 -12.05
CA HIS B 67 4.14 6.40 -12.53
C HIS B 67 5.60 6.79 -12.84
N ARG B 68 5.80 7.96 -13.43
CA ARG B 68 7.14 8.47 -13.69
C ARG B 68 7.99 8.59 -12.42
N VAL B 69 7.40 9.12 -11.36
CA VAL B 69 8.10 9.27 -10.08
C VAL B 69 8.35 7.88 -9.49
N LEU B 70 7.33 7.03 -9.48
CA LEU B 70 7.53 5.64 -9.02
C LEU B 70 8.75 4.95 -9.69
N LYS B 71 8.86 5.07 -11.02
CA LYS B 71 10.00 4.52 -11.74
C LYS B 71 11.35 5.17 -11.40
N LYS B 72 11.36 6.48 -11.18
CA LYS B 72 12.59 7.15 -10.72
C LYS B 72 13.02 6.57 -9.37
N ILE B 73 12.08 6.43 -8.42
CA ILE B 73 12.38 5.83 -7.12
C ILE B 73 12.92 4.42 -7.25
N GLU B 74 12.18 3.57 -7.98
CA GLU B 74 12.62 2.23 -8.27
C GLU B 74 14.08 2.14 -8.75
N GLN B 75 14.47 2.97 -9.72
CA GLN B 75 15.80 2.86 -10.31
C GLN B 75 16.94 3.25 -9.34
N ILE B 76 16.68 4.24 -8.48
CA ILE B 76 17.66 4.63 -7.43
C ILE B 76 17.85 3.43 -6.45
N VAL B 77 16.73 2.83 -6.03
CA VAL B 77 16.76 1.64 -5.18
C VAL B 77 17.57 0.51 -5.85
N ARG B 78 17.29 0.24 -7.14
CA ARG B 78 18.01 -0.80 -7.88
C ARG B 78 19.51 -0.52 -7.91
N GLU B 79 19.87 0.70 -8.30
CA GLU B 79 21.27 1.11 -8.40
C GLU B 79 22.09 0.88 -7.11
N GLU B 80 21.47 1.16 -5.96
CA GLU B 80 22.14 1.01 -4.68
C GLU B 80 22.21 -0.43 -4.19
N GLN B 81 21.20 -1.24 -4.49
CA GLN B 81 21.29 -2.69 -4.26
C GLN B 81 22.43 -3.30 -5.07
N ASN B 82 22.50 -2.94 -6.36
CA ASN B 82 23.51 -3.46 -7.26
C ASN B 82 24.91 -3.04 -6.80
N ARG B 83 25.06 -1.79 -6.36
CA ARG B 83 26.32 -1.27 -5.87
C ARG B 83 26.79 -2.06 -4.67
N ALA B 84 25.85 -2.44 -3.80
CA ALA B 84 26.13 -3.24 -2.62
C ALA B 84 26.32 -4.74 -2.88
N GLY B 85 26.25 -5.17 -4.15
CA GLY B 85 26.54 -6.58 -4.46
C GLY B 85 25.32 -7.50 -4.49
N ALA B 86 24.11 -6.94 -4.33
CA ALA B 86 22.89 -7.76 -4.42
C ALA B 86 22.53 -8.04 -5.88
N ILE B 87 21.81 -9.14 -6.10
CA ILE B 87 21.56 -9.65 -7.46
C ILE B 87 20.05 -9.69 -7.74
N GLU B 88 19.60 -9.00 -8.77
CA GLU B 88 18.17 -8.89 -9.00
C GLU B 88 17.58 -10.11 -9.71
N LEU B 89 16.44 -10.58 -9.22
CA LEU B 89 15.62 -11.56 -9.94
C LEU B 89 14.16 -11.09 -9.86
N LEU B 90 13.22 -11.94 -10.21
CA LEU B 90 11.81 -11.62 -9.97
C LEU B 90 11.00 -12.84 -9.55
N MET B 91 10.37 -12.78 -8.37
CA MET B 91 9.46 -13.83 -7.96
C MET B 91 8.01 -13.50 -8.36
N PRO B 92 7.16 -14.55 -8.58
CA PRO B 92 5.78 -14.28 -8.95
C PRO B 92 4.99 -13.72 -7.78
N THR B 93 3.88 -13.04 -8.09
CA THR B 93 3.01 -12.48 -7.06
C THR B 93 2.22 -13.58 -6.34
N LEU B 94 1.91 -14.65 -7.06
CA LEU B 94 1.14 -15.78 -6.46
C LEU B 94 2.04 -16.90 -6.00
N GLN B 95 1.77 -17.35 -4.78
CA GLN B 95 2.58 -18.38 -4.10
C GLN B 95 1.65 -19.49 -3.60
N LEU B 96 2.22 -20.68 -3.43
CA LEU B 96 1.49 -21.84 -2.93
C LEU B 96 1.40 -21.83 -1.42
N ALA B 97 0.20 -22.11 -0.91
CA ALA B 97 0.00 -22.27 0.53
C ALA B 97 0.92 -23.34 1.11
N ASP B 98 1.19 -24.40 0.34
CA ASP B 98 2.06 -25.49 0.83
C ASP B 98 3.48 -25.03 1.12
N LEU B 99 3.95 -24.00 0.41
CA LEU B 99 5.22 -23.36 0.73
C LEU B 99 5.20 -22.71 2.12
N TRP B 100 4.13 -22.00 2.41
CA TRP B 100 3.94 -21.36 3.72
C TRP B 100 3.66 -22.35 4.86
N ARG B 101 3.20 -23.55 4.53
CA ARG B 101 3.09 -24.61 5.53
C ARG B 101 4.45 -25.20 5.96
N GLU B 102 5.43 -25.18 5.05
CA GLU B 102 6.82 -25.58 5.40
C GLU B 102 7.39 -24.78 6.56
N SER B 103 7.28 -23.45 6.50
CA SER B 103 7.81 -22.56 7.51
C SER B 103 6.90 -22.43 8.72
N GLY B 104 5.65 -22.83 8.56
CA GLY B 104 4.64 -22.69 9.61
C GLY B 104 3.90 -21.36 9.60
N ARG B 105 4.24 -20.49 8.67
CA ARG B 105 3.63 -19.15 8.61
C ARG B 105 2.24 -19.11 7.95
N TYR B 106 1.83 -20.17 7.27
CA TYR B 106 0.55 -20.10 6.56
C TYR B 106 -0.60 -19.71 7.48
N ASP B 107 -0.68 -20.39 8.63
CA ASP B 107 -1.75 -20.19 9.61
C ASP B 107 -1.37 -19.19 10.71
N ALA B 108 -0.10 -18.78 10.76
CA ALA B 108 0.35 -17.83 11.77
C ALA B 108 0.29 -16.39 11.26
N TYR B 109 0.34 -16.21 9.94
CA TYR B 109 0.50 -14.88 9.36
C TYR B 109 -0.63 -13.95 9.77
N GLY B 110 -1.86 -14.44 9.67
CA GLY B 110 -3.03 -13.66 10.04
C GLY B 110 -3.87 -13.24 8.83
N PRO B 111 -4.94 -12.44 9.08
CA PRO B 111 -5.96 -12.16 8.09
C PRO B 111 -5.51 -11.15 7.06
N GLU B 112 -4.32 -10.59 7.25
CA GLU B 112 -3.71 -9.72 6.25
C GLU B 112 -3.27 -10.53 5.02
N MET B 113 -3.15 -11.84 5.16
CA MET B 113 -2.83 -12.70 4.00
C MET B 113 -4.05 -12.89 3.10
N LEU B 114 -3.90 -12.60 1.81
CA LEU B 114 -4.96 -12.76 0.86
C LEU B 114 -4.88 -14.15 0.27
N ARG B 115 -5.70 -15.06 0.79
CA ARG B 115 -5.79 -16.45 0.27
C ARG B 115 -6.71 -16.56 -0.96
N ILE B 116 -6.34 -17.47 -1.86
CA ILE B 116 -6.93 -17.55 -3.17
C ILE B 116 -7.03 -19.03 -3.51
N ALA B 117 -8.18 -19.43 -4.03
CA ALA B 117 -8.33 -20.80 -4.57
C ALA B 117 -8.36 -20.75 -6.08
N ASP B 118 -7.56 -21.56 -6.75
CA ASP B 118 -7.64 -21.56 -8.25
C ASP B 118 -8.75 -22.50 -8.72
N ARG B 119 -8.90 -22.65 -10.03
CA ARG B 119 -10.04 -23.39 -10.56
C ARG B 119 -9.98 -24.86 -10.20
N HIS B 120 -8.79 -25.35 -9.85
CA HIS B 120 -8.64 -26.74 -9.43
C HIS B 120 -8.68 -26.91 -7.90
N LYS B 121 -9.13 -25.85 -7.22
CA LYS B 121 -9.20 -25.74 -5.74
C LYS B 121 -7.83 -25.78 -5.06
N ARG B 122 -6.78 -25.60 -5.83
CA ARG B 122 -5.44 -25.51 -5.27
C ARG B 122 -5.31 -24.18 -4.51
N GLU B 123 -4.60 -24.23 -3.40
CA GLU B 123 -4.53 -23.13 -2.44
C GLU B 123 -3.31 -22.27 -2.73
N LEU B 124 -3.59 -21.02 -3.08
CA LEU B 124 -2.59 -20.01 -3.42
C LEU B 124 -2.80 -18.81 -2.48
N LEU B 125 -1.92 -17.83 -2.58
CA LEU B 125 -2.04 -16.59 -1.82
C LEU B 125 -1.29 -15.57 -2.63
N TYR B 126 -1.69 -14.31 -2.50
CA TYR B 126 -0.95 -13.18 -3.06
C TYR B 126 0.17 -12.84 -2.07
N GLY B 127 1.43 -12.96 -2.49
CA GLY B 127 2.55 -12.86 -1.54
C GLY B 127 2.57 -11.50 -0.84
N PRO B 128 2.56 -11.48 0.52
CA PRO B 128 2.82 -10.26 1.28
C PRO B 128 4.32 -9.99 1.48
N THR B 129 5.14 -11.02 1.22
CA THR B 129 6.59 -11.09 1.47
C THR B 129 7.08 -12.44 0.90
N ASN B 130 8.40 -12.67 0.87
CA ASN B 130 8.93 -13.80 0.08
C ASN B 130 10.04 -14.64 0.75
N GLU B 131 10.12 -14.64 2.07
CA GLU B 131 11.15 -15.44 2.77
C GLU B 131 11.15 -16.94 2.36
N GLU B 132 9.98 -17.55 2.35
CA GLU B 132 9.83 -18.98 2.05
C GLU B 132 10.21 -19.24 0.61
N MET B 133 9.74 -18.38 -0.29
CA MET B 133 9.96 -18.64 -1.72
C MET B 133 11.42 -18.47 -2.10
N ILE B 134 12.07 -17.45 -1.55
CA ILE B 134 13.49 -17.23 -1.87
C ILE B 134 14.38 -18.34 -1.28
N THR B 135 14.02 -18.85 -0.11
CA THR B 135 14.72 -19.98 0.49
C THR B 135 14.52 -21.25 -0.35
N GLU B 136 13.35 -21.37 -0.97
CA GLU B 136 13.01 -22.51 -1.80
C GLU B 136 13.86 -22.47 -3.07
N ILE B 137 14.05 -21.29 -3.61
CA ILE B 137 14.87 -21.13 -4.82
C ILE B 137 16.34 -21.46 -4.49
N PHE B 138 16.79 -20.93 -3.37
CA PHE B 138 18.15 -21.09 -2.90
C PHE B 138 18.48 -22.56 -2.72
N ARG B 139 17.64 -23.28 -1.97
CA ARG B 139 17.93 -24.65 -1.58
C ARG B 139 17.97 -25.59 -2.79
N ALA B 140 17.35 -25.20 -3.91
CA ALA B 140 17.37 -26.01 -5.12
C ALA B 140 18.75 -26.04 -5.79
N TYR B 141 19.53 -24.99 -5.58
CA TYR B 141 20.72 -24.78 -6.40
C TYR B 141 22.01 -24.67 -5.58
N ILE B 142 21.93 -24.16 -4.35
CA ILE B 142 23.16 -23.82 -3.62
C ILE B 142 23.41 -24.81 -2.50
N LYS B 143 24.63 -25.36 -2.42
CA LYS B 143 24.92 -26.47 -1.52
C LYS B 143 26.29 -26.31 -0.85
N SER B 144 27.06 -25.32 -1.30
CA SER B 144 28.40 -25.05 -0.78
C SER B 144 28.51 -23.67 -0.15
N TYR B 145 29.22 -23.61 0.99
CA TYR B 145 29.66 -22.35 1.61
C TYR B 145 30.45 -21.47 0.63
N LYS B 146 31.01 -22.07 -0.43
CA LYS B 146 31.78 -21.32 -1.41
C LYS B 146 30.90 -20.36 -2.23
N SER B 147 29.60 -20.65 -2.33
CA SER B 147 28.65 -19.77 -3.00
C SER B 147 28.22 -18.50 -2.20
N LEU B 148 28.71 -18.34 -0.98
CA LEU B 148 28.21 -17.33 -0.02
C LEU B 148 29.31 -16.31 0.33
N PRO B 149 28.94 -15.05 0.66
CA PRO B 149 27.58 -14.48 0.77
C PRO B 149 26.85 -14.34 -0.57
N LEU B 150 25.54 -14.50 -0.47
CA LEU B 150 24.66 -14.30 -1.60
C LEU B 150 23.45 -13.47 -1.13
N ASN B 151 23.13 -12.43 -1.87
CA ASN B 151 21.97 -11.61 -1.60
C ASN B 151 21.18 -11.54 -2.88
N LEU B 152 19.96 -12.08 -2.84
CA LEU B 152 19.03 -12.04 -3.97
C LEU B 152 17.86 -11.08 -3.69
N TYR B 153 17.51 -10.23 -4.65
CA TYR B 153 16.40 -9.31 -4.43
C TYR B 153 15.46 -9.23 -5.60
N HIS B 154 14.24 -8.76 -5.31
CA HIS B 154 13.38 -8.31 -6.38
C HIS B 154 12.61 -7.06 -6.04
N ILE B 155 12.05 -6.42 -7.06
CA ILE B 155 11.11 -5.30 -6.81
C ILE B 155 9.77 -5.79 -7.40
N GLN B 156 8.79 -6.01 -6.52
CA GLN B 156 7.54 -6.72 -6.91
C GLN B 156 6.35 -6.23 -6.08
N TRP B 157 5.15 -6.27 -6.69
CA TRP B 157 3.89 -5.89 -6.07
C TRP B 157 3.55 -6.94 -5.04
N LYS B 158 3.01 -6.43 -3.93
CA LYS B 158 2.62 -7.26 -2.78
C LYS B 158 1.22 -6.90 -2.36
N PHE B 159 0.61 -7.82 -1.60
CA PHE B 159 -0.69 -7.57 -1.05
C PHE B 159 -0.69 -7.87 0.45
N ARG B 160 -1.16 -6.89 1.22
CA ARG B 160 -1.51 -7.12 2.62
C ARG B 160 -2.94 -6.60 2.79
N ASP B 161 -3.84 -7.43 3.33
CA ASP B 161 -5.24 -7.06 3.43
C ASP B 161 -5.40 -6.26 4.74
N GLU B 162 -4.77 -5.08 4.76
CA GLU B 162 -4.93 -4.07 5.79
C GLU B 162 -6.41 -3.93 6.17
N GLN B 163 -6.73 -4.12 7.46
CA GLN B 163 -8.14 -4.13 7.88
C GLN B 163 -8.86 -2.84 7.47
N ARG B 164 -8.19 -1.70 7.68
CA ARG B 164 -8.71 -0.38 7.36
C ARG B 164 -7.73 0.41 6.51
N PRO B 165 -7.75 0.19 5.18
CA PRO B 165 -6.85 1.00 4.35
C PRO B 165 -7.08 2.50 4.56
N ARG B 166 -5.99 3.26 4.59
CA ARG B 166 -6.08 4.67 4.95
C ARG B 166 -4.85 5.40 4.45
N PHE B 167 -4.94 6.72 4.31
CA PHE B 167 -3.79 7.58 4.02
C PHE B 167 -3.15 7.30 2.65
N GLY B 168 -3.96 6.91 1.68
CA GLY B 168 -3.45 6.70 0.33
C GLY B 168 -2.34 5.67 0.27
N VAL B 169 -1.26 6.02 -0.45
CA VAL B 169 -0.15 5.09 -0.62
C VAL B 169 0.60 4.73 0.67
N MET B 170 0.31 5.43 1.77
CA MET B 170 1.00 5.20 3.05
C MET B 170 0.41 4.07 3.95
N ARG B 171 -0.84 3.68 3.73
CA ARG B 171 -1.39 2.53 4.46
C ARG B 171 -2.43 1.78 3.61
N GLY B 172 -2.03 1.40 2.40
CA GLY B 172 -2.87 0.64 1.50
C GLY B 172 -2.72 -0.86 1.53
N ARG B 173 -3.22 -1.53 0.49
CA ARG B 173 -3.22 -2.99 0.39
C ARG B 173 -2.27 -3.56 -0.68
N GLU B 174 -2.34 -3.00 -1.90
CA GLU B 174 -1.47 -3.43 -2.98
C GLU B 174 -0.34 -2.40 -3.07
N PHE B 175 0.89 -2.87 -2.87
CA PHE B 175 2.06 -2.02 -2.69
C PHE B 175 3.31 -2.63 -3.33
N LEU B 176 4.27 -1.76 -3.67
CA LEU B 176 5.48 -2.14 -4.36
C LEU B 176 6.61 -2.06 -3.36
N MET B 177 7.36 -3.15 -3.26
CA MET B 177 8.46 -3.20 -2.34
C MET B 177 9.68 -3.76 -3.08
N LYS B 178 10.89 -3.22 -2.79
CA LYS B 178 12.10 -3.94 -3.05
C LYS B 178 12.36 -4.80 -1.81
N ASP B 179 12.36 -6.13 -1.98
CA ASP B 179 12.74 -7.05 -0.88
C ASP B 179 13.92 -7.91 -1.27
N ALA B 180 14.98 -7.79 -0.45
CA ALA B 180 16.23 -8.53 -0.59
C ALA B 180 16.40 -9.50 0.54
N TYR B 181 17.16 -10.55 0.26
CA TYR B 181 17.34 -11.68 1.18
C TYR B 181 18.79 -12.17 1.09
N SER B 182 19.51 -12.11 2.20
CA SER B 182 20.89 -12.55 2.28
C SER B 182 20.98 -13.97 2.79
N PHE B 183 22.02 -14.67 2.31
CA PHE B 183 22.35 -16.02 2.72
C PHE B 183 23.83 -16.11 3.11
N ASP B 184 24.08 -16.63 4.31
CA ASP B 184 25.45 -16.74 4.84
C ASP B 184 25.64 -18.03 5.60
N VAL B 185 26.90 -18.42 5.78
CA VAL B 185 27.25 -19.69 6.45
C VAL B 185 26.85 -19.66 7.93
N ASP B 186 27.03 -18.52 8.56
CA ASP B 186 26.82 -18.38 10.00
C ASP B 186 26.42 -16.93 10.36
N GLU B 187 26.26 -16.65 11.66
CA GLU B 187 25.82 -15.32 12.09
C GLU B 187 26.79 -14.20 11.73
N ALA B 188 28.09 -14.46 11.92
CA ALA B 188 29.17 -13.52 11.56
C ALA B 188 29.13 -13.04 10.10
N GLY B 189 29.01 -13.98 9.16
CA GLY B 189 28.81 -13.62 7.78
C GLY B 189 27.51 -12.84 7.60
N ALA B 190 26.43 -13.24 8.28
CA ALA B 190 25.13 -12.56 8.12
C ALA B 190 25.18 -11.11 8.59
N ARG B 191 25.97 -10.85 9.62
CA ARG B 191 26.18 -9.49 10.12
C ARG B 191 26.90 -8.60 9.10
N LYS B 192 27.88 -9.17 8.37
CA LYS B 192 28.52 -8.48 7.25
C LYS B 192 27.54 -8.18 6.12
N SER B 193 26.70 -9.16 5.77
CA SER B 193 25.64 -8.95 4.77
C SER B 193 24.66 -7.82 5.18
N TYR B 194 24.24 -7.87 6.42
CA TYR B 194 23.38 -6.84 7.03
C TYR B 194 23.99 -5.43 6.97
N ASN B 195 25.27 -5.31 7.35
CA ASN B 195 25.95 -4.02 7.27
C ASN B 195 25.98 -3.40 5.89
N LYS B 196 26.17 -4.25 4.88
CA LYS B 196 26.15 -3.80 3.49
C LYS B 196 24.77 -3.18 3.14
N MET B 197 23.68 -3.82 3.55
CA MET B 197 22.33 -3.29 3.33
C MET B 197 22.06 -2.02 4.12
N PHE B 198 22.52 -1.99 5.37
CA PHE B 198 22.45 -0.75 6.21
C PHE B 198 23.09 0.44 5.45
N VAL B 199 24.30 0.27 4.97
CA VAL B 199 24.96 1.32 4.19
C VAL B 199 24.18 1.63 2.89
N ALA B 200 23.75 0.61 2.14
CA ALA B 200 22.93 0.81 0.91
C ALA B 200 21.68 1.67 1.16
N TYR B 201 21.04 1.44 2.29
CA TYR B 201 19.84 2.18 2.65
C TYR B 201 20.13 3.62 2.96
N LEU B 202 21.21 3.90 3.68
CA LEU B 202 21.57 5.30 3.94
C LEU B 202 21.75 6.05 2.61
N ARG B 203 22.44 5.40 1.67
CA ARG B 203 22.67 6.01 0.35
C ARG B 203 21.38 6.13 -0.43
N THR B 204 20.55 5.09 -0.38
CA THR B 204 19.27 5.07 -1.11
C THR B 204 18.39 6.28 -0.78
N PHE B 205 18.15 6.49 0.50
CA PHE B 205 17.22 7.53 0.93
C PHE B 205 17.80 8.91 0.83
N ALA B 206 19.11 9.05 1.06
CA ALA B 206 19.80 10.32 0.85
C ALA B 206 19.69 10.77 -0.64
N ARG B 207 19.77 9.82 -1.58
CA ARG B 207 19.66 10.13 -3.01
C ARG B 207 18.25 10.64 -3.39
N MET B 208 17.27 10.37 -2.54
CA MET B 208 15.90 10.86 -2.77
C MET B 208 15.61 12.17 -2.06
N GLY B 209 16.63 12.76 -1.43
CA GLY B 209 16.45 14.04 -0.74
C GLY B 209 15.81 13.88 0.63
N LEU B 210 15.95 12.69 1.21
CA LEU B 210 15.32 12.34 2.49
C LEU B 210 16.33 12.13 3.60
N LYS B 211 15.93 12.40 4.84
CA LYS B 211 16.62 11.88 6.04
C LYS B 211 15.80 10.74 6.64
N ALA B 212 16.09 9.53 6.17
CA ALA B 212 15.41 8.37 6.66
C ALA B 212 16.35 7.84 7.72
N ILE B 213 16.02 8.06 8.97
CA ILE B 213 16.91 7.75 10.09
C ILE B 213 16.87 6.26 10.48
N PRO B 214 18.06 5.60 10.60
CA PRO B 214 18.07 4.21 11.08
C PRO B 214 17.80 4.20 12.58
N MET B 215 16.92 3.32 13.02
CA MET B 215 16.59 3.25 14.46
C MET B 215 16.45 1.82 14.85
N ARG B 216 16.80 1.48 16.09
CA ARG B 216 16.57 0.10 16.53
C ARG B 216 15.07 -0.22 16.49
N ALA B 217 14.75 -1.48 16.15
CA ALA B 217 13.38 -1.88 15.91
C ALA B 217 13.10 -3.23 16.59
N GLU B 218 11.84 -3.68 16.51
CA GLU B 218 11.40 -4.95 17.13
C GLU B 218 12.36 -6.06 16.73
N THR B 219 12.85 -6.84 17.70
CA THR B 219 13.62 -8.05 17.39
C THR B 219 12.73 -9.29 17.49
N GLY B 220 13.22 -10.40 16.95
CA GLY B 220 12.55 -11.68 17.13
C GLY B 220 12.81 -12.31 18.50
N PRO B 221 12.32 -13.56 18.67
CA PRO B 221 12.39 -14.40 19.87
C PRO B 221 13.67 -14.29 20.71
N ILE B 222 14.82 -14.47 20.06
CA ILE B 222 16.14 -14.48 20.74
C ILE B 222 16.79 -13.08 20.84
N GLY B 223 16.03 -12.03 20.51
CA GLY B 223 16.52 -10.64 20.62
C GLY B 223 17.72 -10.37 19.73
N GLY B 224 18.66 -9.61 20.26
CA GLY B 224 19.87 -9.25 19.52
C GLY B 224 19.86 -7.80 19.02
N ASP B 225 20.83 -7.49 18.17
CA ASP B 225 21.04 -6.13 17.72
C ASP B 225 20.90 -5.97 16.20
N LEU B 226 20.24 -6.92 15.55
CA LEU B 226 20.16 -6.88 14.10
C LEU B 226 18.71 -6.68 13.62
N SER B 227 18.10 -5.58 14.08
CA SER B 227 16.82 -5.11 13.55
C SER B 227 16.82 -3.60 13.57
N HIS B 228 16.68 -2.98 12.39
CA HIS B 228 16.52 -1.52 12.32
C HIS B 228 15.42 -1.14 11.35
N GLU B 229 14.79 0.01 11.58
CA GLU B 229 13.92 0.60 10.56
C GLU B 229 14.46 1.97 10.21
N PHE B 230 14.27 2.35 8.95
CA PHE B 230 14.67 3.66 8.44
C PHE B 230 13.39 4.47 8.29
N ILE B 231 13.36 5.56 9.03
CA ILE B 231 12.13 6.31 9.29
C ILE B 231 12.28 7.79 8.95
N VAL B 232 11.41 8.25 8.06
CA VAL B 232 11.38 9.65 7.67
C VAL B 232 10.46 10.36 8.67
N LEU B 233 10.98 11.36 9.38
CA LEU B 233 10.17 12.13 10.31
C LEU B 233 9.11 12.94 9.56
N ALA B 234 7.89 12.90 10.08
CA ALA B 234 6.77 13.62 9.47
C ALA B 234 5.61 13.58 10.44
N GLU B 235 4.92 14.71 10.60
CA GLU B 235 3.76 14.85 11.54
C GLU B 235 2.73 13.73 11.42
N THR B 236 2.47 13.33 10.18
CA THR B 236 1.36 12.44 9.84
C THR B 236 1.75 10.96 9.80
N GLY B 237 2.99 10.64 10.17
CA GLY B 237 3.46 9.27 10.19
C GLY B 237 2.89 8.37 11.27
N GLU B 238 2.83 7.08 10.98
CA GLU B 238 2.26 6.11 11.87
C GLU B 238 3.23 5.46 12.84
N SER B 239 4.53 5.69 12.65
CA SER B 239 5.53 5.16 13.58
C SER B 239 5.84 6.20 14.66
N GLY B 240 5.79 5.80 15.92
CA GLY B 240 6.28 6.62 17.00
C GLY B 240 7.73 6.31 17.29
N VAL B 241 8.55 7.35 17.38
CA VAL B 241 9.98 7.21 17.53
C VAL B 241 10.54 8.11 18.62
N TYR B 242 11.70 7.70 19.18
CA TYR B 242 12.39 8.36 20.26
C TYR B 242 13.88 8.40 19.90
N ILE B 243 14.42 9.61 19.68
CA ILE B 243 15.79 9.79 19.14
C ILE B 243 16.52 10.91 19.82
N ASP B 244 17.84 10.82 19.77
CA ASP B 244 18.73 11.93 20.03
C ASP B 244 18.79 12.70 18.71
N ARG B 245 18.42 13.98 18.77
CA ARG B 245 18.46 14.87 17.59
C ARG B 245 19.80 14.90 16.82
N ASP B 246 20.92 14.59 17.50
CA ASP B 246 22.20 14.46 16.83
C ASP B 246 22.22 13.49 15.62
N VAL B 247 21.40 12.44 15.63
CA VAL B 247 21.38 11.46 14.54
C VAL B 247 20.98 12.11 13.19
N LEU B 248 20.37 13.29 13.28
CA LEU B 248 19.82 14.00 12.11
C LEU B 248 20.88 14.69 11.27
N ASN B 249 22.11 14.78 11.80
CA ASN B 249 23.23 15.47 11.14
C ASN B 249 24.44 14.57 10.81
N LEU B 250 24.25 13.24 10.74
CA LEU B 250 25.40 12.34 10.51
C LEU B 250 25.70 12.19 9.02
N PRO B 251 26.97 11.82 8.67
CA PRO B 251 27.35 11.79 7.25
C PRO B 251 27.04 10.49 6.52
N VAL B 252 26.45 10.61 5.34
CA VAL B 252 26.08 9.45 4.52
C VAL B 252 27.29 9.04 3.66
N PRO B 253 27.65 7.74 3.67
CA PRO B 253 28.79 7.30 2.83
C PRO B 253 28.61 7.65 1.37
N ASP B 254 29.70 8.02 0.69
CA ASP B 254 29.60 8.40 -0.70
C ASP B 254 29.56 7.17 -1.59
N GLU B 255 29.48 7.37 -2.91
CA GLU B 255 29.33 6.26 -3.87
C GLU B 255 30.55 5.34 -3.99
N ASN B 256 31.70 5.78 -3.45
CA ASN B 256 32.91 4.99 -3.48
C ASN B 256 33.13 4.10 -2.25
N VAL B 257 32.10 3.96 -1.42
CA VAL B 257 32.21 3.14 -0.22
C VAL B 257 32.66 1.71 -0.61
N ASP B 258 33.64 1.17 0.10
CA ASP B 258 34.12 -0.19 -0.24
C ASP B 258 33.27 -1.26 0.44
N TYR B 259 32.34 -1.83 -0.34
CA TYR B 259 31.38 -2.80 0.18
C TYR B 259 31.99 -4.14 0.60
N ASP B 260 33.21 -4.42 0.12
CA ASP B 260 33.94 -5.61 0.55
C ASP B 260 34.84 -5.38 1.79
N GLY B 261 34.90 -4.14 2.29
CA GLY B 261 35.69 -3.80 3.48
C GLY B 261 34.96 -3.89 4.82
N ASP B 262 35.58 -3.38 5.87
CA ASP B 262 34.94 -3.33 7.18
C ASP B 262 34.00 -2.12 7.16
N LEU B 263 32.69 -2.38 7.19
CA LEU B 263 31.72 -1.29 7.30
C LEU B 263 31.35 -0.95 8.75
N THR B 264 31.93 -1.68 9.71
CA THR B 264 31.63 -1.49 11.14
C THR B 264 31.77 -0.04 11.61
N PRO B 265 32.82 0.70 11.15
CA PRO B 265 32.90 2.12 11.55
C PRO B 265 31.70 2.99 11.10
N ILE B 266 31.13 2.72 9.94
CA ILE B 266 29.94 3.48 9.46
C ILE B 266 28.72 3.14 10.34
N ILE B 267 28.52 1.84 10.59
CA ILE B 267 27.39 1.39 11.40
C ILE B 267 27.52 1.93 12.82
N LYS B 268 28.69 1.77 13.41
CA LYS B 268 28.97 2.34 14.72
C LYS B 268 28.62 3.84 14.78
N GLN B 269 29.09 4.66 13.84
CA GLN B 269 28.73 6.05 13.85
C GLN B 269 27.21 6.30 13.81
N TRP B 270 26.50 5.54 12.98
CA TRP B 270 25.05 5.72 12.82
C TRP B 270 24.23 5.05 13.93
N THR B 271 24.90 4.35 14.84
CA THR B 271 24.26 3.71 16.00
C THR B 271 24.90 4.14 17.32
N SER B 272 25.66 5.23 17.28
CA SER B 272 26.36 5.73 18.45
C SER B 272 25.46 6.60 19.34
N VAL B 273 24.36 7.13 18.77
CA VAL B 273 23.38 7.87 19.59
C VAL B 273 22.06 7.11 19.64
N TYR B 274 21.27 7.36 20.67
CA TYR B 274 19.97 6.69 20.87
C TYR B 274 19.02 6.97 19.74
N ALA B 275 18.42 5.91 19.20
CA ALA B 275 17.39 6.05 18.19
C ALA B 275 16.62 4.72 18.25
N ALA B 276 15.33 4.78 18.59
CA ALA B 276 14.51 3.57 18.73
C ALA B 276 13.08 3.85 18.32
N THR B 277 12.43 2.87 17.70
CA THR B 277 10.98 2.94 17.49
C THR B 277 10.28 2.62 18.80
N GLU B 278 8.99 2.97 18.88
CA GLU B 278 8.18 2.69 20.07
C GLU B 278 8.20 1.22 20.49
N ASP B 279 8.46 0.31 19.52
CA ASP B 279 8.39 -1.14 19.79
C ASP B 279 9.50 -1.58 20.72
N VAL B 280 10.62 -0.85 20.73
CA VAL B 280 11.79 -1.24 21.56
C VAL B 280 12.31 -0.11 22.47
N HIS B 281 11.69 1.07 22.35
CA HIS B 281 12.06 2.22 23.17
C HIS B 281 12.05 1.85 24.65
N GLU B 282 13.09 2.27 25.39
CA GLU B 282 13.09 2.15 26.84
C GLU B 282 13.40 3.51 27.50
N PRO B 283 12.39 4.11 28.18
CA PRO B 283 12.51 5.43 28.79
C PRO B 283 13.78 5.62 29.62
N ALA B 284 14.10 4.66 30.50
CA ALA B 284 15.27 4.79 31.37
C ALA B 284 16.54 4.99 30.55
N ARG B 285 16.75 4.11 29.56
CA ARG B 285 17.94 4.16 28.71
C ARG B 285 17.98 5.51 27.95
N TYR B 286 16.85 5.91 27.36
CA TYR B 286 16.71 7.19 26.66
C TYR B 286 17.17 8.35 27.54
N GLU B 287 16.63 8.42 28.76
CA GLU B 287 16.90 9.54 29.66
C GLU B 287 18.36 9.55 30.01
N SER B 288 18.94 8.34 30.11
CA SER B 288 20.36 8.15 30.44
C SER B 288 21.32 8.48 29.28
N GLU B 289 20.94 8.15 28.06
CA GLU B 289 21.83 8.36 26.94
C GLU B 289 21.55 9.71 26.25
N VAL B 290 20.35 10.27 26.41
CA VAL B 290 20.03 11.51 25.66
C VAL B 290 19.89 12.74 26.60
N PRO B 291 20.78 13.76 26.43
CA PRO B 291 20.58 15.01 27.17
C PRO B 291 19.18 15.55 26.89
N GLU B 292 18.51 16.10 27.91
CA GLU B 292 17.09 16.47 27.84
C GLU B 292 16.75 17.29 26.59
N ALA B 293 17.61 18.24 26.25
CA ALA B 293 17.34 19.17 25.13
C ALA B 293 17.51 18.50 23.75
N ASN B 294 18.11 17.32 23.75
CA ASN B 294 18.34 16.55 22.51
C ASN B 294 17.26 15.53 22.20
N ARG B 295 16.38 15.34 23.16
CA ARG B 295 15.34 14.31 23.11
C ARG B 295 14.26 14.74 22.16
N LEU B 296 13.93 13.88 21.21
CA LEU B 296 12.86 14.19 20.30
C LEU B 296 11.98 12.94 20.18
N ASN B 297 10.74 13.07 20.64
CA ASN B 297 9.72 12.03 20.43
C ASN B 297 8.79 12.57 19.36
N THR B 298 8.75 11.90 18.22
CA THR B 298 7.87 12.39 17.16
C THR B 298 7.36 11.22 16.31
N ARG B 299 6.59 11.54 15.28
CA ARG B 299 6.04 10.56 14.35
C ARG B 299 6.96 10.41 13.12
N GLY B 300 6.88 9.29 12.43
CA GLY B 300 7.60 9.12 11.18
C GLY B 300 6.99 8.02 10.31
N ILE B 301 7.48 7.95 9.08
CA ILE B 301 7.03 6.98 8.08
C ILE B 301 8.15 5.96 7.85
N GLU B 302 7.86 4.69 8.11
CA GLU B 302 8.86 3.64 7.89
C GLU B 302 9.00 3.34 6.40
N VAL B 303 10.19 3.60 5.89
CA VAL B 303 10.48 3.42 4.46
C VAL B 303 11.47 2.29 4.17
N GLY B 304 12.19 1.86 5.20
CA GLY B 304 13.16 0.75 5.04
C GLY B 304 13.17 -0.10 6.30
N GLN B 305 13.39 -1.40 6.14
CA GLN B 305 13.37 -2.33 7.28
C GLN B 305 14.39 -3.39 7.00
N ILE B 306 15.32 -3.58 7.93
CA ILE B 306 16.41 -4.57 7.79
C ILE B 306 16.39 -5.49 9.01
N PHE B 307 16.50 -6.78 8.78
CA PHE B 307 16.18 -7.73 9.86
C PHE B 307 16.89 -9.04 9.69
N TYR B 308 17.68 -9.43 10.68
CA TYR B 308 18.37 -10.71 10.64
C TYR B 308 17.45 -11.74 11.26
N PHE B 309 17.20 -12.83 10.53
CA PHE B 309 16.35 -13.88 11.08
C PHE B 309 17.05 -15.23 11.27
N GLY B 310 18.36 -15.27 11.01
CA GLY B 310 19.14 -16.48 11.29
C GLY B 310 18.63 -17.66 10.50
N THR B 311 18.37 -18.76 11.19
CA THR B 311 17.97 -20.04 10.59
C THR B 311 16.44 -20.29 10.63
N LYS B 312 15.66 -19.23 10.76
CA LYS B 312 14.22 -19.35 10.89
C LYS B 312 13.55 -20.16 9.76
N TYR B 313 13.96 -19.92 8.52
CA TYR B 313 13.42 -20.60 7.34
C TYR B 313 14.30 -21.79 6.92
N SER B 314 15.62 -21.66 7.05
CA SER B 314 16.55 -22.73 6.65
C SER B 314 16.49 -23.98 7.55
N ASP B 315 16.05 -23.80 8.79
CA ASP B 315 15.79 -24.91 9.73
C ASP B 315 14.59 -25.71 9.24
N SER B 316 13.45 -25.03 9.13
CA SER B 316 12.19 -25.66 8.75
C SER B 316 12.13 -26.13 7.29
N MET B 317 12.88 -25.45 6.41
CA MET B 317 12.84 -25.75 4.99
C MET B 317 14.08 -26.46 4.48
N LYS B 318 14.99 -26.79 5.39
CA LYS B 318 16.16 -27.62 5.07
C LYS B 318 17.07 -27.04 3.98
N ALA B 319 17.45 -25.78 4.19
CA ALA B 319 18.38 -25.09 3.30
C ALA B 319 19.76 -25.08 3.94
N ASN B 320 20.46 -26.20 3.79
CA ASN B 320 21.80 -26.37 4.36
C ASN B 320 22.87 -26.17 3.29
N VAL B 321 24.07 -25.79 3.71
CA VAL B 321 25.24 -25.85 2.86
C VAL B 321 26.39 -26.53 3.62
N THR B 322 27.26 -27.22 2.88
CA THR B 322 28.55 -27.71 3.40
C THR B 322 29.45 -26.51 3.71
N GLY B 323 29.88 -26.43 4.97
CA GLY B 323 30.74 -25.34 5.42
C GLY B 323 32.23 -25.63 5.30
N PRO B 324 33.08 -24.72 5.82
CA PRO B 324 34.53 -24.85 5.78
C PRO B 324 35.03 -26.14 6.47
N ASP B 325 34.36 -26.55 7.55
CA ASP B 325 34.71 -27.77 8.28
C ASP B 325 34.24 -29.08 7.63
N GLY B 326 33.63 -28.99 6.44
CA GLY B 326 33.13 -30.16 5.72
C GLY B 326 31.77 -30.68 6.17
N THR B 327 31.22 -30.07 7.20
CA THR B 327 29.90 -30.42 7.75
C THR B 327 28.78 -29.59 7.08
N ASP B 328 27.56 -30.12 7.08
CA ASP B 328 26.37 -29.41 6.61
C ASP B 328 25.59 -28.69 7.73
N ALA B 329 25.24 -27.43 7.49
CA ALA B 329 24.48 -26.67 8.48
C ALA B 329 23.50 -25.71 7.82
N PRO B 330 22.34 -25.44 8.48
CA PRO B 330 21.41 -24.44 7.90
C PRO B 330 22.08 -23.09 7.68
N ILE B 331 21.64 -22.38 6.64
CA ILE B 331 22.19 -21.04 6.38
C ILE B 331 21.59 -19.98 7.35
N HIS B 332 22.23 -18.81 7.42
CA HIS B 332 21.77 -17.67 8.19
C HIS B 332 21.32 -16.58 7.22
N GLY B 333 20.07 -16.14 7.39
CA GLY B 333 19.48 -15.16 6.49
C GLY B 333 19.04 -13.87 7.12
N GLY B 334 18.74 -12.89 6.26
CA GLY B 334 18.30 -11.56 6.68
C GLY B 334 17.41 -11.04 5.56
N SER B 335 16.50 -10.13 5.88
CA SER B 335 15.60 -9.56 4.87
C SER B 335 15.73 -8.07 4.95
N TYR B 336 15.58 -7.44 3.79
CA TYR B 336 15.76 -6.01 3.65
C TYR B 336 14.67 -5.47 2.72
N GLY B 337 13.74 -4.68 3.26
CA GLY B 337 12.64 -4.13 2.44
C GLY B 337 12.67 -2.63 2.32
N VAL B 338 12.47 -2.12 1.11
CA VAL B 338 12.27 -0.68 0.85
C VAL B 338 10.85 -0.55 0.29
N GLY B 339 10.05 0.39 0.84
CA GLY B 339 8.66 0.59 0.43
C GLY B 339 8.65 1.59 -0.70
N VAL B 340 8.84 1.08 -1.93
CA VAL B 340 8.90 1.92 -3.13
C VAL B 340 7.66 2.81 -3.34
N SER B 341 6.46 2.23 -3.32
CA SER B 341 5.25 3.02 -3.51
C SER B 341 4.96 3.93 -2.31
N ARG B 342 5.21 3.45 -1.12
CA ARG B 342 5.05 4.28 0.06
C ARG B 342 5.94 5.54 0.04
N LEU B 343 7.10 5.43 -0.58
CA LEU B 343 8.05 6.54 -0.68
C LEU B 343 7.49 7.74 -1.42
N LEU B 344 6.58 7.56 -2.39
CA LEU B 344 5.95 8.77 -2.99
C LEU B 344 5.26 9.57 -1.93
N GLY B 345 4.51 8.90 -1.08
CA GLY B 345 3.84 9.55 0.05
C GLY B 345 4.81 10.19 1.04
N ALA B 346 5.82 9.44 1.48
CA ALA B 346 6.82 9.98 2.40
C ALA B 346 7.58 11.18 1.83
N ILE B 347 7.95 11.13 0.55
CA ILE B 347 8.66 12.22 -0.08
C ILE B 347 7.81 13.50 -0.06
N ILE B 348 6.54 13.39 -0.45
CA ILE B 348 5.66 14.57 -0.46
C ILE B 348 5.40 15.11 0.95
N GLU B 349 5.21 14.24 1.93
CA GLU B 349 5.07 14.72 3.31
C GLU B 349 6.25 15.62 3.73
N ALA B 350 7.44 15.23 3.34
CA ALA B 350 8.70 15.89 3.72
C ALA B 350 9.01 17.07 2.79
N CYS B 351 8.35 17.11 1.63
CA CYS B 351 8.71 18.02 0.52
C CYS B 351 7.50 18.62 -0.16
N HIS B 352 6.92 19.64 0.50
CA HIS B 352 5.76 20.38 0.01
C HIS B 352 5.69 21.75 0.70
N ASP B 353 4.87 22.64 0.15
CA ASP B 353 4.51 23.87 0.85
C ASP B 353 3.03 24.12 0.55
N ASP B 354 2.54 25.33 0.87
CA ASP B 354 1.11 25.67 0.70
C ASP B 354 0.68 25.63 -0.77
N ASN B 355 1.63 25.77 -1.70
CA ASN B 355 1.33 25.74 -3.14
C ASN B 355 1.45 24.37 -3.87
N GLY B 356 1.84 23.34 -3.11
CA GLY B 356 1.85 21.98 -3.63
C GLY B 356 3.16 21.25 -3.36
N ILE B 357 3.50 20.34 -4.27
CA ILE B 357 4.63 19.43 -4.10
C ILE B 357 5.92 20.17 -4.43
N ILE B 358 7.03 19.78 -3.80
CA ILE B 358 8.39 20.24 -4.17
C ILE B 358 9.32 19.01 -4.36
N TRP B 359 9.35 18.43 -5.55
CA TRP B 359 10.13 17.21 -5.79
C TRP B 359 11.62 17.45 -5.63
N PRO B 360 12.33 16.62 -4.84
CA PRO B 360 13.79 16.57 -5.00
C PRO B 360 14.11 16.18 -6.45
N GLU B 361 15.15 16.79 -7.03
CA GLU B 361 15.45 16.59 -8.44
C GLU B 361 15.62 15.14 -8.88
N ALA B 362 16.15 14.30 -8.01
CA ALA B 362 16.43 12.91 -8.37
C ALA B 362 15.16 12.09 -8.61
N VAL B 363 14.06 12.49 -7.99
CA VAL B 363 12.78 11.74 -8.17
C VAL B 363 11.70 12.49 -8.94
N ALA B 364 11.97 13.74 -9.32
CA ALA B 364 11.02 14.57 -10.06
C ALA B 364 10.60 13.90 -11.37
N PRO B 365 9.32 14.05 -11.77
CA PRO B 365 8.90 13.43 -13.02
C PRO B 365 9.51 14.15 -14.24
N PHE B 366 9.71 15.45 -14.12
CA PHE B 366 10.43 16.23 -15.11
C PHE B 366 11.28 17.20 -14.31
N ARG B 367 12.42 17.60 -14.85
CA ARG B 367 13.33 18.56 -14.18
C ARG B 367 12.93 20.03 -14.39
N VAL B 368 12.42 20.35 -15.58
CA VAL B 368 12.01 21.71 -15.94
C VAL B 368 10.68 21.68 -16.68
N THR B 369 9.86 22.71 -16.46
CA THR B 369 8.64 22.88 -17.22
C THR B 369 8.64 24.28 -17.87
N ILE B 370 8.25 24.33 -19.14
CA ILE B 370 8.17 25.56 -19.93
C ILE B 370 6.73 26.04 -19.92
N LEU B 371 6.53 27.22 -19.33
CA LEU B 371 5.23 27.84 -19.22
C LEU B 371 5.06 28.93 -20.32
N ASN B 372 4.30 28.63 -21.37
CA ASN B 372 3.96 29.60 -22.44
C ASN B 372 2.81 30.50 -21.94
N LEU B 373 3.12 31.78 -21.76
CA LEU B 373 2.21 32.73 -21.11
C LEU B 373 1.29 33.49 -22.08
N LYS B 374 1.42 33.17 -23.37
CA LYS B 374 0.49 33.68 -24.38
C LYS B 374 0.38 32.63 -25.47
N GLN B 375 -0.30 31.53 -25.16
CA GLN B 375 -0.40 30.39 -26.09
C GLN B 375 -1.12 30.77 -27.39
N GLY B 376 -0.41 30.66 -28.51
CA GLY B 376 -0.94 31.01 -29.83
C GLY B 376 -0.17 32.16 -30.46
N ASP B 377 0.50 32.94 -29.62
CA ASP B 377 1.36 34.02 -30.10
C ASP B 377 2.57 33.42 -30.82
N ALA B 378 2.74 33.82 -32.09
CA ALA B 378 3.79 33.31 -32.97
C ALA B 378 5.19 33.28 -32.34
N ALA B 379 5.56 34.36 -31.65
CA ALA B 379 6.88 34.51 -31.02
C ALA B 379 7.05 33.74 -29.70
N THR B 380 6.01 33.70 -28.86
CA THR B 380 6.07 32.91 -27.63
C THR B 380 6.07 31.41 -27.94
N ASP B 381 5.24 30.99 -28.89
CA ASP B 381 5.25 29.58 -29.34
C ASP B 381 6.65 29.20 -29.85
N ALA B 382 7.21 30.02 -30.74
CA ALA B 382 8.51 29.75 -31.37
C ALA B 382 9.65 29.64 -30.35
N ALA B 383 9.69 30.57 -29.39
CA ALA B 383 10.71 30.57 -28.34
C ALA B 383 10.55 29.34 -27.42
N CYS B 384 9.31 28.99 -27.12
CA CYS B 384 9.00 27.81 -26.29
C CYS B 384 9.38 26.52 -27.01
N ASP B 385 8.96 26.42 -28.27
CA ASP B 385 9.32 25.29 -29.15
C ASP B 385 10.82 25.03 -29.23
N GLN B 386 11.61 26.11 -29.28
CA GLN B 386 13.06 25.96 -29.42
C GLN B 386 13.79 25.68 -28.09
N LEU B 387 13.26 26.22 -26.99
CA LEU B 387 13.73 25.84 -25.65
C LEU B 387 13.44 24.37 -25.35
N TYR B 388 12.31 23.89 -25.87
CA TYR B 388 11.85 22.51 -25.64
C TYR B 388 12.70 21.50 -26.40
N ARG B 389 12.93 21.78 -27.67
CA ARG B 389 13.84 21.00 -28.51
C ARG B 389 15.28 21.01 -27.97
N GLU B 390 15.82 22.19 -27.65
CA GLU B 390 17.21 22.28 -27.15
C GLU B 390 17.42 21.52 -25.82
N LEU B 391 16.52 21.70 -24.86
CA LEU B 391 16.60 20.99 -23.58
C LEU B 391 16.50 19.44 -23.71
N SER B 392 15.57 18.94 -24.53
CA SER B 392 15.50 17.50 -24.89
C SER B 392 16.86 16.96 -25.35
N ALA B 393 17.38 17.57 -26.43
CA ALA B 393 18.73 17.28 -26.98
C ALA B 393 19.85 17.19 -25.92
N LYS B 394 19.90 18.16 -25.00
CA LYS B 394 20.89 18.16 -23.92
C LYS B 394 20.61 17.12 -22.80
N GLY B 395 19.59 16.28 -23.00
CA GLY B 395 19.28 15.21 -22.06
C GLY B 395 18.56 15.61 -20.78
N VAL B 396 17.71 16.64 -20.88
CA VAL B 396 16.97 17.15 -19.71
C VAL B 396 15.52 16.67 -19.76
N ASP B 397 15.02 16.11 -18.63
CA ASP B 397 13.61 15.81 -18.49
C ASP B 397 12.82 17.13 -18.52
N VAL B 398 12.12 17.37 -19.63
CA VAL B 398 11.44 18.65 -19.84
C VAL B 398 9.97 18.50 -20.20
N LEU B 399 9.12 19.25 -19.51
CA LEU B 399 7.70 19.33 -19.85
C LEU B 399 7.36 20.73 -20.38
N TYR B 400 6.64 20.79 -21.50
CA TYR B 400 6.21 22.08 -22.02
C TYR B 400 4.71 22.21 -21.83
N ASP B 401 4.29 23.12 -20.94
CA ASP B 401 2.88 23.44 -20.80
C ASP B 401 2.46 24.31 -21.99
N ASP B 402 2.02 23.66 -23.06
CA ASP B 402 1.62 24.30 -24.30
C ASP B 402 0.10 24.36 -24.38
N THR B 403 -0.57 24.29 -23.23
CA THR B 403 -2.02 24.29 -23.23
C THR B 403 -2.61 25.68 -23.40
N ASP B 404 -3.87 25.70 -23.82
CA ASP B 404 -4.63 26.91 -24.07
C ASP B 404 -5.27 27.36 -22.74
N GLN B 405 -4.42 27.93 -21.89
CA GLN B 405 -4.81 28.36 -20.55
C GLN B 405 -4.03 29.61 -20.18
N ARG B 406 -4.63 30.40 -19.29
CA ARG B 406 -4.06 31.70 -18.87
C ARG B 406 -2.87 31.50 -17.92
N ALA B 407 -2.01 32.51 -17.84
CA ALA B 407 -0.80 32.50 -17.02
C ALA B 407 -1.01 31.99 -15.59
N GLY B 408 -2.04 32.53 -14.92
CA GLY B 408 -2.37 32.15 -13.54
C GLY B 408 -2.60 30.67 -13.40
N ALA B 409 -3.31 30.10 -14.37
CA ALA B 409 -3.64 28.68 -14.38
C ALA B 409 -2.37 27.85 -14.52
N LYS B 410 -1.52 28.23 -15.48
CA LYS B 410 -0.24 27.56 -15.66
C LYS B 410 0.68 27.67 -14.44
N PHE B 411 0.76 28.85 -13.83
CA PHE B 411 1.57 28.98 -12.62
C PHE B 411 1.08 28.04 -11.51
N ALA B 412 -0.23 27.98 -11.30
CA ALA B 412 -0.81 27.14 -10.24
C ALA B 412 -0.50 25.63 -10.44
N THR B 413 -0.69 25.16 -11.67
CA THR B 413 -0.44 23.77 -12.02
C THR B 413 1.04 23.38 -11.87
N ALA B 414 1.93 24.25 -12.35
CA ALA B 414 3.38 24.00 -12.24
C ALA B 414 3.84 23.91 -10.77
N ASP B 415 3.37 24.83 -9.93
CA ASP B 415 3.70 24.80 -8.49
C ASP B 415 3.18 23.52 -7.85
N LEU B 416 1.93 23.18 -8.17
CA LEU B 416 1.26 21.98 -7.61
C LEU B 416 2.02 20.67 -7.86
N ILE B 417 2.39 20.41 -9.12
CA ILE B 417 3.00 19.14 -9.51
C ILE B 417 4.49 19.04 -9.15
N GLY B 418 5.08 20.15 -8.74
CA GLY B 418 6.37 20.13 -8.05
C GLY B 418 7.63 20.07 -8.88
N ILE B 419 7.55 20.47 -10.14
CA ILE B 419 8.70 20.45 -11.05
C ILE B 419 9.74 21.45 -10.50
N PRO B 420 11.00 21.00 -10.29
CA PRO B 420 12.07 21.81 -9.68
C PRO B 420 12.35 23.20 -10.32
N TRP B 421 12.23 23.31 -11.64
CA TRP B 421 12.48 24.57 -12.36
C TRP B 421 11.31 24.89 -13.27
N GLN B 422 11.00 26.19 -13.38
CA GLN B 422 10.01 26.72 -14.34
C GLN B 422 10.66 27.77 -15.25
N ILE B 423 10.37 27.72 -16.54
CA ILE B 423 10.76 28.81 -17.45
C ILE B 423 9.49 29.51 -17.91
N HIS B 424 9.37 30.79 -17.54
CA HIS B 424 8.19 31.58 -17.91
C HIS B 424 8.52 32.40 -19.13
N VAL B 425 7.79 32.12 -20.22
CA VAL B 425 8.08 32.70 -21.52
C VAL B 425 6.84 33.48 -21.96
N GLY B 426 7.02 34.79 -22.15
CA GLY B 426 5.88 35.65 -22.46
C GLY B 426 6.26 36.78 -23.41
N PRO B 427 5.24 37.49 -23.96
CA PRO B 427 5.47 38.69 -24.81
C PRO B 427 6.35 39.75 -24.14
N ARG B 428 6.04 40.11 -22.90
CA ARG B 428 6.72 41.19 -22.18
C ARG B 428 8.20 40.88 -21.90
N GLY B 429 8.48 39.64 -21.51
CA GLY B 429 9.85 39.19 -21.38
C GLY B 429 10.58 39.16 -22.72
N LEU B 430 9.97 38.53 -23.72
CA LEU B 430 10.59 38.36 -25.05
C LEU B 430 10.92 39.69 -25.77
N ALA B 431 10.12 40.73 -25.52
CA ALA B 431 10.41 42.08 -26.03
C ALA B 431 11.83 42.52 -25.63
N GLU B 432 12.26 42.13 -24.43
CA GLU B 432 13.63 42.34 -23.93
C GLU B 432 14.60 41.19 -24.23
N GLY B 433 14.15 40.20 -25.00
CA GLY B 433 14.95 38.99 -25.29
C GLY B 433 15.16 38.12 -24.05
N LYS B 434 14.28 38.28 -23.06
CA LYS B 434 14.43 37.68 -21.75
C LYS B 434 13.38 36.60 -21.43
N VAL B 435 13.73 35.69 -20.53
CA VAL B 435 12.79 34.73 -19.95
C VAL B 435 13.01 34.75 -18.44
N GLU B 436 12.06 34.20 -17.69
CA GLU B 436 12.22 34.11 -16.24
C GLU B 436 12.39 32.66 -15.82
N LEU B 437 13.43 32.40 -15.04
CA LEU B 437 13.70 31.08 -14.48
C LEU B 437 13.36 31.15 -12.98
N LYS B 438 12.41 30.32 -12.55
CA LYS B 438 11.96 30.24 -11.14
C LYS B 438 12.34 28.86 -10.57
N ARG B 439 12.92 28.86 -9.36
CA ARG B 439 13.26 27.63 -8.62
C ARG B 439 12.11 27.32 -7.68
N ARG B 440 11.56 26.12 -7.78
CA ARG B 440 10.34 25.73 -7.06
C ARG B 440 10.56 25.72 -5.55
N SER B 441 11.73 25.24 -5.14
CA SER B 441 12.04 25.00 -3.74
C SER B 441 11.90 26.25 -2.85
N ASP B 442 12.43 27.40 -3.30
CA ASP B 442 12.36 28.65 -2.54
C ASP B 442 11.69 29.81 -3.29
N GLY B 443 11.26 29.60 -4.52
CA GLY B 443 10.63 30.65 -5.32
C GLY B 443 11.56 31.73 -5.86
N ALA B 444 12.87 31.50 -5.75
CA ALA B 444 13.88 32.36 -6.34
C ALA B 444 13.68 32.49 -7.84
N ARG B 445 13.64 33.72 -8.32
CA ARG B 445 13.37 34.06 -9.73
C ARG B 445 14.57 34.74 -10.40
N GLU B 446 14.66 34.63 -11.72
CA GLU B 446 15.76 35.21 -12.46
C GLU B 446 15.39 35.51 -13.92
N ASN B 447 15.47 36.79 -14.30
CA ASN B 447 15.36 37.18 -15.70
C ASN B 447 16.72 37.07 -16.35
N LEU B 448 16.79 36.28 -17.42
CA LEU B 448 18.04 36.08 -18.13
C LEU B 448 17.82 35.82 -19.63
N ALA B 449 18.84 36.13 -20.43
CA ALA B 449 18.80 35.95 -21.90
C ALA B 449 18.29 34.59 -22.34
N LEU B 450 17.54 34.59 -23.44
CA LEU B 450 16.96 33.38 -24.01
C LEU B 450 18.01 32.34 -24.40
N ALA B 451 19.17 32.79 -24.88
CA ALA B 451 20.28 31.88 -25.20
C ALA B 451 20.93 31.28 -23.95
N ASP B 452 21.20 32.12 -22.95
CA ASP B 452 21.88 31.70 -21.73
C ASP B 452 21.12 30.72 -20.82
N VAL B 453 19.85 30.46 -21.12
CA VAL B 453 19.00 29.71 -20.19
C VAL B 453 19.25 28.19 -20.17
N VAL B 454 19.43 27.59 -21.33
CA VAL B 454 19.81 26.18 -21.44
C VAL B 454 21.15 25.95 -20.73
N ALA B 455 22.14 26.80 -21.03
CA ALA B 455 23.47 26.71 -20.45
C ALA B 455 23.48 26.74 -18.92
N ARG B 456 22.52 27.45 -18.31
CA ARG B 456 22.43 27.48 -16.85
C ARG B 456 21.88 26.17 -16.25
N LEU B 457 21.01 25.49 -17.00
CA LEU B 457 20.36 24.24 -16.56
C LEU B 457 21.10 22.97 -16.98
N THR B 458 22.03 23.12 -17.93
CA THR B 458 22.79 21.98 -18.46
C THR B 458 24.29 22.13 -18.17
N GLY C 18 -25.61 13.88 48.67
CA GLY C 18 -24.89 14.63 47.57
C GLY C 18 -23.38 14.65 47.78
N SER C 19 -22.61 14.04 46.86
CA SER C 19 -21.15 13.91 47.02
C SER C 19 -20.45 15.26 47.20
N HIS C 20 -19.47 15.35 48.08
CA HIS C 20 -18.91 16.65 48.40
C HIS C 20 -17.45 16.53 48.65
N MET C 21 -16.68 17.50 48.16
CA MET C 21 -15.26 17.53 48.42
C MET C 21 -14.74 18.95 48.53
N ARG C 22 -13.78 19.15 49.43
CA ARG C 22 -13.00 20.37 49.45
C ARG C 22 -11.72 20.04 48.74
N LEU C 23 -11.30 20.92 47.85
CA LEU C 23 -10.07 20.68 47.07
C LEU C 23 -8.79 20.50 47.92
N SER C 24 -8.71 21.24 49.03
CA SER C 24 -7.64 21.11 49.99
C SER C 24 -7.54 19.69 50.59
N ARG C 25 -8.63 18.95 50.56
CA ARG C 25 -8.64 17.59 51.07
C ARG C 25 -8.67 16.52 49.93
N PHE C 26 -8.37 16.93 48.69
CA PHE C 26 -8.48 16.09 47.50
C PHE C 26 -7.08 15.87 46.92
N PHE C 27 -6.99 15.18 45.79
CA PHE C 27 -5.71 15.01 45.13
C PHE C 27 -5.97 15.24 43.65
N LEU C 28 -5.61 16.42 43.16
CA LEU C 28 -5.93 16.84 41.79
C LEU C 28 -4.72 17.56 41.19
N PRO C 29 -3.78 16.77 40.58
CA PRO C 29 -2.52 17.35 40.12
C PRO C 29 -2.64 17.97 38.74
N ILE C 30 -2.88 19.28 38.68
CA ILE C 30 -3.10 19.96 37.41
C ILE C 30 -1.76 20.21 36.74
N LEU C 31 -1.68 20.01 35.42
CA LEU C 31 -0.47 20.29 34.67
C LEU C 31 -0.63 21.62 33.90
N LYS C 32 0.32 22.52 34.14
CA LYS C 32 0.42 23.86 33.51
C LYS C 32 0.55 23.82 31.98
N GLU C 33 1.51 23.06 31.49
CA GLU C 33 1.74 22.98 30.04
C GLU C 33 1.02 21.80 29.43
N ASN C 34 0.77 21.87 28.13
CA ASN C 34 0.31 20.71 27.34
C ASN C 34 1.38 19.61 27.28
N PRO C 35 1.01 18.36 27.69
CA PRO C 35 1.98 17.27 27.63
C PRO C 35 2.34 16.92 26.17
N LYS C 36 3.64 16.88 25.88
CA LYS C 36 4.09 16.63 24.48
C LYS C 36 3.74 15.26 23.92
N GLU C 37 3.56 14.27 24.81
CA GLU C 37 3.20 12.90 24.37
C GLU C 37 1.73 12.77 23.91
N ALA C 38 0.89 13.73 24.28
CA ALA C 38 -0.52 13.73 23.87
C ALA C 38 -0.68 14.30 22.47
N GLU C 39 -1.33 13.54 21.61
CA GLU C 39 -1.47 13.91 20.20
C GLU C 39 -2.86 14.48 19.89
N ILE C 40 -3.84 14.15 20.73
CA ILE C 40 -5.24 14.54 20.52
C ILE C 40 -5.74 15.23 21.77
N VAL C 41 -6.82 15.99 21.63
CA VAL C 41 -7.36 16.80 22.72
C VAL C 41 -7.77 16.00 23.97
N SER C 42 -8.54 14.93 23.80
CA SER C 42 -8.98 14.13 24.98
C SER C 42 -7.81 13.63 25.84
N HIS C 43 -6.74 13.19 25.20
CA HIS C 43 -5.59 12.62 25.92
C HIS C 43 -4.88 13.76 26.64
N ARG C 44 -4.64 14.85 25.90
CA ARG C 44 -4.04 16.06 26.48
C ARG C 44 -4.74 16.57 27.73
N LEU C 45 -6.06 16.72 27.62
CA LEU C 45 -6.90 17.28 28.67
C LEU C 45 -7.06 16.33 29.85
N MET C 46 -7.20 15.02 29.59
CA MET C 46 -7.23 14.06 30.72
C MET C 46 -5.95 14.11 31.53
N LEU C 47 -4.81 14.29 30.86
CA LEU C 47 -3.51 14.47 31.59
C LEU C 47 -3.43 15.82 32.29
N ARG C 48 -3.79 16.89 31.60
CA ARG C 48 -3.71 18.23 32.19
C ARG C 48 -4.68 18.43 33.35
N ALA C 49 -5.90 17.89 33.21
CA ALA C 49 -6.93 17.97 34.25
C ALA C 49 -6.76 17.03 35.45
N GLY C 50 -5.61 16.40 35.59
CA GLY C 50 -5.36 15.54 36.79
C GLY C 50 -6.24 14.30 36.86
N MET C 51 -6.56 13.74 35.69
CA MET C 51 -7.47 12.60 35.59
C MET C 51 -6.80 11.25 35.32
N LEU C 52 -5.60 11.29 34.76
CA LEU C 52 -4.96 10.14 34.16
C LEU C 52 -3.45 10.23 34.33
N ARG C 53 -2.82 9.09 34.60
CA ARG C 53 -1.33 8.94 34.59
C ARG C 53 -0.97 7.64 33.85
N GLN C 54 -0.10 7.76 32.85
CA GLN C 54 0.41 6.56 32.19
C GLN C 54 1.36 5.74 33.08
N GLU C 55 1.09 4.44 33.19
CA GLU C 55 1.99 3.52 33.92
C GLU C 55 2.85 2.59 33.05
N ALA C 56 2.34 2.25 31.88
CA ALA C 56 3.15 1.58 30.83
C ALA C 56 2.44 1.96 29.57
N ALA C 57 2.97 1.56 28.39
CA ALA C 57 2.27 1.83 27.14
C ALA C 57 0.83 1.26 27.14
N GLY C 58 -0.17 2.09 26.83
CA GLY C 58 -1.56 1.68 26.87
C GLY C 58 -2.14 1.24 28.22
N ILE C 59 -1.44 1.55 29.33
CA ILE C 59 -1.83 1.11 30.68
C ILE C 59 -1.78 2.31 31.65
N TYR C 60 -2.89 2.56 32.32
CA TYR C 60 -3.10 3.85 33.03
C TYR C 60 -3.59 3.67 34.45
N ALA C 61 -3.19 4.60 35.30
CA ALA C 61 -3.84 4.82 36.57
C ALA C 61 -4.87 5.93 36.37
N TRP C 62 -5.96 5.83 37.12
CA TRP C 62 -7.10 6.74 37.05
C TRP C 62 -7.01 7.56 38.30
N LEU C 63 -6.67 8.83 38.12
CA LEU C 63 -6.48 9.69 39.26
C LEU C 63 -7.88 10.02 39.78
N PRO C 64 -8.00 10.53 41.02
CA PRO C 64 -9.32 10.69 41.69
C PRO C 64 -10.47 11.33 40.85
N LEU C 65 -10.21 12.43 40.16
CA LEU C 65 -11.24 13.04 39.34
C LEU C 65 -11.60 12.18 38.12
N GLY C 66 -10.61 11.54 37.51
CA GLY C 66 -10.91 10.62 36.40
C GLY C 66 -11.65 9.36 36.84
N HIS C 67 -11.26 8.84 38.00
CA HIS C 67 -12.00 7.72 38.57
C HIS C 67 -13.47 8.02 38.84
N ARG C 68 -13.77 9.20 39.40
CA ARG C 68 -15.16 9.63 39.59
C ARG C 68 -15.98 9.61 38.34
N VAL C 69 -15.42 10.15 37.26
CA VAL C 69 -16.06 10.06 35.95
C VAL C 69 -16.28 8.63 35.44
N LEU C 70 -15.22 7.81 35.49
CA LEU C 70 -15.36 6.38 35.10
C LEU C 70 -16.57 5.73 35.84
N LYS C 71 -16.65 5.89 37.16
CA LYS C 71 -17.75 5.32 37.94
C LYS C 71 -19.17 5.83 37.55
N LYS C 72 -19.29 7.13 37.27
CA LYS C 72 -20.58 7.69 36.72
C LYS C 72 -21.02 6.97 35.48
N ILE C 73 -20.07 6.77 34.56
CA ILE C 73 -20.34 6.14 33.27
C ILE C 73 -20.72 4.70 33.49
N GLU C 74 -19.94 4.01 34.31
CA GLU C 74 -20.25 2.61 34.59
C GLU C 74 -21.71 2.44 35.12
N GLN C 75 -22.11 3.32 36.03
CA GLN C 75 -23.45 3.25 36.64
C GLN C 75 -24.61 3.53 35.65
N ILE C 76 -24.44 4.49 34.74
CA ILE C 76 -25.40 4.68 33.64
C ILE C 76 -25.54 3.40 32.81
N VAL C 77 -24.40 2.79 32.48
CA VAL C 77 -24.39 1.59 31.63
C VAL C 77 -25.10 0.46 32.39
N ARG C 78 -24.77 0.31 33.66
CA ARG C 78 -25.40 -0.74 34.50
C ARG C 78 -26.91 -0.49 34.55
N GLU C 79 -27.31 0.74 34.83
CA GLU C 79 -28.77 1.03 34.92
C GLU C 79 -29.54 0.65 33.67
N GLU C 80 -28.99 0.99 32.50
CA GLU C 80 -29.66 0.63 31.24
C GLU C 80 -29.68 -0.86 30.86
N GLN C 81 -28.60 -1.56 31.19
CA GLN C 81 -28.56 -3.01 31.07
C GLN C 81 -29.61 -3.66 31.97
N ASN C 82 -29.68 -3.21 33.22
CA ASN C 82 -30.73 -3.70 34.15
C ASN C 82 -32.16 -3.42 33.65
N ARG C 83 -32.38 -2.22 33.14
CA ARG C 83 -33.70 -1.86 32.57
C ARG C 83 -34.11 -2.81 31.44
N ALA C 84 -33.13 -3.21 30.64
CA ALA C 84 -33.36 -4.07 29.49
C ALA C 84 -33.46 -5.58 29.83
N GLY C 85 -33.29 -5.92 31.10
CA GLY C 85 -33.50 -7.30 31.56
C GLY C 85 -32.23 -8.13 31.72
N ALA C 86 -31.05 -7.55 31.49
CA ALA C 86 -29.77 -8.26 31.65
C ALA C 86 -29.39 -8.34 33.15
N ILE C 87 -28.60 -9.36 33.50
CA ILE C 87 -28.31 -9.72 34.89
C ILE C 87 -26.79 -9.67 35.09
N GLU C 88 -26.37 -8.84 36.06
CA GLU C 88 -24.97 -8.60 36.32
C GLU C 88 -24.30 -9.74 37.12
N LEU C 89 -23.10 -10.13 36.67
CA LEU C 89 -22.22 -10.99 37.47
C LEU C 89 -20.78 -10.49 37.27
N LEU C 90 -19.78 -11.29 37.64
CA LEU C 90 -18.40 -10.86 37.38
C LEU C 90 -17.52 -12.05 37.06
N MET C 91 -16.92 -12.04 35.88
CA MET C 91 -15.94 -13.06 35.50
C MET C 91 -14.54 -12.58 35.87
N PRO C 92 -13.65 -13.50 36.21
CA PRO C 92 -12.28 -13.15 36.53
C PRO C 92 -11.52 -12.64 35.32
N THR C 93 -10.47 -11.86 35.59
CA THR C 93 -9.60 -11.36 34.52
C THR C 93 -8.78 -12.44 33.83
N LEU C 94 -8.38 -13.49 34.57
CA LEU C 94 -7.51 -14.52 34.02
C LEU C 94 -8.32 -15.76 33.65
N GLN C 95 -8.02 -16.32 32.47
CA GLN C 95 -8.74 -17.46 31.94
C GLN C 95 -7.77 -18.55 31.56
N LEU C 96 -8.24 -19.79 31.52
CA LEU C 96 -7.40 -20.92 31.06
C LEU C 96 -7.31 -21.01 29.56
N ALA C 97 -6.10 -21.24 29.05
CA ALA C 97 -5.88 -21.49 27.62
C ALA C 97 -6.78 -22.63 27.12
N ASP C 98 -6.98 -23.64 27.95
CA ASP C 98 -7.74 -24.83 27.56
C ASP C 98 -9.18 -24.52 27.24
N LEU C 99 -9.77 -23.57 27.96
CA LEU C 99 -11.09 -23.03 27.60
C LEU C 99 -11.16 -22.52 26.15
N TRP C 100 -10.14 -21.76 25.76
CA TRP C 100 -10.03 -21.16 24.46
C TRP C 100 -9.67 -22.17 23.36
N ARG C 101 -9.00 -23.27 23.74
CA ARG C 101 -8.80 -24.42 22.80
C ARG C 101 -10.13 -25.13 22.44
N GLU C 102 -11.11 -25.12 23.35
CA GLU C 102 -12.46 -25.66 23.09
C GLU C 102 -13.21 -24.99 21.97
N SER C 103 -13.10 -23.66 21.91
CA SER C 103 -13.75 -22.89 20.86
C SER C 103 -12.89 -22.83 19.62
N GLY C 104 -11.60 -23.16 19.74
CA GLY C 104 -10.67 -22.94 18.66
C GLY C 104 -10.06 -21.54 18.59
N ARG C 105 -10.38 -20.65 19.53
CA ARG C 105 -9.84 -19.29 19.40
C ARG C 105 -8.45 -19.09 20.00
N TYR C 106 -7.96 -20.05 20.78
CA TYR C 106 -6.66 -19.87 21.44
C TYR C 106 -5.59 -19.56 20.40
N ASP C 107 -5.56 -20.36 19.35
CA ASP C 107 -4.56 -20.20 18.30
C ASP C 107 -4.98 -19.29 17.17
N ALA C 108 -6.25 -18.99 17.04
CA ALA C 108 -6.73 -18.09 15.99
C ALA C 108 -6.72 -16.62 16.43
N TYR C 109 -6.83 -16.35 17.74
CA TYR C 109 -7.02 -14.98 18.20
C TYR C 109 -5.95 -13.99 17.72
N GLY C 110 -4.70 -14.38 17.84
CA GLY C 110 -3.59 -13.55 17.41
C GLY C 110 -2.80 -12.91 18.55
N PRO C 111 -1.77 -12.11 18.18
CA PRO C 111 -0.78 -11.61 19.15
C PRO C 111 -1.33 -10.53 20.11
N GLU C 112 -2.57 -10.08 19.92
CA GLU C 112 -3.22 -9.23 20.89
C GLU C 112 -3.60 -9.97 22.21
N MET C 113 -3.57 -11.29 22.18
CA MET C 113 -3.87 -12.07 23.39
C MET C 113 -2.62 -12.12 24.25
N LEU C 114 -2.78 -11.76 25.52
CA LEU C 114 -1.67 -11.73 26.45
C LEU C 114 -1.65 -13.06 27.16
N ARG C 115 -0.74 -13.94 26.77
CA ARG C 115 -0.58 -15.27 27.32
C ARG C 115 0.31 -15.25 28.54
N ILE C 116 -0.04 -16.10 29.51
CA ILE C 116 0.66 -16.13 30.78
C ILE C 116 0.89 -17.57 31.28
N ALA C 117 2.06 -17.88 31.85
CA ALA C 117 2.27 -19.20 32.50
C ALA C 117 2.38 -18.99 33.99
N ASP C 118 1.65 -19.77 34.78
CA ASP C 118 1.75 -19.60 36.22
C ASP C 118 2.90 -20.47 36.73
N ARG C 119 3.08 -20.49 38.04
CA ARG C 119 4.24 -21.20 38.65
C ARG C 119 4.18 -22.74 38.45
N HIS C 120 3.02 -23.25 38.04
CA HIS C 120 2.87 -24.69 37.76
C HIS C 120 2.95 -24.94 36.27
N LYS C 121 3.32 -23.90 35.52
CA LYS C 121 3.42 -23.96 34.05
C LYS C 121 2.05 -24.11 33.40
N ARG C 122 0.98 -23.91 34.18
CA ARG C 122 -0.35 -23.93 33.55
C ARG C 122 -0.56 -22.67 32.66
N GLU C 123 -1.20 -22.87 31.52
CA GLU C 123 -1.40 -21.81 30.54
C GLU C 123 -2.66 -20.96 30.80
N LEU C 124 -2.43 -19.68 31.06
CA LEU C 124 -3.49 -18.72 31.33
C LEU C 124 -3.42 -17.62 30.29
N LEU C 125 -4.42 -16.75 30.27
CA LEU C 125 -4.36 -15.54 29.43
C LEU C 125 -5.12 -14.47 30.19
N TYR C 126 -4.77 -13.21 29.97
CA TYR C 126 -5.58 -12.13 30.48
C TYR C 126 -6.74 -11.97 29.48
N GLY C 127 -7.98 -12.13 29.92
CA GLY C 127 -9.10 -12.17 28.97
C GLY C 127 -9.25 -10.86 28.16
N PRO C 128 -9.27 -10.94 26.80
CA PRO C 128 -9.64 -9.78 25.95
C PRO C 128 -11.19 -9.67 25.78
N THR C 129 -11.91 -10.72 26.14
CA THR C 129 -13.34 -10.87 25.92
C THR C 129 -13.72 -12.20 26.58
N ASN C 130 -15.04 -12.47 26.65
CA ASN C 130 -15.53 -13.57 27.51
C ASN C 130 -16.55 -14.56 26.92
N GLU C 131 -16.60 -14.70 25.59
CA GLU C 131 -17.62 -15.58 24.96
C GLU C 131 -17.51 -17.02 25.44
N GLU C 132 -16.30 -17.58 25.46
CA GLU C 132 -16.11 -18.98 25.92
C GLU C 132 -16.49 -19.14 27.39
N MET C 133 -16.00 -18.25 28.24
CA MET C 133 -16.21 -18.35 29.67
C MET C 133 -17.68 -18.22 30.06
N ILE C 134 -18.40 -17.28 29.46
CA ILE C 134 -19.83 -17.13 29.76
C ILE C 134 -20.60 -18.35 29.25
N THR C 135 -20.14 -18.93 28.16
CA THR C 135 -20.75 -20.13 27.59
C THR C 135 -20.51 -21.36 28.51
N GLU C 136 -19.31 -21.46 29.09
CA GLU C 136 -18.93 -22.49 30.07
C GLU C 136 -19.77 -22.40 31.36
N ILE C 137 -19.99 -21.16 31.82
CA ILE C 137 -20.85 -20.87 32.97
C ILE C 137 -22.30 -21.31 32.65
N PHE C 138 -22.83 -20.84 31.53
CA PHE C 138 -24.17 -21.19 31.08
C PHE C 138 -24.40 -22.71 31.01
N ARG C 139 -23.52 -23.41 30.32
CA ARG C 139 -23.71 -24.84 30.07
C ARG C 139 -23.65 -25.69 31.35
N ALA C 140 -23.09 -25.13 32.42
CA ALA C 140 -23.03 -25.84 33.70
C ALA C 140 -24.41 -25.91 34.39
N TYR C 141 -25.28 -24.94 34.09
CA TYR C 141 -26.46 -24.72 34.94
C TYR C 141 -27.76 -24.75 34.14
N ILE C 142 -27.72 -24.41 32.85
CA ILE C 142 -28.94 -24.24 32.07
C ILE C 142 -29.13 -25.35 31.04
N LYS C 143 -30.28 -26.02 31.17
CA LYS C 143 -30.57 -27.18 30.32
C LYS C 143 -31.91 -27.09 29.63
N SER C 144 -32.70 -26.09 29.96
CA SER C 144 -34.05 -25.95 29.39
C SER C 144 -34.35 -24.61 28.71
N TYR C 145 -35.16 -24.66 27.66
CA TYR C 145 -35.65 -23.46 26.94
C TYR C 145 -36.41 -22.53 27.86
N LYS C 146 -36.95 -23.07 28.96
CA LYS C 146 -37.79 -22.31 29.89
C LYS C 146 -37.02 -21.23 30.65
N SER C 147 -35.69 -21.38 30.67
CA SER C 147 -34.79 -20.41 31.30
C SER C 147 -34.42 -19.26 30.37
N LEU C 148 -34.76 -19.36 29.10
CA LEU C 148 -34.40 -18.39 28.07
C LEU C 148 -35.59 -17.51 27.61
N PRO C 149 -35.35 -16.25 27.15
CA PRO C 149 -34.04 -15.55 26.97
C PRO C 149 -33.31 -15.29 28.29
N LEU C 150 -31.99 -15.30 28.21
CA LEU C 150 -31.16 -14.95 29.35
C LEU C 150 -30.02 -14.10 28.81
N ASN C 151 -29.80 -12.95 29.46
CA ASN C 151 -28.66 -12.10 29.14
C ASN C 151 -27.85 -11.89 30.39
N LEU C 152 -26.62 -12.35 30.38
CA LEU C 152 -25.68 -12.15 31.52
C LEU C 152 -24.58 -11.21 31.13
N TYR C 153 -24.24 -10.28 32.02
CA TYR C 153 -23.21 -9.31 31.75
C TYR C 153 -22.26 -9.06 32.92
N HIS C 154 -21.11 -8.48 32.58
CA HIS C 154 -20.22 -7.93 33.60
C HIS C 154 -19.57 -6.67 33.14
N ILE C 155 -18.97 -5.96 34.08
CA ILE C 155 -18.14 -4.78 33.75
C ILE C 155 -16.78 -5.10 34.36
N GLN C 156 -15.84 -5.44 33.47
CA GLN C 156 -14.57 -5.98 33.91
C GLN C 156 -13.41 -5.44 33.07
N TRP C 157 -12.25 -5.33 33.70
CA TRP C 157 -11.02 -4.99 32.97
C TRP C 157 -10.62 -6.09 31.99
N LYS C 158 -10.16 -5.68 30.84
CA LYS C 158 -9.67 -6.57 29.78
C LYS C 158 -8.27 -6.13 29.36
N PHE C 159 -7.60 -6.99 28.60
CA PHE C 159 -6.33 -6.63 28.01
C PHE C 159 -6.31 -7.03 26.56
N ARG C 160 -5.93 -6.09 25.69
CA ARG C 160 -5.61 -6.39 24.31
C ARG C 160 -4.17 -5.85 24.11
N ASP C 161 -3.25 -6.68 23.61
CA ASP C 161 -1.84 -6.29 23.48
C ASP C 161 -1.74 -5.60 22.12
N GLU C 162 -2.37 -4.44 22.08
CA GLU C 162 -2.36 -3.55 20.92
C GLU C 162 -0.89 -3.27 20.54
N GLN C 163 -0.57 -3.55 19.28
CA GLN C 163 0.81 -3.46 18.82
C GLN C 163 1.46 -2.12 19.14
N ARG C 164 0.75 -1.05 18.81
CA ARG C 164 1.24 0.33 19.07
C ARG C 164 0.17 1.11 19.84
N PRO C 165 0.15 1.03 21.20
CA PRO C 165 -0.79 1.81 22.02
C PRO C 165 -0.65 3.29 21.68
N ARG C 166 -1.78 3.97 21.58
CA ARG C 166 -1.82 5.35 21.07
C ARG C 166 -3.10 6.05 21.57
N PHE C 167 -3.10 7.40 21.56
CA PHE C 167 -4.31 8.16 21.82
C PHE C 167 -4.90 7.94 23.23
N GLY C 168 -4.04 7.70 24.20
CA GLY C 168 -4.49 7.49 25.59
C GLY C 168 -5.55 6.41 25.70
N VAL C 169 -6.66 6.73 26.36
CA VAL C 169 -7.71 5.71 26.65
C VAL C 169 -8.47 5.22 25.40
N MET C 170 -8.23 5.85 24.25
CA MET C 170 -8.92 5.47 23.00
C MET C 170 -8.23 4.33 22.22
N ARG C 171 -6.94 4.10 22.44
CA ARG C 171 -6.32 2.90 21.82
C ARG C 171 -5.22 2.32 22.72
N GLY C 172 -5.58 2.05 23.97
CA GLY C 172 -4.68 1.40 24.90
C GLY C 172 -4.72 -0.13 24.97
N ARG C 173 -4.24 -0.69 26.07
CA ARG C 173 -4.14 -2.13 26.23
C ARG C 173 -5.00 -2.61 27.39
N GLU C 174 -4.88 -1.96 28.55
CA GLU C 174 -5.72 -2.35 29.67
C GLU C 174 -6.98 -1.44 29.69
N PHE C 175 -8.13 -2.05 29.46
CA PHE C 175 -9.36 -1.26 29.24
C PHE C 175 -10.59 -1.87 29.95
N LEU C 176 -11.57 -1.01 30.25
CA LEU C 176 -12.76 -1.41 30.97
C LEU C 176 -13.92 -1.51 30.02
N MET C 177 -14.59 -2.64 30.04
CA MET C 177 -15.74 -2.88 29.16
C MET C 177 -16.90 -3.45 29.96
N LYS C 178 -18.11 -2.99 29.66
CA LYS C 178 -19.30 -3.80 29.93
C LYS C 178 -19.50 -4.74 28.73
N ASP C 179 -19.45 -6.04 28.98
CA ASP C 179 -19.76 -7.03 27.96
C ASP C 179 -20.84 -7.97 28.43
N ALA C 180 -21.90 -8.04 27.63
CA ALA C 180 -23.12 -8.77 27.93
C ALA C 180 -23.24 -9.82 26.87
N TYR C 181 -23.87 -10.95 27.23
CA TYR C 181 -24.01 -12.07 26.33
C TYR C 181 -25.39 -12.65 26.46
N SER C 182 -26.07 -12.84 25.35
CA SER C 182 -27.45 -13.35 25.36
C SER C 182 -27.50 -14.79 24.91
N PHE C 183 -28.50 -15.55 25.42
CA PHE C 183 -28.71 -16.98 25.12
C PHE C 183 -30.18 -17.18 24.78
N ASP C 184 -30.44 -17.78 23.61
CA ASP C 184 -31.80 -17.99 23.12
C ASP C 184 -31.91 -19.37 22.52
N VAL C 185 -33.15 -19.85 22.35
CA VAL C 185 -33.35 -21.18 21.81
C VAL C 185 -32.99 -21.19 20.34
N ASP C 186 -33.30 -20.09 19.64
CA ASP C 186 -33.18 -20.06 18.18
C ASP C 186 -32.80 -18.67 17.67
N GLU C 187 -32.66 -18.50 16.35
CA GLU C 187 -32.36 -17.19 15.78
C GLU C 187 -33.42 -16.14 16.06
N ALA C 188 -34.71 -16.51 15.96
CA ALA C 188 -35.80 -15.54 16.18
C ALA C 188 -35.71 -14.91 17.58
N GLY C 189 -35.46 -15.74 18.58
CA GLY C 189 -35.31 -15.27 19.96
C GLY C 189 -34.05 -14.40 20.12
N ALA C 190 -32.96 -14.82 19.49
CA ALA C 190 -31.70 -14.04 19.47
C ALA C 190 -31.88 -12.65 18.88
N ARG C 191 -32.68 -12.53 17.81
CA ARG C 191 -33.03 -11.19 17.30
C ARG C 191 -33.80 -10.31 18.30
N LYS C 192 -34.72 -10.90 19.06
CA LYS C 192 -35.39 -10.12 20.14
C LYS C 192 -34.41 -9.63 21.20
N SER C 193 -33.49 -10.52 21.62
CA SER C 193 -32.48 -10.16 22.61
C SER C 193 -31.56 -9.06 22.07
N TYR C 194 -31.17 -9.19 20.82
CA TYR C 194 -30.40 -8.18 20.12
C TYR C 194 -31.08 -6.81 20.11
N ASN C 195 -32.38 -6.77 19.79
CA ASN C 195 -33.14 -5.53 19.73
C ASN C 195 -33.22 -4.80 21.09
N LYS C 196 -33.31 -5.56 22.19
CA LYS C 196 -33.30 -4.94 23.52
C LYS C 196 -32.01 -4.19 23.77
N MET C 197 -30.90 -4.80 23.35
CA MET C 197 -29.59 -4.19 23.55
C MET C 197 -29.39 -3.00 22.66
N PHE C 198 -29.88 -3.09 21.43
CA PHE C 198 -29.86 -1.95 20.48
C PHE C 198 -30.54 -0.75 21.13
N VAL C 199 -31.76 -0.96 21.61
CA VAL C 199 -32.50 0.08 22.34
C VAL C 199 -31.77 0.52 23.61
N ALA C 200 -31.29 -0.42 24.45
CA ALA C 200 -30.51 -0.05 25.64
C ALA C 200 -29.34 0.87 25.30
N TYR C 201 -28.69 0.60 24.18
CA TYR C 201 -27.49 1.34 23.81
C TYR C 201 -27.83 2.73 23.37
N LEU C 202 -28.96 2.87 22.64
CA LEU C 202 -29.41 4.25 22.29
C LEU C 202 -29.61 5.10 23.55
N ARG C 203 -30.27 4.52 24.57
CA ARG C 203 -30.56 5.20 25.84
C ARG C 203 -29.27 5.47 26.62
N THR C 204 -28.38 4.48 26.60
CA THR C 204 -27.07 4.60 27.29
C THR C 204 -26.25 5.79 26.83
N PHE C 205 -26.00 5.87 25.52
CA PHE C 205 -25.20 6.96 24.93
C PHE C 205 -25.88 8.32 25.00
N ALA C 206 -27.20 8.35 24.86
CA ALA C 206 -27.98 9.60 25.03
C ALA C 206 -27.90 10.16 26.45
N ARG C 207 -27.93 9.27 27.45
CA ARG C 207 -27.78 9.67 28.85
C ARG C 207 -26.43 10.33 29.13
N MET C 208 -25.43 10.05 28.26
CA MET C 208 -24.10 10.64 28.44
C MET C 208 -23.91 11.92 27.65
N GLY C 209 -24.99 12.43 27.02
CA GLY C 209 -24.89 13.64 26.20
C GLY C 209 -24.18 13.38 24.89
N LEU C 210 -24.25 12.14 24.39
CA LEU C 210 -23.64 11.78 23.10
C LEU C 210 -24.66 11.43 22.04
N LYS C 211 -24.28 11.59 20.79
CA LYS C 211 -24.97 10.94 19.68
C LYS C 211 -24.07 9.84 19.14
N ALA C 212 -24.20 8.64 19.71
CA ALA C 212 -23.41 7.50 19.25
C ALA C 212 -24.34 6.80 18.28
N ILE C 213 -24.03 6.91 17.00
CA ILE C 213 -24.96 6.54 15.94
C ILE C 213 -24.79 5.07 15.66
N PRO C 214 -25.90 4.28 15.59
CA PRO C 214 -25.80 2.86 15.27
C PRO C 214 -25.55 2.71 13.78
N MET C 215 -24.58 1.88 13.40
CA MET C 215 -24.21 1.78 11.97
C MET C 215 -24.00 0.34 11.62
N ARG C 216 -24.40 -0.06 10.41
CA ARG C 216 -24.12 -1.45 9.97
C ARG C 216 -22.60 -1.72 10.05
N ALA C 217 -22.22 -2.91 10.53
CA ALA C 217 -20.79 -3.20 10.73
C ALA C 217 -20.45 -4.56 10.16
N GLU C 218 -19.16 -4.91 10.17
CA GLU C 218 -18.66 -6.20 9.69
C GLU C 218 -19.50 -7.36 10.23
N THR C 219 -19.93 -8.30 9.36
CA THR C 219 -20.49 -9.59 9.85
C THR C 219 -19.50 -10.72 9.68
N GLY C 220 -19.90 -11.93 10.08
CA GLY C 220 -19.17 -13.17 9.75
C GLY C 220 -19.54 -13.70 8.37
N PRO C 221 -19.06 -14.92 8.03
CA PRO C 221 -19.33 -15.60 6.73
C PRO C 221 -20.81 -15.65 6.31
N ILE C 222 -21.69 -16.05 7.23
CA ILE C 222 -23.13 -16.19 6.94
C ILE C 222 -23.81 -14.83 6.63
N GLY C 223 -23.17 -13.75 7.08
CA GLY C 223 -23.64 -12.41 6.83
C GLY C 223 -24.85 -12.13 7.69
N GLY C 224 -25.86 -11.48 7.11
CA GLY C 224 -27.08 -11.14 7.83
C GLY C 224 -27.07 -9.71 8.30
N ASP C 225 -28.04 -9.38 9.13
CA ASP C 225 -28.29 -7.99 9.45
C ASP C 225 -28.09 -7.66 10.94
N LEU C 226 -27.38 -8.53 11.66
CA LEU C 226 -27.27 -8.37 13.09
C LEU C 226 -25.79 -8.06 13.51
N SER C 227 -25.27 -6.96 12.99
CA SER C 227 -24.01 -6.42 13.44
C SER C 227 -24.08 -4.92 13.31
N HIS C 228 -24.00 -4.24 14.45
CA HIS C 228 -23.96 -2.79 14.46
C HIS C 228 -22.90 -2.29 15.39
N GLU C 229 -22.30 -1.16 15.05
CA GLU C 229 -21.46 -0.42 15.98
C GLU C 229 -22.09 0.93 16.22
N PHE C 230 -21.93 1.39 17.46
CA PHE C 230 -22.39 2.68 17.91
C PHE C 230 -21.21 3.59 17.93
N ILE C 231 -21.27 4.62 17.08
CA ILE C 231 -20.09 5.43 16.80
C ILE C 231 -20.32 6.93 17.08
N VAL C 232 -19.45 7.54 17.87
CA VAL C 232 -19.54 8.97 18.17
C VAL C 232 -18.73 9.70 17.09
N LEU C 233 -19.36 10.59 16.32
CA LEU C 233 -18.57 11.34 15.32
C LEU C 233 -17.53 12.23 15.98
N ALA C 234 -16.31 12.20 15.46
CA ALA C 234 -15.23 13.01 16.01
C ALA C 234 -14.08 13.04 15.01
N GLU C 235 -13.48 14.22 14.82
CA GLU C 235 -12.41 14.40 13.82
C GLU C 235 -11.25 13.40 14.01
N THR C 236 -10.92 13.11 15.27
CA THR C 236 -9.78 12.25 15.67
C THR C 236 -10.10 10.74 15.80
N GLY C 237 -11.29 10.32 15.38
CA GLY C 237 -11.69 8.92 15.53
C GLY C 237 -11.06 7.95 14.52
N GLU C 238 -10.83 6.70 14.94
CA GLU C 238 -10.18 5.74 14.06
C GLU C 238 -11.12 4.97 13.14
N SER C 239 -12.42 5.14 13.33
CA SER C 239 -13.40 4.47 12.47
C SER C 239 -13.82 5.43 11.37
N GLY C 240 -13.64 5.01 10.13
CA GLY C 240 -14.24 5.72 8.98
C GLY C 240 -15.69 5.30 8.78
N VAL C 241 -16.57 6.28 8.58
CA VAL C 241 -18.01 6.06 8.51
C VAL C 241 -18.65 6.87 7.37
N TYR C 242 -19.82 6.39 6.93
CA TYR C 242 -20.57 7.01 5.84
C TYR C 242 -22.03 7.02 6.25
N ILE C 243 -22.60 8.22 6.43
CA ILE C 243 -23.97 8.33 6.91
C ILE C 243 -24.86 9.32 6.11
N ASP C 244 -26.17 9.14 6.22
CA ASP C 244 -27.15 10.16 5.89
C ASP C 244 -27.27 10.98 7.17
N ARG C 245 -27.02 12.28 7.06
CA ARG C 245 -27.12 13.22 8.18
C ARG C 245 -28.44 13.16 8.95
N ASP C 246 -29.50 12.68 8.33
CA ASP C 246 -30.78 12.53 9.03
C ASP C 246 -30.72 11.64 10.28
N VAL C 247 -29.76 10.71 10.32
CA VAL C 247 -29.61 9.80 11.45
C VAL C 247 -29.34 10.58 12.75
N LEU C 248 -28.78 11.79 12.60
CA LEU C 248 -28.37 12.63 13.75
C LEU C 248 -29.53 13.27 14.48
N ASN C 249 -30.73 13.16 13.92
CA ASN C 249 -31.93 13.81 14.48
C ASN C 249 -33.05 12.84 14.87
N LEU C 250 -32.73 11.54 14.99
CA LEU C 250 -33.74 10.55 15.30
C LEU C 250 -34.03 10.49 16.81
N PRO C 251 -35.26 10.09 17.19
CA PRO C 251 -35.67 10.11 18.60
C PRO C 251 -35.18 8.88 19.41
N VAL C 252 -34.59 9.15 20.56
CA VAL C 252 -34.21 8.11 21.50
C VAL C 252 -35.39 7.72 22.41
N PRO C 253 -35.72 6.41 22.52
CA PRO C 253 -36.81 5.99 23.43
C PRO C 253 -36.61 6.41 24.89
N ASP C 254 -37.70 6.74 25.58
CA ASP C 254 -37.59 7.19 26.98
C ASP C 254 -37.49 5.99 27.92
N GLU C 255 -37.39 6.27 29.22
CA GLU C 255 -37.18 5.25 30.24
C GLU C 255 -38.36 4.25 30.37
N ASN C 256 -39.51 4.58 29.77
CA ASN C 256 -40.69 3.71 29.90
C ASN C 256 -40.90 2.80 28.69
N VAL C 257 -39.88 2.75 27.83
CA VAL C 257 -39.92 1.84 26.68
C VAL C 257 -40.19 0.42 27.18
N ASP C 258 -41.09 -0.30 26.51
CA ASP C 258 -41.45 -1.61 26.98
C ASP C 258 -40.56 -2.70 26.34
N TYR C 259 -39.65 -3.24 27.14
CA TYR C 259 -38.70 -4.19 26.63
C TYR C 259 -39.26 -5.57 26.31
N ASP C 260 -40.45 -5.84 26.80
CA ASP C 260 -41.15 -7.10 26.49
C ASP C 260 -42.05 -7.00 25.27
N GLY C 261 -42.22 -5.78 24.76
CA GLY C 261 -42.98 -5.53 23.53
C GLY C 261 -42.16 -5.74 22.25
N ASP C 262 -42.82 -5.58 21.10
CA ASP C 262 -42.14 -5.62 19.82
C ASP C 262 -41.33 -4.31 19.70
N LEU C 263 -40.02 -4.44 19.55
CA LEU C 263 -39.17 -3.27 19.46
C LEU C 263 -38.84 -2.96 18.01
N THR C 264 -39.31 -3.80 17.11
CA THR C 264 -39.07 -3.66 15.68
C THR C 264 -39.27 -2.23 15.14
N PRO C 265 -40.38 -1.54 15.52
CA PRO C 265 -40.57 -0.14 15.08
C PRO C 265 -39.40 0.83 15.41
N ILE C 266 -38.76 0.65 16.57
CA ILE C 266 -37.60 1.48 16.95
C ILE C 266 -36.35 1.13 16.12
N ILE C 267 -36.12 -0.16 15.91
CA ILE C 267 -35.00 -0.62 15.12
C ILE C 267 -35.13 -0.13 13.67
N LYS C 268 -36.33 -0.30 13.13
CA LYS C 268 -36.69 0.14 11.78
C LYS C 268 -36.39 1.61 11.61
N GLN C 269 -36.87 2.43 12.53
CA GLN C 269 -36.64 3.87 12.45
C GLN C 269 -35.16 4.24 12.48
N TRP C 270 -34.40 3.57 13.34
CA TRP C 270 -32.96 3.85 13.46
C TRP C 270 -32.12 3.21 12.38
N THR C 271 -32.73 2.35 11.54
CA THR C 271 -32.02 1.77 10.41
C THR C 271 -32.67 2.13 9.05
N SER C 272 -33.52 3.15 9.06
CA SER C 272 -34.30 3.56 7.90
C SER C 272 -33.49 4.50 7.02
N VAL C 273 -32.36 4.99 7.54
CA VAL C 273 -31.43 5.81 6.72
C VAL C 273 -30.04 5.17 6.69
N TYR C 274 -29.31 5.36 5.60
CA TYR C 274 -27.96 4.81 5.41
C TYR C 274 -26.99 5.19 6.53
N ALA C 275 -26.34 4.19 7.10
CA ALA C 275 -25.25 4.39 8.06
C ALA C 275 -24.44 3.09 8.06
N ALA C 276 -23.17 3.21 7.70
CA ALA C 276 -22.30 2.05 7.57
C ALA C 276 -20.88 2.46 7.93
N THR C 277 -20.18 1.55 8.62
CA THR C 277 -18.75 1.72 8.79
C THR C 277 -18.05 1.39 7.46
N GLU C 278 -16.78 1.78 7.33
CA GLU C 278 -15.95 1.50 6.15
C GLU C 278 -15.83 0.01 5.85
N ASP C 279 -16.02 -0.86 6.86
CA ASP C 279 -15.85 -2.30 6.68
C ASP C 279 -16.96 -2.85 5.80
N VAL C 280 -18.12 -2.20 5.77
CA VAL C 280 -19.26 -2.69 4.99
C VAL C 280 -19.88 -1.65 4.04
N HIS C 281 -19.29 -0.48 3.98
CA HIS C 281 -19.75 0.57 3.11
C HIS C 281 -19.66 0.15 1.63
N GLU C 282 -20.75 0.46 0.90
CA GLU C 282 -20.86 0.27 -0.54
C GLU C 282 -21.25 1.61 -1.23
N PRO C 283 -20.28 2.25 -1.91
CA PRO C 283 -20.50 3.54 -2.57
C PRO C 283 -21.78 3.65 -3.42
N ALA C 284 -22.09 2.63 -4.20
CA ALA C 284 -23.30 2.65 -5.06
C ALA C 284 -24.57 2.81 -4.25
N ARG C 285 -24.73 1.96 -3.22
CA ARG C 285 -25.89 2.00 -2.33
C ARG C 285 -26.04 3.36 -1.64
N TYR C 286 -24.91 3.88 -1.17
CA TYR C 286 -24.82 5.17 -0.48
C TYR C 286 -25.34 6.32 -1.34
N GLU C 287 -24.84 6.41 -2.57
CA GLU C 287 -25.28 7.43 -3.53
C GLU C 287 -26.75 7.25 -3.89
N SER C 288 -27.18 6.01 -4.11
CA SER C 288 -28.57 5.69 -4.35
C SER C 288 -29.52 6.14 -3.21
N GLU C 289 -29.14 5.82 -1.98
CA GLU C 289 -30.01 6.03 -0.82
C GLU C 289 -29.94 7.43 -0.23
N VAL C 290 -28.77 8.06 -0.32
CA VAL C 290 -28.55 9.31 0.38
C VAL C 290 -28.48 10.51 -0.58
N PRO C 291 -29.39 11.48 -0.42
CA PRO C 291 -29.32 12.69 -1.23
C PRO C 291 -27.97 13.36 -1.02
N GLU C 292 -27.42 13.94 -2.08
CA GLU C 292 -26.10 14.52 -2.02
C GLU C 292 -25.89 15.46 -0.83
N ALA C 293 -26.88 16.27 -0.49
CA ALA C 293 -26.74 17.23 0.62
C ALA C 293 -26.71 16.63 2.03
N ASN C 294 -27.20 15.39 2.13
CA ASN C 294 -27.29 14.64 3.41
C ASN C 294 -26.06 13.77 3.68
N ARG C 295 -25.21 13.62 2.66
CA ARG C 295 -24.06 12.71 2.70
C ARG C 295 -22.96 13.22 3.61
N LEU C 296 -22.46 12.31 4.46
CA LEU C 296 -21.35 12.67 5.30
C LEU C 296 -20.38 11.49 5.44
N ASN C 297 -19.16 11.71 4.98
CA ASN C 297 -18.05 10.79 5.18
C ASN C 297 -17.18 11.46 6.21
N THR C 298 -17.03 10.82 7.35
CA THR C 298 -16.34 11.42 8.45
C THR C 298 -15.69 10.34 9.34
N ARG C 299 -15.08 10.75 10.45
CA ARG C 299 -14.39 9.85 11.37
C ARG C 299 -15.24 9.70 12.65
N GLY C 300 -15.01 8.59 13.38
CA GLY C 300 -15.68 8.44 14.66
C GLY C 300 -15.05 7.42 15.59
N ILE C 301 -15.57 7.36 16.81
CA ILE C 301 -15.05 6.47 17.86
C ILE C 301 -16.12 5.43 18.17
N GLU C 302 -15.76 4.15 18.03
CA GLU C 302 -16.66 3.06 18.36
C GLU C 302 -16.77 2.91 19.87
N VAL C 303 -17.96 3.14 20.41
CA VAL C 303 -18.19 3.03 21.86
C VAL C 303 -19.11 1.89 22.25
N GLY C 304 -19.80 1.32 21.26
CA GLY C 304 -20.74 0.22 21.50
C GLY C 304 -20.66 -0.71 20.30
N GLN C 305 -20.76 -2.00 20.54
CA GLN C 305 -20.69 -2.96 19.45
C GLN C 305 -21.68 -4.07 19.79
N ILE C 306 -22.61 -4.37 18.88
CA ILE C 306 -23.57 -5.46 19.12
C ILE C 306 -23.48 -6.47 17.99
N PHE C 307 -23.53 -7.75 18.32
CA PHE C 307 -23.13 -8.78 17.34
C PHE C 307 -23.79 -10.11 17.62
N TYR C 308 -24.54 -10.63 16.66
CA TYR C 308 -25.14 -11.95 16.75
C TYR C 308 -24.14 -12.98 16.25
N PHE C 309 -23.80 -13.97 17.07
CA PHE C 309 -22.88 -15.01 16.60
C PHE C 309 -23.47 -16.40 16.55
N GLY C 310 -24.78 -16.51 16.83
CA GLY C 310 -25.49 -17.82 16.80
C GLY C 310 -24.90 -18.92 17.62
N THR C 311 -24.56 -20.03 16.95
CA THR C 311 -24.11 -21.26 17.59
C THR C 311 -22.58 -21.36 17.55
N LYS C 312 -21.90 -20.23 17.33
CA LYS C 312 -20.44 -20.26 17.22
C LYS C 312 -19.78 -20.98 18.40
N TYR C 313 -20.16 -20.65 19.63
CA TYR C 313 -19.58 -21.27 20.83
C TYR C 313 -20.43 -22.46 21.30
N SER C 314 -21.73 -22.36 21.19
CA SER C 314 -22.58 -23.49 21.61
C SER C 314 -22.38 -24.80 20.86
N ASP C 315 -21.97 -24.72 19.59
CA ASP C 315 -21.62 -25.89 18.79
C ASP C 315 -20.34 -26.57 19.32
N SER C 316 -19.25 -25.82 19.39
CA SER C 316 -17.96 -26.38 19.82
C SER C 316 -17.89 -26.71 21.33
N MET C 317 -18.60 -25.92 22.12
CA MET C 317 -18.61 -26.11 23.58
C MET C 317 -19.81 -26.88 24.11
N LYS C 318 -20.67 -27.36 23.20
CA LYS C 318 -21.77 -28.25 23.55
C LYS C 318 -22.66 -27.64 24.65
N ALA C 319 -23.18 -26.45 24.34
CA ALA C 319 -24.09 -25.74 25.20
C ALA C 319 -25.47 -25.81 24.59
N ASN C 320 -26.18 -26.90 24.88
CA ASN C 320 -27.51 -27.18 24.33
C ASN C 320 -28.58 -27.02 25.40
N VAL C 321 -29.80 -26.71 24.98
CA VAL C 321 -30.99 -26.81 25.85
C VAL C 321 -32.09 -27.68 25.20
N THR C 322 -32.93 -28.26 26.06
CA THR C 322 -34.16 -28.91 25.57
C THR C 322 -35.16 -27.85 25.12
N GLY C 323 -35.54 -27.97 23.84
CA GLY C 323 -36.51 -27.06 23.24
C GLY C 323 -37.94 -27.51 23.48
N PRO C 324 -38.93 -26.67 23.09
CA PRO C 324 -40.36 -27.01 23.17
C PRO C 324 -40.77 -28.36 22.56
N ASP C 325 -40.20 -28.75 21.42
CA ASP C 325 -40.48 -30.08 20.81
C ASP C 325 -39.81 -31.24 21.56
N GLY C 326 -38.94 -30.91 22.52
CA GLY C 326 -38.33 -31.94 23.36
C GLY C 326 -37.00 -32.42 22.82
N THR C 327 -36.60 -31.85 21.69
CA THR C 327 -35.28 -32.07 21.10
C THR C 327 -34.26 -31.12 21.74
N ASP C 328 -33.01 -31.56 21.79
CA ASP C 328 -31.88 -30.72 22.20
C ASP C 328 -31.24 -30.04 21.02
N ALA C 329 -30.91 -28.77 21.21
CA ALA C 329 -30.30 -28.00 20.15
C ALA C 329 -29.34 -26.96 20.79
N PRO C 330 -28.25 -26.66 20.09
CA PRO C 330 -27.33 -25.60 20.60
C PRO C 330 -28.04 -24.25 20.69
N ILE C 331 -27.74 -23.49 21.75
CA ILE C 331 -28.29 -22.17 21.95
C ILE C 331 -27.76 -21.18 20.89
N HIS C 332 -28.45 -20.04 20.77
CA HIS C 332 -28.05 -18.97 19.86
C HIS C 332 -27.66 -17.76 20.70
N GLY C 333 -26.43 -17.27 20.54
CA GLY C 333 -25.92 -16.14 21.34
C GLY C 333 -25.64 -14.85 20.57
N GLY C 334 -25.51 -13.76 21.33
CA GLY C 334 -25.02 -12.47 20.81
C GLY C 334 -24.12 -11.85 21.87
N SER C 335 -23.27 -10.90 21.46
CA SER C 335 -22.41 -10.20 22.43
C SER C 335 -22.66 -8.73 22.26
N TYR C 336 -22.57 -7.97 23.36
CA TYR C 336 -22.82 -6.57 23.37
C TYR C 336 -21.75 -5.91 24.25
N GLY C 337 -20.89 -5.08 23.66
CA GLY C 337 -19.81 -4.44 24.42
C GLY C 337 -19.97 -2.95 24.46
N VAL C 338 -19.80 -2.34 25.64
CA VAL C 338 -19.64 -0.88 25.74
C VAL C 338 -18.22 -0.57 26.24
N GLY C 339 -17.48 0.29 25.54
CA GLY C 339 -16.16 0.71 26.03
C GLY C 339 -16.23 1.80 27.08
N VAL C 340 -16.43 1.40 28.34
CA VAL C 340 -16.51 2.30 29.49
C VAL C 340 -15.32 3.24 29.68
N SER C 341 -14.10 2.72 29.67
CA SER C 341 -12.90 3.56 29.80
C SER C 341 -12.69 4.44 28.53
N ARG C 342 -12.91 3.85 27.35
CA ARG C 342 -12.78 4.59 26.08
C ARG C 342 -13.75 5.79 26.03
N LEU C 343 -14.93 5.62 26.63
CA LEU C 343 -15.96 6.68 26.69
C LEU C 343 -15.48 8.01 27.29
N LEU C 344 -14.55 7.99 28.25
CA LEU C 344 -14.04 9.26 28.75
C LEU C 344 -13.36 10.06 27.65
N GLY C 345 -12.51 9.39 26.85
CA GLY C 345 -11.89 9.94 25.62
C GLY C 345 -12.93 10.45 24.63
N ALA C 346 -13.86 9.58 24.25
CA ALA C 346 -14.88 9.92 23.30
C ALA C 346 -15.74 11.13 23.73
N ILE C 347 -16.12 11.16 25.01
CA ILE C 347 -16.91 12.27 25.53
C ILE C 347 -16.12 13.59 25.48
N ILE C 348 -14.87 13.58 25.90
CA ILE C 348 -14.06 14.81 25.85
C ILE C 348 -13.86 15.27 24.40
N GLU C 349 -13.65 14.32 23.49
CA GLU C 349 -13.46 14.67 22.08
C GLU C 349 -14.70 15.38 21.57
N ALA C 350 -15.89 14.86 21.93
CA ALA C 350 -17.15 15.52 21.59
C ALA C 350 -17.51 16.80 22.39
N CYS C 351 -16.90 17.00 23.57
CA CYS C 351 -17.36 18.00 24.56
C CYS C 351 -16.19 18.72 25.21
N HIS C 352 -15.64 19.72 24.51
CA HIS C 352 -14.52 20.49 25.01
C HIS C 352 -14.52 21.82 24.22
N ASP C 353 -13.70 22.76 24.67
CA ASP C 353 -13.41 23.98 23.90
C ASP C 353 -12.01 24.35 24.21
N ASP C 354 -11.59 25.56 23.83
CA ASP C 354 -10.18 25.98 24.04
C ASP C 354 -9.76 26.08 25.50
N ASN C 355 -10.74 26.18 26.41
CA ASN C 355 -10.48 26.30 27.84
C ASN C 355 -10.56 24.99 28.63
N GLY C 356 -10.96 23.91 27.98
CA GLY C 356 -10.84 22.58 28.58
C GLY C 356 -12.06 21.74 28.30
N ILE C 357 -12.35 20.85 29.25
CA ILE C 357 -13.43 19.89 29.12
C ILE C 357 -14.79 20.58 29.38
N ILE C 358 -15.87 20.08 28.78
CA ILE C 358 -17.24 20.53 29.13
C ILE C 358 -18.03 19.26 29.39
N TRP C 359 -18.06 18.79 30.64
CA TRP C 359 -18.71 17.50 30.90
C TRP C 359 -20.23 17.66 30.79
N PRO C 360 -20.89 16.74 30.05
CA PRO C 360 -22.33 16.55 30.19
C PRO C 360 -22.64 16.31 31.68
N GLU C 361 -23.78 16.82 32.16
CA GLU C 361 -24.05 16.76 33.62
C GLU C 361 -24.12 15.33 34.16
N ALA C 362 -24.64 14.40 33.37
CA ALA C 362 -24.76 13.02 33.84
C ALA C 362 -23.41 12.33 34.14
N VAL C 363 -22.31 12.76 33.50
CA VAL C 363 -21.00 12.09 33.73
C VAL C 363 -19.98 12.94 34.48
N ALA C 364 -20.32 14.21 34.68
CA ALA C 364 -19.42 15.15 35.38
C ALA C 364 -18.98 14.60 36.75
N PRO C 365 -17.71 14.84 37.18
CA PRO C 365 -17.31 14.28 38.48
C PRO C 365 -18.03 15.04 39.64
N PHE C 366 -18.34 16.31 39.45
CA PHE C 366 -19.19 17.12 40.36
C PHE C 366 -20.10 17.98 39.46
N ARG C 367 -21.27 18.39 39.96
CA ARG C 367 -22.23 19.20 39.21
C ARG C 367 -21.86 20.66 39.29
N VAL C 368 -21.32 21.08 40.44
CA VAL C 368 -21.01 22.48 40.71
C VAL C 368 -19.67 22.61 41.45
N THR C 369 -18.90 23.61 41.07
CA THR C 369 -17.72 24.00 41.85
C THR C 369 -17.87 25.43 42.41
N ILE C 370 -17.56 25.60 43.71
CA ILE C 370 -17.58 26.89 44.38
C ILE C 370 -16.17 27.43 44.44
N LEU C 371 -15.97 28.58 43.82
CA LEU C 371 -14.66 29.22 43.81
C LEU C 371 -14.60 30.40 44.79
N ASN C 372 -13.80 30.24 45.84
CA ASN C 372 -13.58 31.33 46.79
C ASN C 372 -12.45 32.20 46.27
N LEU C 373 -12.82 33.41 45.82
CA LEU C 373 -11.89 34.31 45.19
C LEU C 373 -11.08 35.15 46.16
N LYS C 374 -11.20 34.88 47.46
CA LYS C 374 -10.30 35.48 48.44
C LYS C 374 -10.15 34.56 49.61
N GLN C 375 -9.42 33.47 49.39
CA GLN C 375 -9.34 32.45 50.42
C GLN C 375 -8.73 33.08 51.67
N GLY C 376 -9.34 32.83 52.81
CA GLY C 376 -8.82 33.37 54.07
C GLY C 376 -9.60 34.60 54.53
N ASP C 377 -10.33 35.23 53.62
CA ASP C 377 -11.28 36.31 53.94
C ASP C 377 -12.46 35.74 54.77
N ALA C 378 -12.70 36.29 55.97
CA ALA C 378 -13.70 35.68 56.85
C ALA C 378 -15.11 35.71 56.23
N ALA C 379 -15.38 36.70 55.40
CA ALA C 379 -16.66 36.80 54.70
C ALA C 379 -16.85 35.76 53.58
N THR C 380 -15.90 35.69 52.63
CA THR C 380 -15.99 34.73 51.51
C THR C 380 -15.94 33.31 52.04
N ASP C 381 -15.04 33.06 53.00
CA ASP C 381 -14.96 31.75 53.62
C ASP C 381 -16.29 31.33 54.23
N ALA C 382 -16.97 32.24 54.93
CA ALA C 382 -18.23 31.91 55.57
C ALA C 382 -19.33 31.64 54.54
N ALA C 383 -19.45 32.51 53.53
CA ALA C 383 -20.44 32.31 52.47
C ALA C 383 -20.21 31.01 51.68
N CYS C 384 -18.94 30.70 51.43
CA CYS C 384 -18.57 29.46 50.69
C CYS C 384 -18.89 28.22 51.48
N ASP C 385 -18.54 28.20 52.76
CA ASP C 385 -18.91 27.10 53.67
C ASP C 385 -20.42 26.87 53.74
N GLN C 386 -21.20 27.96 53.79
CA GLN C 386 -22.67 27.92 53.77
C GLN C 386 -23.18 27.27 52.51
N LEU C 387 -22.78 27.79 51.33
CA LEU C 387 -23.17 27.22 50.03
C LEU C 387 -22.81 25.75 49.93
N TYR C 388 -21.63 25.43 50.42
CA TYR C 388 -21.08 24.08 50.37
C TYR C 388 -21.95 23.08 51.19
N ARG C 389 -22.27 23.45 52.42
CA ARG C 389 -23.12 22.65 53.30
C ARG C 389 -24.55 22.56 52.74
N GLU C 390 -25.12 23.67 52.27
CA GLU C 390 -26.50 23.65 51.73
C GLU C 390 -26.67 22.86 50.44
N LEU C 391 -25.70 22.95 49.52
CA LEU C 391 -25.75 22.16 48.30
C LEU C 391 -25.65 20.65 48.55
N SER C 392 -24.66 20.26 49.31
CA SER C 392 -24.49 18.85 49.66
C SER C 392 -25.77 18.24 50.29
N ALA C 393 -26.33 18.94 51.29
CA ALA C 393 -27.60 18.56 51.95
C ALA C 393 -28.77 18.38 50.97
N LYS C 394 -28.79 19.20 49.91
CA LYS C 394 -29.83 19.10 48.89
C LYS C 394 -29.55 18.05 47.82
N GLY C 395 -28.56 17.19 48.05
CA GLY C 395 -28.24 16.12 47.11
C GLY C 395 -27.32 16.46 45.94
N VAL C 396 -26.69 17.63 46.00
CA VAL C 396 -25.87 18.12 44.87
C VAL C 396 -24.41 17.68 45.05
N ASP C 397 -23.82 17.07 44.01
CA ASP C 397 -22.36 16.78 43.98
C ASP C 397 -21.59 18.10 43.87
N VAL C 398 -20.94 18.52 44.95
CA VAL C 398 -20.34 19.84 45.01
C VAL C 398 -18.84 19.76 45.32
N LEU C 399 -18.05 20.51 44.55
CA LEU C 399 -16.64 20.68 44.86
C LEU C 399 -16.42 22.11 45.35
N TYR C 400 -15.73 22.25 46.46
CA TYR C 400 -15.34 23.57 46.94
C TYR C 400 -13.83 23.73 46.77
N ASP C 401 -13.44 24.60 45.82
CA ASP C 401 -12.07 25.05 45.71
C ASP C 401 -11.74 26.07 46.80
N ASP C 402 -11.29 25.52 47.92
CA ASP C 402 -10.93 26.27 49.10
C ASP C 402 -9.41 26.38 49.21
N THR C 403 -8.69 26.26 48.10
CA THR C 403 -7.23 26.33 48.11
C THR C 403 -6.72 27.76 48.16
N ASP C 404 -5.49 27.88 48.63
CA ASP C 404 -4.82 29.15 48.72
C ASP C 404 -4.16 29.46 47.36
N GLN C 405 -4.98 29.46 46.32
CA GLN C 405 -4.60 29.87 44.98
C GLN C 405 -5.35 31.15 44.68
N ARG C 406 -4.77 31.96 43.79
CA ARG C 406 -5.37 33.22 43.34
C ARG C 406 -6.57 32.96 42.42
N ALA C 407 -7.47 33.94 42.32
CA ALA C 407 -8.69 33.85 41.52
C ALA C 407 -8.40 33.32 40.13
N GLY C 408 -7.36 33.82 39.48
CA GLY C 408 -7.11 33.45 38.08
C GLY C 408 -6.78 31.99 37.89
N ALA C 409 -5.99 31.43 38.82
CA ALA C 409 -5.68 30.01 38.87
C ALA C 409 -6.94 29.19 39.11
N LYS C 410 -7.79 29.63 40.04
CA LYS C 410 -9.08 28.98 40.31
C LYS C 410 -9.99 28.95 39.10
N PHE C 411 -10.06 30.05 38.34
CA PHE C 411 -10.91 30.08 37.17
C PHE C 411 -10.39 29.11 36.07
N ALA C 412 -9.08 29.07 35.88
CA ALA C 412 -8.52 28.29 34.76
C ALA C 412 -8.73 26.80 35.09
N THR C 413 -8.46 26.41 36.33
CA THR C 413 -8.68 25.03 36.74
C THR C 413 -10.15 24.61 36.64
N ALA C 414 -11.06 25.46 37.13
CA ALA C 414 -12.50 25.14 37.03
C ALA C 414 -12.89 24.86 35.59
N ASP C 415 -12.49 25.74 34.68
CA ASP C 415 -12.80 25.58 33.26
C ASP C 415 -12.18 24.31 32.69
N LEU C 416 -10.89 24.11 32.98
CA LEU C 416 -10.13 22.93 32.54
C LEU C 416 -10.85 21.60 32.89
N ILE C 417 -11.18 21.43 34.17
CA ILE C 417 -11.77 20.16 34.65
C ILE C 417 -13.25 19.95 34.23
N GLY C 418 -13.88 20.94 33.61
CA GLY C 418 -15.20 20.69 32.98
C GLY C 418 -16.47 20.64 33.81
N ILE C 419 -16.39 21.10 35.08
CA ILE C 419 -17.58 21.09 35.98
C ILE C 419 -18.69 21.91 35.30
N PRO C 420 -19.90 21.35 35.18
CA PRO C 420 -20.98 22.05 34.46
C PRO C 420 -21.36 23.46 34.99
N TRP C 421 -21.31 23.65 36.30
CA TRP C 421 -21.58 24.96 36.93
C TRP C 421 -20.45 25.41 37.81
N GLN C 422 -20.22 26.72 37.82
CA GLN C 422 -19.31 27.36 38.77
C GLN C 422 -20.06 28.45 39.55
N ILE C 423 -19.77 28.55 40.84
CA ILE C 423 -20.24 29.68 41.65
C ILE C 423 -19.03 30.47 42.05
N HIS C 424 -19.00 31.74 41.63
CA HIS C 424 -17.90 32.64 42.01
C HIS C 424 -18.26 33.51 43.21
N VAL C 425 -17.50 33.36 44.27
CA VAL C 425 -17.74 34.09 45.51
C VAL C 425 -16.54 35.00 45.76
N GLY C 426 -16.72 36.30 45.42
CA GLY C 426 -15.74 37.36 45.66
C GLY C 426 -16.24 38.45 46.62
N PRO C 427 -15.31 39.23 47.23
CA PRO C 427 -15.68 40.26 48.22
C PRO C 427 -16.70 41.30 47.72
N ARG C 428 -16.64 41.70 46.47
CA ARG C 428 -17.50 42.76 45.93
C ARG C 428 -18.97 42.34 45.77
N GLY C 429 -19.17 41.22 45.06
CA GLY C 429 -20.51 40.69 44.84
C GLY C 429 -21.16 40.36 46.18
N LEU C 430 -20.36 39.85 47.09
CA LEU C 430 -20.86 39.34 48.35
C LEU C 430 -21.30 40.48 49.32
N ALA C 431 -20.63 41.64 49.25
CA ALA C 431 -21.03 42.82 49.99
C ALA C 431 -22.45 43.28 49.62
N GLU C 432 -22.88 42.88 48.42
CA GLU C 432 -24.17 43.18 47.84
C GLU C 432 -25.14 42.02 47.91
N GLY C 433 -24.76 40.92 48.58
CA GLY C 433 -25.58 39.70 48.68
C GLY C 433 -25.70 38.87 47.41
N LYS C 434 -24.65 38.92 46.57
CA LYS C 434 -24.66 38.35 45.20
C LYS C 434 -23.45 37.44 44.95
N VAL C 435 -23.70 36.41 44.16
CA VAL C 435 -22.66 35.57 43.58
C VAL C 435 -22.84 35.49 42.08
N GLU C 436 -21.77 35.12 41.40
CA GLU C 436 -21.83 34.87 39.98
C GLU C 436 -21.96 33.38 39.72
N LEU C 437 -22.98 33.01 38.96
CA LEU C 437 -23.21 31.66 38.52
C LEU C 437 -22.83 31.58 37.03
N LYS C 438 -21.82 30.77 36.73
CA LYS C 438 -21.37 30.52 35.35
C LYS C 438 -21.74 29.10 34.85
N ARG C 439 -22.43 29.05 33.71
CA ARG C 439 -22.69 27.80 33.00
C ARG C 439 -21.51 27.45 32.08
N ARG C 440 -20.85 26.32 32.35
CA ARG C 440 -19.65 25.95 31.58
C ARG C 440 -19.92 25.77 30.10
N SER C 441 -21.04 25.13 29.74
CA SER C 441 -21.34 24.74 28.35
C SER C 441 -21.41 25.87 27.33
N ASP C 442 -21.83 27.07 27.78
CA ASP C 442 -21.87 28.24 26.88
C ASP C 442 -21.17 29.46 27.47
N GLY C 443 -20.72 29.34 28.70
CA GLY C 443 -20.08 30.47 29.37
C GLY C 443 -21.02 31.56 29.87
N ALA C 444 -22.32 31.29 29.82
CA ALA C 444 -23.33 32.25 30.28
C ALA C 444 -23.13 32.51 31.77
N ARG C 445 -23.14 33.80 32.13
CA ARG C 445 -22.91 34.28 33.49
C ARG C 445 -24.11 35.07 33.98
N GLU C 446 -24.45 34.90 35.26
CA GLU C 446 -25.43 35.76 35.92
C GLU C 446 -25.12 36.02 37.38
N ASN C 447 -25.32 37.27 37.77
CA ASN C 447 -25.29 37.67 39.17
C ASN C 447 -26.60 37.29 39.82
N LEU C 448 -26.55 36.55 40.90
CA LEU C 448 -27.77 36.29 41.61
C LEU C 448 -27.56 36.18 43.11
N ALA C 449 -28.65 36.36 43.87
CA ALA C 449 -28.58 36.33 45.31
C ALA C 449 -28.07 35.01 45.81
N LEU C 450 -27.32 35.08 46.90
CA LEU C 450 -26.90 33.92 47.66
C LEU C 450 -28.07 32.96 47.88
N ALA C 451 -29.21 33.52 48.31
CA ALA C 451 -30.43 32.74 48.60
C ALA C 451 -30.99 31.98 47.40
N ASP C 452 -30.91 32.60 46.24
CA ASP C 452 -31.53 32.08 45.04
C ASP C 452 -30.67 31.07 44.28
N VAL C 453 -29.35 31.08 44.52
CA VAL C 453 -28.43 30.19 43.77
C VAL C 453 -28.64 28.69 44.08
N VAL C 454 -28.83 28.33 45.34
CA VAL C 454 -29.01 26.92 45.69
C VAL C 454 -30.28 26.38 45.04
N ALA C 455 -31.33 27.21 45.05
CA ALA C 455 -32.63 26.83 44.49
C ALA C 455 -32.54 26.61 42.99
N ARG C 456 -31.79 27.46 42.29
CA ARG C 456 -31.51 27.27 40.84
C ARG C 456 -30.84 25.93 40.54
N LEU C 457 -30.06 25.42 41.48
CA LEU C 457 -29.26 24.21 41.24
C LEU C 457 -29.89 22.93 41.79
N THR C 458 -30.95 23.07 42.58
CA THR C 458 -31.59 21.90 43.19
C THR C 458 -32.86 21.44 42.46
#